data_9D7G
#
_entry.id   9D7G
#
_cell.length_a   1.00
_cell.length_b   1.00
_cell.length_c   1.00
_cell.angle_alpha   90.00
_cell.angle_beta   90.00
_cell.angle_gamma   90.00
#
_symmetry.space_group_name_H-M   'P 1'
#
loop_
_entity.id
_entity.type
_entity.pdbx_description
1 polymer 'Surface protein gp120'
2 polymer 'Transmembrane protein gp41'
3 branched 2-acetamido-2-deoxy-beta-D-glucopyranose-(1-4)-2-acetamido-2-deoxy-beta-D-glucopyranose
4 branched beta-D-mannopyranose-(1-4)-2-acetamido-2-deoxy-beta-D-glucopyranose-(1-4)-2-acetamido-2-deoxy-beta-D-glucopyranose
5 non-polymer 2-acetamido-2-deoxy-beta-D-glucopyranose
#
loop_
_entity_poly.entity_id
_entity_poly.type
_entity_poly.pdbx_seq_one_letter_code
_entity_poly.pdbx_strand_id
1 'polypeptide(L)'
;MPMGSLQPLATLYLLGMLVASVLAAENLWVTVYYGVPVWKDAETTLFCASDAKAYETEKHNVWATHACVPTDPNPQEIHL
ENVTEEFNMWKNNMVEQMHTDIISLWDQSLKPCVKLTPLCVTLQCTNVTNNITDDMRGELKNCSFNMTTELRDKKQKVYS
LFYRLDVVQINENQGNRSNNSNKEYRLINCNTSACTQACPKVSFEPIPIHYCAPAGFAILKCKDKKFNGTGPCPSVSTVQ
CTHGIKPVVSTQLLLNGSLAEEEVMIRSENITNNAKNILVQFNTPVQINCTRPNNNTRKSIRIGPGQAFYATGDIIGDIR
QAHCNVSKATWNETLGKVVKQLRKHFGNNTIIRFANSSGGDLEVTTHSFNCGGEFFYCNTSGLFNSTWISNTSVQGSNST
GSNDSITLPCRIKQIINMWQRIGQCMYAPPIQGVIRCVSNITGLILTRDGGSTNSTTETFRPGGGDMRDNWRSELYKYKV
VKIEPLGVAPTRCKRR
;
A,C,E
2 'polypeptide(L)'
;VVGRRRRRRAVGIGAVFLGFLGAAGSTMGAASMTLTVQARNLLSGIVQQQSNLLRAPEAQQHLLKLTVWGIKQLQARVLA
VERYLRDQQLLGIWGCSGKLICCTNVPWNSSWSNRNLSEIWDNMTWLQWDKEISNYTQIIYGLLEESQNQQEKNEQDLLA
LD
;
B,D,F
#
loop_
_chem_comp.id
_chem_comp.type
_chem_comp.name
_chem_comp.formula
BMA D-saccharide, beta linking beta-D-mannopyranose 'C6 H12 O6'
NAG D-saccharide, beta linking 2-acetamido-2-deoxy-beta-D-glucopyranose 'C8 H15 N O6'
#
# COMPACT_ATOMS: atom_id res chain seq x y z
N LEU A 28 1.52 25.78 -47.18
CA LEU A 28 1.36 25.95 -45.74
C LEU A 28 2.24 24.94 -44.99
N TRP A 29 2.50 25.23 -43.72
CA TRP A 29 3.44 24.44 -42.93
C TRP A 29 2.83 24.10 -41.57
N VAL A 30 3.12 22.90 -41.09
CA VAL A 30 2.51 22.37 -39.87
C VAL A 30 3.16 23.02 -38.65
N THR A 31 2.35 23.48 -37.71
CA THR A 31 2.80 24.00 -36.44
C THR A 31 2.26 23.16 -35.31
N VAL A 32 2.98 23.15 -34.18
CA VAL A 32 2.62 22.37 -33.01
C VAL A 32 2.30 23.33 -31.88
N TYR A 33 1.09 23.22 -31.32
CA TYR A 33 0.65 24.02 -30.19
C TYR A 33 0.50 23.14 -28.97
N TYR A 34 1.10 23.56 -27.86
CA TYR A 34 1.05 22.81 -26.61
C TYR A 34 0.33 23.66 -25.57
N GLY A 35 -0.87 23.22 -25.17
CA GLY A 35 -1.65 23.95 -24.18
C GLY A 35 -3.00 24.40 -24.71
N VAL A 36 -3.54 23.69 -25.68
CA VAL A 36 -4.79 24.07 -26.32
C VAL A 36 -5.96 23.68 -25.42
N PRO A 37 -7.09 24.40 -25.46
CA PRO A 37 -8.27 24.03 -24.66
C PRO A 37 -9.23 23.04 -25.32
N VAL A 38 -8.85 21.76 -25.33
CA VAL A 38 -9.70 20.69 -25.81
C VAL A 38 -9.72 19.57 -24.77
N TRP A 39 -10.69 18.67 -24.93
CA TRP A 39 -10.87 17.60 -23.95
C TRP A 39 -11.51 16.39 -24.62
N LYS A 40 -11.43 15.26 -23.92
CA LYS A 40 -12.14 14.05 -24.29
C LYS A 40 -12.69 13.37 -23.04
N ASP A 41 -13.72 12.55 -23.22
CA ASP A 41 -14.35 11.86 -22.11
C ASP A 41 -13.48 10.71 -21.64
N ALA A 42 -13.34 10.57 -20.33
CA ALA A 42 -12.51 9.51 -19.76
C ALA A 42 -12.97 9.19 -18.35
N GLU A 43 -12.41 8.12 -17.80
CA GLU A 43 -12.69 7.66 -16.44
C GLU A 43 -11.41 7.75 -15.62
N THR A 44 -11.49 8.37 -14.46
CA THR A 44 -10.33 8.54 -13.59
C THR A 44 -10.73 8.35 -12.14
N THR A 45 -9.74 8.39 -11.25
CA THR A 45 -9.94 8.24 -9.83
C THR A 45 -9.99 9.63 -9.19
N LEU A 46 -11.09 9.91 -8.49
CA LEU A 46 -11.31 11.22 -7.89
C LEU A 46 -11.10 11.12 -6.38
N PHE A 47 -10.32 12.04 -5.84
CA PHE A 47 -10.01 12.03 -4.42
C PHE A 47 -11.07 12.78 -3.61
N CYS A 48 -11.27 12.34 -2.38
CA CYS A 48 -12.25 12.96 -1.49
C CYS A 48 -11.72 14.28 -0.94
N ALA A 49 -12.64 15.19 -0.64
CA ALA A 49 -12.32 16.45 0.01
C ALA A 49 -13.49 16.86 0.88
N SER A 50 -13.19 17.31 2.10
CA SER A 50 -14.23 17.65 3.06
C SER A 50 -13.89 18.99 3.71
N ASP A 51 -14.91 19.60 4.29
CA ASP A 51 -14.76 20.88 4.98
C ASP A 51 -14.11 20.67 6.34
N ASN A 61 -15.92 9.55 12.95
CA ASN A 61 -17.18 9.53 12.23
C ASN A 61 -17.19 8.28 11.36
N VAL A 62 -18.40 7.87 10.94
CA VAL A 62 -18.52 6.76 10.00
C VAL A 62 -17.93 7.14 8.65
N TRP A 63 -18.18 8.35 8.18
CA TRP A 63 -17.52 8.87 6.98
C TRP A 63 -16.19 9.47 7.41
N ALA A 64 -15.11 8.76 7.11
CA ALA A 64 -13.77 9.12 7.57
C ALA A 64 -13.28 10.34 6.79
N THR A 65 -13.39 11.51 7.42
CA THR A 65 -12.90 12.75 6.83
C THR A 65 -11.43 13.01 7.13
N HIS A 66 -10.77 12.09 7.82
CA HIS A 66 -9.34 12.25 8.11
C HIS A 66 -8.51 12.06 6.84
N ALA A 67 -8.91 11.13 5.98
CA ALA A 67 -8.17 10.90 4.73
C ALA A 67 -8.45 11.98 3.70
N CYS A 68 -9.61 12.60 3.74
CA CYS A 68 -9.96 13.65 2.77
C CYS A 68 -9.18 14.91 3.06
N VAL A 69 -8.64 15.53 2.01
CA VAL A 69 -7.89 16.77 2.12
C VAL A 69 -8.87 17.91 2.44
N PRO A 70 -8.45 18.92 3.20
CA PRO A 70 -9.34 20.06 3.45
C PRO A 70 -9.61 20.88 2.21
N THR A 71 -10.78 21.49 2.17
CA THR A 71 -11.19 22.30 1.03
C THR A 71 -10.73 23.75 1.19
N GLN A 76 -12.70 29.99 -7.94
CA GLN A 76 -12.98 28.57 -7.81
C GLN A 76 -13.81 28.06 -8.98
N GLU A 77 -14.59 28.95 -9.57
CA GLU A 77 -15.46 28.62 -10.69
C GLU A 77 -15.15 29.53 -11.88
N ILE A 78 -15.10 28.94 -13.07
CA ILE A 78 -14.79 29.66 -14.30
C ILE A 78 -15.90 29.36 -15.30
N HIS A 79 -16.50 30.41 -15.85
CA HIS A 79 -17.59 30.27 -16.80
C HIS A 79 -17.06 30.09 -18.22
N LEU A 80 -17.79 29.30 -19.00
CA LEU A 80 -17.48 29.07 -20.41
C LEU A 80 -18.64 29.57 -21.25
N GLU A 81 -18.33 30.29 -22.33
CA GLU A 81 -19.33 31.09 -23.02
C GLU A 81 -20.00 30.36 -24.18
N ASN A 82 -19.22 29.95 -25.17
CA ASN A 82 -19.75 29.48 -26.45
C ASN A 82 -19.57 27.98 -26.66
N VAL A 83 -19.79 27.17 -25.63
CA VAL A 83 -19.64 25.73 -25.74
C VAL A 83 -20.96 25.05 -25.41
N THR A 84 -21.32 24.06 -26.22
CA THR A 84 -22.41 23.14 -25.94
C THR A 84 -21.86 21.73 -26.03
N GLU A 85 -22.26 20.87 -25.10
CA GLU A 85 -21.60 19.58 -24.94
C GLU A 85 -22.60 18.52 -24.50
N GLU A 86 -22.46 17.32 -25.06
CA GLU A 86 -23.33 16.20 -24.75
C GLU A 86 -23.17 15.77 -23.30
N PHE A 87 -24.29 15.58 -22.61
CA PHE A 87 -24.30 15.07 -21.24
C PHE A 87 -25.17 13.82 -21.15
N ASN A 88 -24.81 12.96 -20.20
CA ASN A 88 -25.60 11.76 -19.90
C ASN A 88 -25.35 11.37 -18.46
N MET A 89 -26.42 11.14 -17.71
CA MET A 89 -26.28 10.77 -16.31
C MET A 89 -26.45 9.29 -16.06
N TRP A 90 -26.95 8.53 -17.04
CA TRP A 90 -27.16 7.10 -16.85
C TRP A 90 -25.94 6.27 -17.21
N LYS A 91 -25.11 6.76 -18.13
CA LYS A 91 -23.81 6.15 -18.41
C LYS A 91 -22.68 6.83 -17.65
N ASN A 92 -23.01 7.48 -16.53
CA ASN A 92 -22.02 8.21 -15.76
C ASN A 92 -21.12 7.25 -15.00
N ASN A 93 -19.94 7.74 -14.61
CA ASN A 93 -18.95 6.92 -13.92
C ASN A 93 -18.62 7.42 -12.52
N MET A 94 -18.96 8.67 -12.18
CA MET A 94 -18.77 9.12 -10.80
C MET A 94 -19.72 8.45 -9.82
N VAL A 95 -20.90 8.01 -10.29
CA VAL A 95 -21.88 7.40 -9.39
C VAL A 95 -21.42 6.01 -8.93
N GLU A 96 -20.81 5.23 -9.82
CA GLU A 96 -20.35 3.90 -9.44
C GLU A 96 -19.12 3.97 -8.56
N GLN A 97 -18.21 4.92 -8.85
CA GLN A 97 -17.05 5.13 -8.00
C GLN A 97 -17.48 5.65 -6.62
N MET A 98 -18.49 6.52 -6.59
CA MET A 98 -19.06 6.99 -5.32
C MET A 98 -19.65 5.84 -4.52
N HIS A 99 -20.41 4.97 -5.17
CA HIS A 99 -21.08 3.88 -4.47
C HIS A 99 -20.09 2.85 -3.95
N THR A 100 -19.06 2.52 -4.75
CA THR A 100 -18.02 1.60 -4.31
C THR A 100 -17.17 2.19 -3.19
N ASP A 101 -16.88 3.51 -3.29
CA ASP A 101 -16.13 4.18 -2.23
C ASP A 101 -16.91 4.22 -0.92
N ILE A 102 -18.22 4.47 -1.00
CA ILE A 102 -19.07 4.48 0.20
C ILE A 102 -19.15 3.09 0.83
N ILE A 103 -19.28 2.05 -0.01
CA ILE A 103 -19.34 0.68 0.51
C ILE A 103 -18.02 0.28 1.18
N SER A 104 -16.89 0.58 0.54
CA SER A 104 -15.59 0.19 1.09
C SER A 104 -15.25 1.00 2.34
N LEU A 105 -15.64 2.27 2.38
CA LEU A 105 -15.40 3.08 3.56
C LEU A 105 -16.30 2.69 4.72
N TRP A 106 -17.55 2.29 4.43
CA TRP A 106 -18.44 1.74 5.44
C TRP A 106 -17.89 0.43 6.00
N ASP A 107 -17.31 -0.41 5.13
CA ASP A 107 -16.72 -1.66 5.58
C ASP A 107 -15.47 -1.45 6.42
N GLN A 108 -14.62 -0.49 6.05
CA GLN A 108 -13.43 -0.24 6.86
C GLN A 108 -13.75 0.52 8.13
N SER A 109 -14.92 1.18 8.22
CA SER A 109 -15.32 1.83 9.46
C SER A 109 -15.65 0.84 10.56
N LEU A 110 -16.11 -0.36 10.21
CA LEU A 110 -16.55 -1.35 11.20
C LEU A 110 -15.52 -2.43 11.47
N LYS A 111 -14.27 -2.25 11.04
CA LYS A 111 -13.23 -3.23 11.32
C LYS A 111 -12.88 -3.39 12.80
N PRO A 112 -12.56 -2.35 13.59
CA PRO A 112 -12.08 -2.62 14.95
C PRO A 112 -13.17 -2.77 16.01
N CYS A 113 -14.43 -2.96 15.64
CA CYS A 113 -15.49 -3.10 16.62
C CYS A 113 -15.67 -4.58 16.99
N VAL A 114 -16.56 -4.82 17.96
CA VAL A 114 -16.74 -6.15 18.54
C VAL A 114 -17.48 -7.05 17.55
N LYS A 115 -17.06 -8.32 17.48
CA LYS A 115 -17.58 -9.24 16.48
C LYS A 115 -18.98 -9.77 16.81
N LEU A 116 -19.31 -9.83 18.11
CA LEU A 116 -20.57 -10.43 18.63
C LEU A 116 -20.77 -11.86 18.15
N THR A 117 -19.68 -12.64 18.15
CA THR A 117 -19.81 -14.08 17.92
C THR A 117 -20.57 -14.83 19.02
N PRO A 118 -20.29 -14.71 20.33
CA PRO A 118 -20.98 -15.57 21.29
C PRO A 118 -22.40 -15.16 21.63
N LEU A 119 -23.02 -14.23 20.90
CA LEU A 119 -24.42 -13.92 21.12
C LEU A 119 -25.34 -14.93 20.44
N CYS A 120 -24.81 -15.73 19.51
CA CYS A 120 -25.57 -16.80 18.86
C CYS A 120 -25.78 -17.95 19.83
N VAL A 121 -26.78 -17.78 20.70
CA VAL A 121 -27.07 -18.72 21.78
C VAL A 121 -28.58 -18.93 21.79
N THR A 122 -29.01 -20.04 22.38
CA THR A 122 -30.42 -20.42 22.39
C THR A 122 -31.21 -19.50 23.31
N LEU A 123 -31.95 -18.57 22.71
CA LEU A 123 -32.77 -17.65 23.47
C LEU A 123 -33.99 -18.35 24.04
N GLN A 124 -34.50 -17.82 25.15
CA GLN A 124 -35.70 -18.33 25.80
C GLN A 124 -36.60 -17.13 26.07
N CYS A 125 -37.62 -16.95 25.24
CA CYS A 125 -38.32 -15.67 25.16
C CYS A 125 -39.80 -15.79 25.47
N THR A 126 -40.35 -14.70 26.01
CA THR A 126 -41.78 -14.53 26.27
C THR A 126 -42.18 -13.14 25.78
N ASN A 127 -43.48 -12.84 25.87
CA ASN A 127 -43.93 -11.50 25.52
C ASN A 127 -43.69 -10.53 26.67
N VAL A 128 -43.85 -9.24 26.37
CA VAL A 128 -43.81 -8.19 27.38
C VAL A 128 -45.15 -7.45 27.36
N THR A 129 -45.74 -7.29 28.54
CA THR A 129 -47.07 -6.69 28.70
C THR A 129 -47.11 -5.75 29.90
N ASN A 130 -46.08 -4.88 30.02
CA ASN A 130 -46.25 -3.54 30.65
C ASN A 130 -47.08 -2.62 29.74
N ASN A 131 -48.36 -2.50 30.10
CA ASN A 131 -49.42 -1.59 29.57
C ASN A 131 -49.29 -1.29 28.06
N ILE A 132 -49.27 -2.38 27.29
CA ILE A 132 -48.94 -2.30 25.87
C ILE A 132 -50.13 -1.74 25.08
N THR A 133 -49.80 -0.99 24.03
CA THR A 133 -50.79 -0.49 23.08
C THR A 133 -51.28 -1.65 22.21
N ASP A 134 -52.58 -1.63 21.90
CA ASP A 134 -53.20 -2.73 21.16
C ASP A 134 -52.67 -2.90 19.74
N ASP A 135 -52.08 -1.84 19.16
CA ASP A 135 -51.47 -1.99 17.85
C ASP A 135 -50.01 -2.42 17.94
N MET A 136 -49.33 -2.04 19.01
CA MET A 136 -47.91 -2.31 19.20
C MET A 136 -47.66 -3.67 19.84
N ARG A 137 -48.73 -4.36 20.25
CA ARG A 137 -48.61 -5.61 21.02
C ARG A 137 -47.97 -6.73 20.21
N GLY A 138 -47.21 -7.56 20.90
CA GLY A 138 -46.48 -8.65 20.27
C GLY A 138 -45.11 -8.27 19.74
N GLU A 139 -44.92 -7.01 19.33
CA GLU A 139 -43.74 -6.61 18.58
C GLU A 139 -42.46 -6.68 19.43
N LEU A 140 -42.53 -6.25 20.69
CA LEU A 140 -41.40 -6.34 21.60
C LEU A 140 -41.48 -7.64 22.37
N LYS A 141 -40.36 -8.34 22.48
CA LYS A 141 -40.29 -9.63 23.17
C LYS A 141 -39.24 -9.58 24.27
N ASN A 142 -39.65 -9.95 25.49
CA ASN A 142 -38.69 -10.22 26.55
C ASN A 142 -37.93 -11.50 26.24
N CYS A 143 -36.62 -11.49 26.48
CA CYS A 143 -35.80 -12.65 26.19
C CYS A 143 -34.76 -12.80 27.29
N SER A 144 -34.26 -14.02 27.45
CA SER A 144 -33.26 -14.33 28.46
C SER A 144 -32.43 -15.51 27.99
N PHE A 145 -31.13 -15.48 28.29
CA PHE A 145 -30.21 -16.46 27.73
C PHE A 145 -28.96 -16.57 28.61
N ASN A 146 -28.20 -17.65 28.40
CA ASN A 146 -26.92 -17.87 29.06
C ASN A 146 -25.78 -17.40 28.16
N MET A 147 -24.83 -16.67 28.74
CA MET A 147 -23.71 -16.20 27.95
C MET A 147 -22.51 -15.96 28.86
N THR A 148 -21.33 -15.94 28.25
CA THR A 148 -20.08 -15.95 28.99
C THR A 148 -19.73 -14.56 29.52
N THR A 149 -18.95 -14.55 30.61
CA THR A 149 -18.47 -13.34 31.24
C THR A 149 -17.03 -13.05 30.77
N GLU A 150 -16.35 -12.13 31.46
CA GLU A 150 -14.97 -11.82 31.11
C GLU A 150 -14.02 -12.96 31.46
N LEU A 151 -14.38 -13.78 32.45
CA LEU A 151 -13.61 -14.97 32.77
C LEU A 151 -14.07 -16.14 31.91
N ARG A 152 -13.12 -16.93 31.45
CA ARG A 152 -13.44 -18.05 30.56
C ARG A 152 -14.14 -19.18 31.31
N ASP A 153 -13.91 -19.28 32.63
CA ASP A 153 -14.48 -20.38 33.40
C ASP A 153 -15.97 -20.21 33.66
N LYS A 154 -16.41 -19.00 34.00
CA LYS A 154 -17.74 -18.78 34.54
C LYS A 154 -18.71 -18.27 33.48
N LYS A 155 -20.00 -18.29 33.84
CA LYS A 155 -21.08 -17.85 32.96
C LYS A 155 -22.13 -17.12 33.79
N GLN A 156 -22.96 -16.33 33.11
CA GLN A 156 -23.98 -15.52 33.76
C GLN A 156 -25.29 -15.65 33.01
N LYS A 157 -26.35 -15.09 33.59
CA LYS A 157 -27.69 -15.11 33.03
C LYS A 157 -28.14 -13.66 32.81
N VAL A 158 -28.36 -13.30 31.54
CA VAL A 158 -28.62 -11.92 31.14
C VAL A 158 -29.94 -11.89 30.36
N TYR A 159 -30.82 -10.95 30.71
CA TYR A 159 -32.06 -10.74 29.99
C TYR A 159 -31.97 -9.50 29.12
N SER A 160 -32.77 -9.49 28.05
CA SER A 160 -32.74 -8.39 27.08
C SER A 160 -34.06 -8.35 26.33
N LEU A 161 -34.29 -7.24 25.62
CA LEU A 161 -35.49 -7.01 24.84
C LEU A 161 -35.15 -7.05 23.35
N PHE A 162 -35.95 -7.77 22.58
CA PHE A 162 -35.76 -7.89 21.14
C PHE A 162 -37.07 -7.73 20.40
N TYR A 163 -36.99 -7.30 19.15
CA TYR A 163 -38.15 -7.14 18.29
C TYR A 163 -38.50 -8.47 17.62
N ARG A 164 -39.67 -8.52 16.98
CA ARG A 164 -40.04 -9.72 16.23
C ARG A 164 -39.22 -9.88 14.96
N LEU A 165 -38.74 -8.78 14.40
CA LEU A 165 -37.94 -8.83 13.19
C LEU A 165 -36.53 -9.33 13.43
N ASP A 166 -36.12 -9.47 14.70
CA ASP A 166 -34.79 -9.95 15.04
C ASP A 166 -34.76 -11.39 15.50
N VAL A 167 -35.90 -11.97 15.90
CA VAL A 167 -35.92 -13.30 16.46
C VAL A 167 -36.73 -14.23 15.55
N VAL A 168 -36.32 -15.49 15.51
CA VAL A 168 -36.96 -16.54 14.72
C VAL A 168 -37.16 -17.74 15.64
N GLN A 169 -38.38 -18.29 15.64
CA GLN A 169 -38.69 -19.44 16.50
C GLN A 169 -37.94 -20.68 16.04
N ILE A 170 -37.35 -21.39 17.00
CA ILE A 170 -36.68 -22.66 16.74
C ILE A 170 -37.72 -23.75 16.67
N ASN A 171 -37.75 -24.49 15.56
CA ASN A 171 -38.69 -25.58 15.39
C ASN A 171 -37.95 -26.90 15.19
N LYS A 183 -41.02 -20.87 25.08
CA LYS A 183 -40.69 -21.13 23.68
C LYS A 183 -39.29 -20.61 23.37
N GLU A 184 -38.50 -21.44 22.69
CA GLU A 184 -37.10 -21.11 22.43
C GLU A 184 -36.94 -20.43 21.09
N TYR A 185 -36.23 -19.30 21.09
CA TYR A 185 -35.99 -18.48 19.92
C TYR A 185 -34.49 -18.40 19.65
N ARG A 186 -34.14 -17.72 18.56
CA ARG A 186 -32.75 -17.42 18.24
C ARG A 186 -32.71 -16.18 17.37
N LEU A 187 -31.52 -15.60 17.25
CA LEU A 187 -31.35 -14.43 16.39
C LEU A 187 -31.42 -14.84 14.93
N ILE A 188 -31.80 -13.88 14.09
CA ILE A 188 -31.96 -14.17 12.67
C ILE A 188 -30.62 -14.15 11.95
N ASN A 189 -29.59 -13.50 12.53
CA ASN A 189 -28.27 -13.48 11.93
C ASN A 189 -27.42 -14.71 12.24
N CYS A 190 -27.92 -15.64 13.04
CA CYS A 190 -27.19 -16.85 13.40
C CYS A 190 -27.45 -17.98 12.42
N ASN A 191 -27.84 -17.66 11.20
CA ASN A 191 -28.24 -18.62 10.19
C ASN A 191 -27.45 -18.37 8.91
N THR A 192 -27.02 -17.12 8.72
CA THR A 192 -26.21 -16.74 7.57
C THR A 192 -24.79 -16.36 7.98
N SER A 193 -24.64 -15.39 8.88
CA SER A 193 -23.33 -14.92 9.32
C SER A 193 -23.47 -14.10 10.59
N ALA A 194 -22.74 -14.47 11.63
CA ALA A 194 -22.66 -13.62 12.81
C ALA A 194 -21.87 -12.37 12.48
N CYS A 195 -22.41 -11.21 12.85
CA CYS A 195 -21.88 -9.95 12.37
C CYS A 195 -21.65 -8.97 13.51
N THR A 196 -20.90 -7.92 13.19
CA THR A 196 -20.35 -7.00 14.17
C THR A 196 -21.43 -6.08 14.74
N GLN A 197 -21.02 -5.31 15.75
CA GLN A 197 -21.88 -4.33 16.40
C GLN A 197 -21.30 -2.95 16.14
N ALA A 198 -22.18 -1.98 15.85
CA ALA A 198 -21.74 -0.62 15.59
C ALA A 198 -21.22 0.03 16.87
N CYS A 199 -20.04 0.61 16.79
CA CYS A 199 -19.43 1.24 17.96
C CYS A 199 -20.14 2.55 18.27
N PRO A 200 -20.42 2.84 19.56
CA PRO A 200 -21.14 4.07 19.90
C PRO A 200 -20.31 5.35 19.79
N LYS A 201 -19.00 5.24 19.57
CA LYS A 201 -18.19 6.43 19.36
C LYS A 201 -18.54 7.11 18.04
N VAL A 202 -18.73 6.32 16.98
CA VAL A 202 -19.06 6.88 15.69
C VAL A 202 -20.56 7.10 15.57
N SER A 203 -20.95 8.01 14.69
CA SER A 203 -22.34 8.33 14.44
C SER A 203 -22.57 8.41 12.93
N PHE A 204 -23.83 8.16 12.53
CA PHE A 204 -24.19 8.07 11.12
C PHE A 204 -24.67 9.41 10.55
N GLU A 205 -24.10 10.52 11.02
CA GLU A 205 -24.46 11.83 10.50
C GLU A 205 -23.92 11.99 9.08
N PRO A 206 -24.77 12.32 8.12
CA PRO A 206 -24.29 12.47 6.73
C PRO A 206 -23.58 13.78 6.48
N ILE A 207 -22.29 13.84 6.81
CA ILE A 207 -21.47 15.03 6.58
C ILE A 207 -21.24 15.16 5.07
N PRO A 208 -21.19 16.36 4.51
CA PRO A 208 -20.94 16.50 3.08
C PRO A 208 -19.50 16.13 2.70
N ILE A 209 -19.35 15.62 1.48
CA ILE A 209 -18.05 15.26 0.93
C ILE A 209 -17.99 15.77 -0.52
N HIS A 210 -16.79 16.19 -0.93
CA HIS A 210 -16.54 16.64 -2.29
C HIS A 210 -15.57 15.67 -2.98
N TYR A 211 -15.86 15.34 -4.23
CA TYR A 211 -14.95 14.57 -5.06
C TYR A 211 -14.28 15.52 -6.05
N CYS A 212 -12.95 15.58 -6.01
CA CYS A 212 -12.22 16.53 -6.84
C CYS A 212 -11.19 15.82 -7.69
N ALA A 213 -11.19 16.13 -8.98
CA ALA A 213 -10.36 15.45 -9.95
C ALA A 213 -8.89 15.84 -9.77
N PRO A 214 -7.96 14.92 -10.06
CA PRO A 214 -6.53 15.26 -9.97
C PRO A 214 -6.05 16.13 -11.12
N ALA A 215 -4.74 16.38 -11.17
CA ALA A 215 -4.17 17.21 -12.21
C ALA A 215 -4.25 16.52 -13.57
N GLY A 216 -4.59 17.30 -14.60
CA GLY A 216 -4.78 16.79 -15.94
C GLY A 216 -6.23 16.54 -16.31
N PHE A 217 -7.12 16.50 -15.33
CA PHE A 217 -8.54 16.27 -15.56
C PHE A 217 -9.35 17.48 -15.10
N ALA A 218 -10.55 17.61 -15.66
CA ALA A 218 -11.43 18.72 -15.33
C ALA A 218 -12.83 18.20 -15.09
N ILE A 219 -13.59 18.93 -14.28
CA ILE A 219 -14.96 18.60 -13.95
C ILE A 219 -15.85 19.69 -14.54
N LEU A 220 -16.79 19.29 -15.39
CA LEU A 220 -17.66 20.22 -16.09
C LEU A 220 -19.07 20.15 -15.52
N LYS A 221 -19.66 21.31 -15.25
CA LYS A 221 -20.92 21.41 -14.53
C LYS A 221 -21.91 22.19 -15.37
N CYS A 222 -23.11 21.62 -15.55
CA CYS A 222 -24.17 22.30 -16.30
C CYS A 222 -24.79 23.41 -15.46
N LYS A 223 -25.08 24.54 -16.11
CA LYS A 223 -25.85 25.62 -15.52
C LYS A 223 -27.22 25.76 -16.16
N ASP A 224 -27.66 24.75 -16.91
CA ASP A 224 -28.98 24.80 -17.53
C ASP A 224 -30.06 24.65 -16.48
N LYS A 225 -31.03 25.57 -16.49
CA LYS A 225 -32.05 25.60 -15.45
C LYS A 225 -33.12 24.54 -15.68
N LYS A 226 -33.26 24.07 -16.91
CA LYS A 226 -34.27 23.06 -17.26
C LYS A 226 -33.62 21.80 -17.82
N PHE A 227 -32.60 21.29 -17.12
CA PHE A 227 -31.82 20.18 -17.65
C PHE A 227 -32.62 18.88 -17.71
N ASN A 228 -32.65 18.27 -18.90
CA ASN A 228 -33.41 17.05 -19.13
C ASN A 228 -32.76 15.82 -18.53
N GLY A 229 -31.46 15.87 -18.27
CA GLY A 229 -30.72 14.72 -17.80
C GLY A 229 -29.79 14.16 -18.85
N THR A 230 -30.26 14.13 -20.10
CA THR A 230 -29.46 13.75 -21.25
C THR A 230 -29.48 14.90 -22.26
N GLY A 231 -28.88 14.65 -23.42
CA GLY A 231 -28.92 15.60 -24.51
C GLY A 231 -27.92 16.72 -24.36
N PRO A 232 -27.99 17.72 -25.25
CA PRO A 232 -27.04 18.83 -25.20
C PRO A 232 -27.30 19.74 -24.01
N CYS A 233 -26.21 20.27 -23.45
CA CYS A 233 -26.28 21.24 -22.37
C CYS A 233 -25.93 22.61 -22.93
N PRO A 234 -26.86 23.57 -22.90
CA PRO A 234 -26.58 24.87 -23.55
C PRO A 234 -25.52 25.71 -22.85
N SER A 235 -25.39 25.60 -21.53
CA SER A 235 -24.40 26.36 -20.78
C SER A 235 -23.60 25.40 -19.91
N VAL A 236 -22.29 25.35 -20.12
CA VAL A 236 -21.40 24.50 -19.35
C VAL A 236 -20.42 25.40 -18.60
N SER A 237 -20.29 25.18 -17.30
CA SER A 237 -19.35 25.92 -16.47
C SER A 237 -18.40 24.93 -15.80
N THR A 238 -17.09 25.15 -15.97
CA THR A 238 -16.15 24.31 -15.25
C THR A 238 -16.05 24.75 -13.80
N VAL A 239 -15.47 23.89 -12.98
CA VAL A 239 -15.35 24.13 -11.55
C VAL A 239 -14.16 23.29 -11.07
N GLN A 240 -13.58 23.68 -9.93
CA GLN A 240 -12.54 22.86 -9.32
C GLN A 240 -13.11 21.52 -8.87
N CYS A 241 -14.19 21.56 -8.08
CA CYS A 241 -15.01 20.40 -7.74
C CYS A 241 -16.33 20.85 -7.15
N THR A 242 -17.12 19.88 -6.67
CA THR A 242 -18.56 20.01 -6.52
C THR A 242 -18.91 20.84 -5.28
N HIS A 243 -20.22 20.93 -5.03
CA HIS A 243 -20.79 21.78 -3.98
C HIS A 243 -20.96 21.07 -2.65
N GLY A 244 -20.82 19.75 -2.61
CA GLY A 244 -21.05 19.01 -1.38
C GLY A 244 -22.27 18.13 -1.44
N ILE A 245 -22.06 16.82 -1.29
CA ILE A 245 -23.13 15.83 -1.41
C ILE A 245 -23.28 15.14 -0.06
N LYS A 246 -24.49 15.11 0.46
CA LYS A 246 -24.78 14.41 1.71
C LYS A 246 -25.11 12.97 1.39
N PRO A 247 -24.31 11.99 1.80
CA PRO A 247 -24.58 10.58 1.45
C PRO A 247 -25.61 9.93 2.36
N VAL A 248 -26.85 10.38 2.23
CA VAL A 248 -27.94 9.77 2.99
C VAL A 248 -28.34 8.45 2.34
N VAL A 249 -29.05 7.62 3.10
CA VAL A 249 -29.58 6.36 2.60
C VAL A 249 -31.09 6.39 2.71
N SER A 250 -31.76 5.94 1.64
CA SER A 250 -33.21 5.93 1.57
C SER A 250 -33.62 4.92 0.51
N THR A 251 -34.90 4.56 0.52
CA THR A 251 -35.44 3.59 -0.42
C THR A 251 -36.41 4.19 -1.41
N GLN A 252 -37.47 4.85 -0.92
CA GLN A 252 -38.53 5.37 -1.77
C GLN A 252 -38.59 6.88 -1.82
N LEU A 253 -38.32 7.56 -0.71
CA LEU A 253 -38.41 9.01 -0.64
C LEU A 253 -37.02 9.57 -0.35
N LEU A 254 -36.52 10.41 -1.25
CA LEU A 254 -35.22 11.03 -1.04
C LEU A 254 -35.30 12.07 0.07
N LEU A 255 -34.26 12.12 0.90
CA LEU A 255 -34.26 12.99 2.07
C LEU A 255 -33.02 13.86 2.08
N ASN A 256 -33.20 15.13 2.47
CA ASN A 256 -32.14 16.12 2.67
C ASN A 256 -31.31 16.35 1.40
N GLY A 257 -31.94 16.28 0.23
CA GLY A 257 -31.24 16.42 -1.04
C GLY A 257 -31.26 17.85 -1.55
N SER A 258 -30.95 17.97 -2.84
CA SER A 258 -30.87 19.27 -3.50
C SER A 258 -32.12 19.50 -4.33
N LEU A 259 -32.77 20.64 -4.10
CA LEU A 259 -34.00 20.99 -4.81
C LEU A 259 -33.70 21.46 -6.21
N ALA A 260 -34.65 21.21 -7.11
CA ALA A 260 -34.65 21.89 -8.40
C ALA A 260 -35.04 23.35 -8.17
N GLU A 261 -34.62 24.21 -9.10
CA GLU A 261 -34.67 25.65 -8.84
C GLU A 261 -35.94 26.31 -9.37
N GLU A 262 -36.56 25.78 -10.41
CA GLU A 262 -37.70 26.50 -10.97
C GLU A 262 -38.99 25.69 -11.07
N GLU A 263 -38.92 24.40 -11.44
CA GLU A 263 -40.10 23.54 -11.41
C GLU A 263 -39.64 22.09 -11.31
N VAL A 264 -40.63 21.19 -11.27
CA VAL A 264 -40.37 19.78 -10.99
C VAL A 264 -39.75 19.13 -12.22
N MET A 265 -38.59 18.51 -12.04
CA MET A 265 -37.91 17.74 -13.08
C MET A 265 -38.25 16.27 -12.95
N ILE A 266 -38.52 15.64 -14.10
CA ILE A 266 -38.78 14.21 -14.17
C ILE A 266 -37.80 13.62 -15.18
N ARG A 267 -36.99 12.67 -14.73
CA ARG A 267 -35.88 12.16 -15.52
C ARG A 267 -35.96 10.65 -15.60
N SER A 268 -35.69 10.11 -16.78
CA SER A 268 -35.68 8.67 -16.99
C SER A 268 -34.74 8.32 -18.12
N GLU A 269 -34.17 7.12 -18.06
CA GLU A 269 -33.33 6.63 -19.16
C GLU A 269 -34.18 6.32 -20.39
N ASN A 270 -35.39 5.79 -20.18
CA ASN A 270 -36.31 5.51 -21.27
C ASN A 270 -37.71 5.57 -20.68
N ILE A 271 -38.47 6.61 -21.04
CA ILE A 271 -39.78 6.82 -20.43
C ILE A 271 -40.81 5.83 -20.95
N THR A 272 -40.57 5.20 -22.10
CA THR A 272 -41.50 4.20 -22.62
C THR A 272 -41.35 2.88 -21.88
N ASN A 273 -40.11 2.49 -21.57
CA ASN A 273 -39.86 1.19 -20.95
C ASN A 273 -40.26 1.21 -19.48
N ASN A 274 -40.97 0.16 -19.05
CA ASN A 274 -41.43 0.06 -17.67
C ASN A 274 -40.32 -0.33 -16.69
N ALA A 275 -39.28 -0.99 -17.16
CA ALA A 275 -38.26 -1.54 -16.26
C ALA A 275 -37.20 -0.53 -15.85
N LYS A 276 -37.29 0.71 -16.33
CA LYS A 276 -36.35 1.76 -15.96
C LYS A 276 -37.03 2.74 -15.03
N ASN A 277 -36.32 3.10 -13.95
CA ASN A 277 -36.90 3.91 -12.88
C ASN A 277 -37.10 5.35 -13.33
N ILE A 278 -37.99 6.04 -12.61
CA ILE A 278 -38.32 7.44 -12.87
C ILE A 278 -37.92 8.25 -11.65
N LEU A 279 -37.05 9.23 -11.85
CA LEU A 279 -36.58 10.11 -10.78
C LEU A 279 -37.35 11.42 -10.84
N VAL A 280 -37.91 11.82 -9.71
CA VAL A 280 -38.66 13.07 -9.59
C VAL A 280 -37.93 13.97 -8.60
N GLN A 281 -37.66 15.20 -9.01
CA GLN A 281 -36.97 16.18 -8.17
C GLN A 281 -37.89 17.37 -7.93
N PHE A 282 -37.99 17.81 -6.69
CA PHE A 282 -38.92 18.87 -6.31
C PHE A 282 -38.29 20.25 -6.43
N ASN A 283 -39.17 21.26 -6.45
CA ASN A 283 -38.76 22.65 -6.34
C ASN A 283 -39.05 23.25 -4.97
N THR A 284 -39.87 22.59 -4.16
CA THR A 284 -40.19 22.97 -2.79
C THR A 284 -40.02 21.76 -1.88
N PRO A 285 -39.61 21.98 -0.64
CA PRO A 285 -39.44 20.84 0.28
C PRO A 285 -40.70 20.52 1.06
N VAL A 286 -40.86 19.23 1.35
CA VAL A 286 -41.95 18.74 2.18
C VAL A 286 -41.33 18.23 3.48
N GLN A 287 -41.87 18.69 4.61
CA GLN A 287 -41.27 18.45 5.91
C GLN A 287 -41.89 17.23 6.57
N ILE A 288 -41.05 16.40 7.19
CA ILE A 288 -41.49 15.19 7.87
C ILE A 288 -40.94 15.21 9.29
N ASN A 289 -41.56 14.43 10.16
CA ASN A 289 -41.13 14.24 11.55
C ASN A 289 -40.75 12.79 11.74
N CYS A 290 -39.51 12.51 12.12
CA CYS A 290 -39.25 11.20 12.72
C CYS A 290 -39.75 11.22 14.16
N THR A 291 -40.29 10.10 14.64
CA THR A 291 -40.79 10.05 16.01
C THR A 291 -40.68 8.62 16.53
N ARG A 292 -40.06 8.46 17.70
CA ARG A 292 -40.05 7.18 18.42
C ARG A 292 -40.29 7.46 19.90
N PRO A 293 -41.54 7.43 20.34
CA PRO A 293 -41.88 7.82 21.74
C PRO A 293 -41.68 6.73 22.79
N ASN A 294 -40.42 6.45 23.12
CA ASN A 294 -40.09 5.48 24.16
C ASN A 294 -38.88 5.99 24.93
N ASN A 295 -38.62 5.34 26.06
CA ASN A 295 -37.44 5.59 26.88
C ASN A 295 -36.69 4.27 27.03
N ASN A 296 -35.83 3.97 26.07
CA ASN A 296 -34.98 2.80 26.16
C ASN A 296 -33.85 3.03 27.15
N THR A 297 -33.43 1.97 27.82
CA THR A 297 -32.35 2.01 28.80
C THR A 297 -31.24 1.06 28.36
N ARG A 298 -30.16 1.62 27.85
CA ARG A 298 -29.01 0.83 27.43
C ARG A 298 -28.21 0.41 28.65
N LYS A 299 -27.96 -0.89 28.79
CA LYS A 299 -27.12 -1.42 29.85
C LYS A 299 -25.97 -2.22 29.25
N SER A 300 -24.82 -2.13 29.91
CA SER A 300 -23.59 -2.75 29.40
C SER A 300 -23.49 -4.17 29.93
N ILE A 301 -23.30 -5.12 29.02
CA ILE A 301 -23.06 -6.52 29.36
C ILE A 301 -21.68 -6.89 28.85
N ARG A 302 -20.82 -7.34 29.75
CA ARG A 302 -19.46 -7.70 29.36
C ARG A 302 -19.45 -9.14 28.86
N ILE A 303 -18.97 -9.33 27.62
CA ILE A 303 -18.98 -10.63 26.98
C ILE A 303 -17.63 -11.32 27.04
N GLY A 304 -16.59 -10.62 27.48
CA GLY A 304 -15.26 -11.17 27.45
C GLY A 304 -14.25 -10.18 27.99
N PRO A 305 -12.97 -10.50 27.80
CA PRO A 305 -11.91 -9.62 28.32
C PRO A 305 -11.75 -8.34 27.51
N GLY A 306 -12.57 -7.34 27.81
CA GLY A 306 -12.46 -6.04 27.18
C GLY A 306 -13.52 -5.72 26.15
N GLN A 307 -14.61 -6.48 26.09
CA GLN A 307 -15.64 -6.29 25.09
C GLN A 307 -16.99 -6.13 25.77
N ALA A 308 -17.90 -5.41 25.14
CA ALA A 308 -19.19 -5.11 25.73
C ALA A 308 -20.31 -5.33 24.71
N PHE A 309 -21.51 -5.58 25.23
CA PHE A 309 -22.71 -5.76 24.41
C PHE A 309 -23.82 -4.93 25.01
N TYR A 310 -24.27 -3.91 24.27
CA TYR A 310 -25.27 -2.97 24.75
C TYR A 310 -26.65 -3.48 24.36
N ALA A 311 -27.44 -3.86 25.36
CA ALA A 311 -28.76 -4.45 25.16
C ALA A 311 -29.83 -3.55 25.74
N THR A 312 -31.03 -3.62 25.16
CA THR A 312 -32.15 -2.84 25.64
C THR A 312 -32.64 -3.41 26.96
N GLY A 313 -32.55 -2.61 28.03
CA GLY A 313 -32.84 -3.12 29.35
C GLY A 313 -34.30 -3.07 29.75
N ASP A 314 -34.89 -1.88 29.74
CA ASP A 314 -36.27 -1.71 30.17
C ASP A 314 -36.82 -0.42 29.58
N ILE A 315 -38.14 -0.29 29.63
CA ILE A 315 -38.84 0.89 29.13
C ILE A 315 -39.39 1.64 30.34
N ILE A 316 -39.00 2.91 30.48
CA ILE A 316 -39.49 3.75 31.57
C ILE A 316 -40.68 4.52 31.00
N GLY A 317 -41.87 3.94 31.14
CA GLY A 317 -43.07 4.61 30.69
C GLY A 317 -43.95 3.75 29.80
N ASP A 318 -44.80 4.39 29.01
CA ASP A 318 -45.70 3.68 28.11
C ASP A 318 -44.99 3.36 26.80
N ILE A 319 -45.44 2.29 26.15
CA ILE A 319 -44.87 1.83 24.88
C ILE A 319 -45.88 2.09 23.79
N ARG A 320 -45.53 2.94 22.83
CA ARG A 320 -46.40 3.30 21.73
C ARG A 320 -45.71 2.98 20.40
N GLN A 321 -46.47 3.16 19.32
CA GLN A 321 -45.91 2.97 17.99
C GLN A 321 -44.99 4.14 17.63
N ALA A 322 -44.00 3.86 16.78
CA ALA A 322 -43.05 4.87 16.33
C ALA A 322 -43.54 5.40 14.97
N HIS A 323 -44.46 6.36 15.03
CA HIS A 323 -45.07 6.91 13.84
C HIS A 323 -44.17 7.96 13.20
N CYS A 324 -44.55 8.41 12.00
CA CYS A 324 -43.93 9.56 11.37
C CYS A 324 -45.01 10.39 10.69
N ASN A 325 -44.90 11.70 10.80
CA ASN A 325 -45.94 12.63 10.34
C ASN A 325 -45.45 13.46 9.17
N VAL A 326 -46.27 13.52 8.12
CA VAL A 326 -46.06 14.43 7.00
C VAL A 326 -47.35 15.23 6.82
N SER A 327 -47.21 16.48 6.38
CA SER A 327 -48.36 17.36 6.23
C SER A 327 -49.23 16.92 5.06
N LYS A 328 -50.52 17.28 5.13
CA LYS A 328 -51.50 16.83 4.16
C LYS A 328 -51.64 17.80 2.99
N ALA A 329 -51.71 19.10 3.26
CA ALA A 329 -51.94 20.08 2.20
C ALA A 329 -50.70 20.29 1.35
N THR A 330 -49.52 20.33 1.98
CA THR A 330 -48.27 20.51 1.23
C THR A 330 -47.99 19.32 0.32
N TRP A 331 -48.22 18.11 0.83
CA TRP A 331 -48.09 16.91 0.01
C TRP A 331 -49.12 16.88 -1.11
N ASN A 332 -50.34 17.38 -0.85
CA ASN A 332 -51.37 17.44 -1.89
C ASN A 332 -50.97 18.39 -3.02
N GLU A 333 -50.44 19.57 -2.68
CA GLU A 333 -49.99 20.51 -3.70
C GLU A 333 -48.78 19.99 -4.47
N THR A 334 -47.83 19.37 -3.76
CA THR A 334 -46.63 18.86 -4.43
C THR A 334 -46.96 17.69 -5.35
N LEU A 335 -47.86 16.80 -4.91
CA LEU A 335 -48.34 15.73 -5.77
C LEU A 335 -49.14 16.27 -6.95
N GLY A 336 -49.86 17.39 -6.75
CA GLY A 336 -50.55 18.02 -7.86
C GLY A 336 -49.59 18.57 -8.91
N LYS A 337 -48.49 19.18 -8.46
CA LYS A 337 -47.45 19.63 -9.39
C LYS A 337 -46.81 18.44 -10.12
N VAL A 338 -46.61 17.33 -9.40
CA VAL A 338 -46.01 16.14 -9.99
C VAL A 338 -46.91 15.57 -11.08
N VAL A 339 -48.21 15.44 -10.80
CA VAL A 339 -49.11 14.86 -11.79
C VAL A 339 -49.39 15.87 -12.91
N LYS A 340 -49.22 17.17 -12.64
CA LYS A 340 -49.34 18.17 -13.70
C LYS A 340 -48.18 18.07 -14.69
N GLN A 341 -46.96 17.90 -14.21
CA GLN A 341 -45.82 17.90 -15.10
C GLN A 341 -45.34 16.50 -15.48
N LEU A 342 -46.12 15.45 -15.17
CA LEU A 342 -45.87 14.12 -15.68
C LEU A 342 -46.70 13.81 -16.92
N ARG A 343 -47.77 14.58 -17.16
CA ARG A 343 -48.68 14.35 -18.27
C ARG A 343 -48.09 14.71 -19.62
N LYS A 344 -46.99 15.47 -19.66
CA LYS A 344 -46.40 15.87 -20.93
C LYS A 344 -45.74 14.69 -21.63
N HIS A 345 -45.03 13.84 -20.89
CA HIS A 345 -44.34 12.72 -21.48
C HIS A 345 -45.28 11.56 -21.81
N PHE A 346 -46.46 11.52 -21.21
CA PHE A 346 -47.37 10.39 -21.38
C PHE A 346 -48.65 10.74 -22.14
N GLY A 347 -49.00 12.02 -22.24
CA GLY A 347 -50.18 12.43 -22.99
C GLY A 347 -51.19 13.16 -22.15
N ASN A 348 -51.97 14.01 -22.80
CA ASN A 348 -53.01 14.77 -22.12
C ASN A 348 -54.22 13.88 -21.82
N ASN A 349 -55.08 14.39 -20.92
CA ASN A 349 -56.29 13.76 -20.36
C ASN A 349 -56.15 12.28 -20.04
N THR A 350 -55.00 11.89 -19.48
CA THR A 350 -54.73 10.50 -19.11
C THR A 350 -54.87 10.37 -17.60
N ILE A 351 -55.61 9.34 -17.16
CA ILE A 351 -55.85 9.11 -15.75
C ILE A 351 -54.56 8.60 -15.12
N ILE A 352 -53.97 9.40 -14.22
CA ILE A 352 -52.75 9.04 -13.52
C ILE A 352 -53.10 8.80 -12.07
N ARG A 353 -52.86 7.59 -11.58
CA ARG A 353 -53.15 7.21 -10.21
C ARG A 353 -51.92 6.58 -9.58
N PHE A 354 -51.86 6.66 -8.25
CA PHE A 354 -50.73 6.17 -7.48
C PHE A 354 -51.18 5.02 -6.59
N ALA A 355 -50.47 3.90 -6.68
CA ALA A 355 -50.66 2.76 -5.81
C ALA A 355 -49.44 2.61 -4.91
N ASN A 356 -49.56 1.75 -3.90
CA ASN A 356 -48.47 1.52 -2.97
C ASN A 356 -47.48 0.53 -3.59
N SER A 357 -46.50 0.09 -2.81
CA SER A 357 -45.46 -0.79 -3.32
C SER A 357 -46.02 -2.19 -3.57
N SER A 358 -45.38 -2.91 -4.49
CA SER A 358 -45.90 -4.20 -4.93
C SER A 358 -45.63 -5.29 -3.89
N GLY A 359 -44.36 -5.56 -3.61
CA GLY A 359 -44.04 -6.59 -2.64
C GLY A 359 -42.54 -6.85 -2.60
N GLY A 360 -42.18 -7.96 -1.96
CA GLY A 360 -40.78 -8.31 -1.76
C GLY A 360 -40.40 -8.33 -0.30
N ASP A 361 -39.11 -8.12 -0.05
CA ASP A 361 -38.61 -8.05 1.31
C ASP A 361 -38.90 -6.67 1.92
N LEU A 362 -38.54 -6.52 3.19
CA LEU A 362 -38.95 -5.33 3.94
C LEU A 362 -38.18 -4.09 3.52
N GLU A 363 -36.93 -4.24 3.10
CA GLU A 363 -36.10 -3.07 2.78
C GLU A 363 -36.55 -2.40 1.48
N VAL A 364 -36.82 -3.18 0.43
CA VAL A 364 -37.20 -2.62 -0.85
C VAL A 364 -38.62 -2.07 -0.82
N THR A 365 -39.53 -2.79 -0.16
CA THR A 365 -40.96 -2.47 -0.22
C THR A 365 -41.29 -1.20 0.57
N THR A 366 -40.63 -0.99 1.70
CA THR A 366 -40.98 0.07 2.62
C THR A 366 -39.92 1.17 2.63
N HIS A 367 -40.35 2.36 3.04
CA HIS A 367 -39.45 3.49 3.24
C HIS A 367 -38.50 3.18 4.39
N SER A 368 -37.20 3.42 4.19
CA SER A 368 -36.18 3.09 5.18
C SER A 368 -35.20 4.25 5.30
N PHE A 369 -35.18 4.91 6.45
CA PHE A 369 -34.22 5.96 6.73
C PHE A 369 -33.53 5.68 8.07
N ASN A 370 -32.54 6.50 8.38
CA ASN A 370 -31.62 6.24 9.48
C ASN A 370 -31.41 7.52 10.29
N CYS A 371 -32.48 8.22 10.65
CA CYS A 371 -32.27 9.47 11.37
C CYS A 371 -32.22 9.10 12.85
N GLY A 372 -31.50 9.89 13.63
CA GLY A 372 -31.47 9.66 15.07
C GLY A 372 -30.39 8.69 15.51
N GLY A 373 -30.30 7.53 14.87
CA GLY A 373 -29.36 6.51 15.26
C GLY A 373 -29.90 5.12 15.12
N GLU A 374 -31.23 5.01 15.01
CA GLU A 374 -31.90 3.73 14.79
C GLU A 374 -32.44 3.68 13.37
N PHE A 375 -32.87 2.49 12.97
CA PHE A 375 -33.26 2.22 11.60
C PHE A 375 -34.78 2.06 11.51
N PHE A 376 -35.44 3.00 10.85
CA PHE A 376 -36.88 2.96 10.68
C PHE A 376 -37.26 2.20 9.41
N TYR A 377 -38.48 1.68 9.40
CA TYR A 377 -39.07 1.03 8.22
C TYR A 377 -40.55 1.44 8.18
N CYS A 378 -40.83 2.51 7.43
CA CYS A 378 -42.15 3.13 7.43
C CYS A 378 -43.00 2.59 6.30
N ASN A 379 -44.31 2.52 6.55
CA ASN A 379 -45.23 1.86 5.63
C ASN A 379 -45.40 2.64 4.33
N THR A 380 -45.53 3.98 4.43
CA THR A 380 -45.86 4.96 3.37
C THR A 380 -46.87 4.43 2.34
N SER A 381 -47.94 3.84 2.86
CA SER A 381 -49.05 3.40 2.02
C SER A 381 -50.21 4.38 2.01
N GLY A 382 -50.26 5.30 2.98
CA GLY A 382 -51.25 6.36 3.01
C GLY A 382 -50.92 7.56 2.16
N LEU A 383 -49.76 7.55 1.50
CA LEU A 383 -49.35 8.64 0.62
C LEU A 383 -49.72 8.36 -0.83
N PHE A 384 -49.34 7.19 -1.33
CA PHE A 384 -49.57 6.82 -2.73
C PHE A 384 -50.92 6.11 -2.87
N ASN A 385 -51.98 6.91 -2.75
CA ASN A 385 -53.33 6.37 -2.75
C ASN A 385 -54.30 7.12 -3.64
N SER A 386 -54.03 8.37 -3.99
CA SER A 386 -54.99 9.18 -4.73
C SER A 386 -55.05 8.79 -6.20
N THR A 387 -56.18 9.13 -6.83
CA THR A 387 -56.39 8.95 -8.25
C THR A 387 -56.77 10.29 -8.85
N TRP A 388 -55.99 10.76 -9.82
CA TRP A 388 -56.16 12.09 -10.38
C TRP A 388 -56.90 12.00 -11.70
N ILE A 389 -57.93 12.81 -11.86
CA ILE A 389 -58.77 12.78 -13.05
C ILE A 389 -58.21 13.70 -14.13
N ASN A 403 -55.38 21.61 8.56
CA ASN A 403 -54.22 21.35 9.40
C ASN A 403 -54.08 19.86 9.69
N ASP A 404 -54.60 19.04 8.79
CA ASP A 404 -54.50 17.60 8.94
C ASP A 404 -53.07 17.12 8.67
N SER A 405 -52.75 15.96 9.23
CA SER A 405 -51.44 15.35 9.06
C SER A 405 -51.60 13.87 8.82
N ILE A 406 -50.87 13.34 7.84
CA ILE A 406 -50.89 11.93 7.52
C ILE A 406 -49.90 11.21 8.42
N THR A 407 -50.38 10.25 9.20
CA THR A 407 -49.54 9.48 10.08
C THR A 407 -49.21 8.13 9.45
N LEU A 408 -47.93 7.78 9.44
CA LEU A 408 -47.46 6.55 8.84
C LEU A 408 -46.84 5.67 9.92
N PRO A 409 -47.34 4.44 10.13
CA PRO A 409 -46.76 3.56 11.16
C PRO A 409 -45.47 2.95 10.68
N CYS A 410 -44.45 2.98 11.53
CA CYS A 410 -43.12 2.49 11.20
C CYS A 410 -42.66 1.47 12.23
N ARG A 411 -41.82 0.55 11.78
CA ARG A 411 -41.29 -0.50 12.65
C ARG A 411 -39.77 -0.51 12.57
N ILE A 412 -39.15 -0.93 13.66
CA ILE A 412 -37.71 -0.77 13.86
C ILE A 412 -37.06 -2.15 13.86
N LYS A 413 -35.96 -2.28 13.11
CA LYS A 413 -35.16 -3.49 13.06
C LYS A 413 -33.73 -3.16 13.46
N GLN A 414 -33.11 -4.03 14.26
CA GLN A 414 -31.77 -3.78 14.78
C GLN A 414 -30.67 -4.38 13.92
N ILE A 415 -30.79 -5.65 13.55
CA ILE A 415 -29.80 -6.29 12.68
C ILE A 415 -30.02 -5.76 11.26
N ILE A 416 -29.05 -5.02 10.75
CA ILE A 416 -29.16 -4.32 9.48
C ILE A 416 -28.06 -4.80 8.54
N ASN A 417 -28.44 -5.26 7.36
CA ASN A 417 -27.53 -5.49 6.25
C ASN A 417 -27.84 -4.49 5.14
N MET A 418 -26.94 -3.53 4.94
CA MET A 418 -27.28 -2.31 4.23
C MET A 418 -27.29 -2.49 2.72
N TRP A 419 -26.12 -2.79 2.15
CA TRP A 419 -25.96 -2.66 0.70
C TRP A 419 -26.28 -3.95 -0.05
N GLN A 420 -27.43 -4.55 0.29
CA GLN A 420 -28.01 -5.72 -0.42
C GLN A 420 -27.05 -6.89 -0.49
N ARG A 421 -26.28 -7.12 0.57
CA ARG A 421 -25.28 -8.18 0.60
C ARG A 421 -25.71 -9.29 1.54
N ILE A 422 -25.42 -10.52 1.14
CA ILE A 422 -25.63 -11.69 1.98
C ILE A 422 -24.35 -11.99 2.74
N GLY A 423 -24.49 -12.49 3.96
CA GLY A 423 -23.33 -12.86 4.75
C GLY A 423 -22.57 -11.70 5.36
N GLN A 424 -23.14 -10.49 5.39
CA GLN A 424 -22.46 -9.35 5.99
C GLN A 424 -23.53 -8.38 6.48
N CYS A 425 -23.81 -8.42 7.78
CA CYS A 425 -24.80 -7.59 8.46
C CYS A 425 -24.12 -6.68 9.49
N MET A 426 -24.93 -5.98 10.27
CA MET A 426 -24.42 -5.08 11.30
C MET A 426 -25.50 -4.89 12.37
N TYR A 427 -25.12 -5.03 13.63
CA TYR A 427 -26.03 -4.83 14.75
C TYR A 427 -26.00 -3.37 15.20
N ALA A 428 -27.18 -2.78 15.34
CA ALA A 428 -27.28 -1.38 15.75
C ALA A 428 -27.58 -1.30 17.24
N PRO A 429 -26.74 -0.65 18.04
CA PRO A 429 -27.03 -0.56 19.48
C PRO A 429 -28.20 0.37 19.74
N PRO A 430 -28.93 0.17 20.84
CA PRO A 430 -30.05 1.07 21.15
C PRO A 430 -29.57 2.43 21.59
N ILE A 431 -30.42 3.42 21.37
CA ILE A 431 -30.13 4.82 21.69
C ILE A 431 -30.95 5.20 22.92
N GLN A 432 -30.27 5.68 23.96
CA GLN A 432 -30.93 6.01 25.21
C GLN A 432 -31.77 7.27 25.07
N GLY A 433 -33.00 7.22 25.58
CA GLY A 433 -33.89 8.36 25.57
C GLY A 433 -34.95 8.27 24.50
N VAL A 434 -35.49 9.43 24.16
CA VAL A 434 -36.52 9.57 23.13
C VAL A 434 -35.90 10.28 21.93
N ILE A 435 -36.29 9.88 20.73
CA ILE A 435 -35.70 10.38 19.50
C ILE A 435 -36.67 11.34 18.83
N ARG A 436 -36.26 12.58 18.66
CA ARG A 436 -36.99 13.58 17.89
C ARG A 436 -36.15 13.93 16.66
N CYS A 437 -36.83 14.06 15.52
CA CYS A 437 -36.13 14.02 14.24
C CYS A 437 -36.99 14.63 13.15
N VAL A 438 -36.39 15.52 12.33
CA VAL A 438 -37.05 16.09 11.18
C VAL A 438 -36.12 16.05 9.97
N SER A 439 -36.72 16.02 8.79
CA SER A 439 -35.99 16.06 7.52
C SER A 439 -36.93 16.51 6.42
N ASN A 440 -36.34 16.94 5.30
CA ASN A 440 -37.08 17.37 4.13
C ASN A 440 -37.22 16.22 3.15
N ILE A 441 -38.36 16.15 2.46
CA ILE A 441 -38.57 15.19 1.38
C ILE A 441 -38.38 15.96 0.08
N THR A 442 -37.23 15.77 -0.56
CA THR A 442 -36.83 16.55 -1.73
C THR A 442 -36.80 15.71 -3.00
N GLY A 443 -37.46 14.56 -3.01
CA GLY A 443 -37.39 13.67 -4.16
C GLY A 443 -37.95 12.28 -3.96
N LEU A 444 -38.42 11.67 -5.04
CA LEU A 444 -39.04 10.35 -5.05
C LEU A 444 -38.49 9.51 -6.18
N ILE A 445 -38.56 8.19 -6.01
CA ILE A 445 -38.16 7.23 -7.03
C ILE A 445 -39.42 6.46 -7.40
N LEU A 446 -40.05 6.85 -8.51
CA LEU A 446 -41.27 6.19 -8.97
C LEU A 446 -40.91 5.01 -9.89
N THR A 447 -41.91 4.16 -10.12
CA THR A 447 -41.76 3.01 -11.00
C THR A 447 -43.12 2.66 -11.56
N ARG A 448 -43.26 2.75 -12.88
CA ARG A 448 -44.52 2.40 -13.54
C ARG A 448 -44.58 0.89 -13.78
N ASP A 449 -45.63 0.46 -14.49
CA ASP A 449 -45.81 -0.94 -14.80
C ASP A 449 -46.24 -1.09 -16.26
N GLY A 450 -46.24 -2.32 -16.74
CA GLY A 450 -46.62 -2.60 -18.12
C GLY A 450 -48.11 -2.73 -18.32
N GLY A 451 -48.83 -1.62 -18.21
CA GLY A 451 -50.26 -1.64 -18.45
C GLY A 451 -50.58 -1.77 -19.93
N SER A 452 -51.86 -2.07 -20.20
CA SER A 452 -52.32 -2.22 -21.57
C SER A 452 -52.35 -0.88 -22.28
N THR A 453 -51.96 -0.88 -23.55
CA THR A 453 -51.96 0.33 -24.35
C THR A 453 -53.38 0.74 -24.70
N ASN A 454 -53.55 2.04 -24.97
CA ASN A 454 -54.83 2.70 -25.28
C ASN A 454 -55.88 2.47 -24.19
N SER A 455 -55.44 2.45 -22.94
CA SER A 455 -56.33 2.30 -21.79
C SER A 455 -56.55 3.60 -21.03
N THR A 456 -55.70 4.61 -21.26
CA THR A 456 -55.73 5.93 -20.62
C THR A 456 -55.70 5.83 -19.10
N THR A 457 -54.90 4.88 -18.58
CA THR A 457 -54.77 4.69 -17.14
C THR A 457 -53.40 4.10 -16.87
N GLU A 458 -52.57 4.82 -16.13
CA GLU A 458 -51.25 4.35 -15.72
C GLU A 458 -51.12 4.43 -14.21
N THR A 459 -50.61 3.37 -13.61
CA THR A 459 -50.40 3.30 -12.17
C THR A 459 -48.92 3.45 -11.87
N PHE A 460 -48.59 4.36 -10.96
CA PHE A 460 -47.21 4.62 -10.56
C PHE A 460 -47.02 4.19 -9.11
N ARG A 461 -46.03 3.33 -8.88
CA ARG A 461 -45.74 2.80 -7.56
C ARG A 461 -44.31 3.12 -7.17
N PRO A 462 -44.05 3.44 -5.90
CA PRO A 462 -42.68 3.77 -5.47
C PRO A 462 -41.80 2.53 -5.44
N GLY A 463 -40.70 2.58 -6.18
CA GLY A 463 -39.80 1.45 -6.27
C GLY A 463 -38.60 1.57 -5.37
N GLY A 464 -37.41 1.64 -5.95
CA GLY A 464 -36.18 1.69 -5.21
C GLY A 464 -35.47 0.35 -5.19
N GLY A 465 -34.82 0.08 -4.06
CA GLY A 465 -34.09 -1.14 -3.85
C GLY A 465 -32.60 -1.05 -4.15
N ASP A 466 -32.22 -0.32 -5.19
CA ASP A 466 -30.82 -0.08 -5.50
C ASP A 466 -30.38 1.27 -4.96
N MET A 467 -29.13 1.35 -4.54
CA MET A 467 -28.62 2.55 -3.91
C MET A 467 -27.97 3.51 -4.89
N ARG A 468 -27.79 3.11 -6.15
CA ARG A 468 -27.18 3.99 -7.14
C ARG A 468 -28.09 5.16 -7.50
N ASP A 469 -29.40 4.92 -7.53
CA ASP A 469 -30.34 5.95 -7.96
C ASP A 469 -30.49 7.07 -6.94
N ASN A 470 -30.07 6.86 -5.69
CA ASN A 470 -30.13 7.93 -4.71
C ASN A 470 -29.03 8.96 -4.96
N TRP A 471 -27.83 8.50 -5.30
CA TRP A 471 -26.72 9.41 -5.57
C TRP A 471 -26.63 9.79 -7.04
N ARG A 472 -27.47 9.22 -7.90
CA ARG A 472 -27.57 9.69 -9.27
C ARG A 472 -28.48 10.91 -9.40
N SER A 473 -29.18 11.28 -8.34
CA SER A 473 -29.97 12.50 -8.30
C SER A 473 -29.15 13.71 -7.89
N GLU A 474 -27.87 13.53 -7.58
CA GLU A 474 -26.97 14.62 -7.25
C GLU A 474 -25.80 14.75 -8.23
N LEU A 475 -25.25 13.63 -8.70
CA LEU A 475 -24.25 13.64 -9.76
C LEU A 475 -24.91 13.50 -11.13
N TYR A 476 -25.89 14.34 -11.40
CA TYR A 476 -26.55 14.41 -12.69
C TYR A 476 -26.08 15.58 -13.54
N LYS A 477 -25.36 16.53 -12.93
CA LYS A 477 -24.88 17.72 -13.63
C LYS A 477 -23.36 17.80 -13.56
N TYR A 478 -22.69 16.66 -13.57
CA TYR A 478 -21.24 16.62 -13.51
C TYR A 478 -20.72 15.52 -14.42
N LYS A 479 -19.60 15.80 -15.10
CA LYS A 479 -18.88 14.78 -15.84
C LYS A 479 -17.40 15.12 -15.82
N VAL A 480 -16.58 14.10 -16.04
CA VAL A 480 -15.13 14.22 -15.96
C VAL A 480 -14.57 14.13 -17.37
N VAL A 481 -13.74 15.11 -17.74
CA VAL A 481 -13.09 15.14 -19.04
C VAL A 481 -11.58 15.09 -18.85
N LYS A 482 -10.90 14.56 -19.86
CA LYS A 482 -9.45 14.42 -19.86
C LYS A 482 -8.86 15.47 -20.78
N ILE A 483 -7.97 16.30 -20.23
CA ILE A 483 -7.38 17.39 -21.01
C ILE A 483 -6.20 16.85 -21.80
N GLU A 484 -6.24 17.00 -23.12
CA GLU A 484 -5.13 16.68 -23.99
C GLU A 484 -4.62 17.97 -24.62
N PRO A 485 -3.56 18.58 -24.11
CA PRO A 485 -3.22 19.94 -24.51
C PRO A 485 -2.34 20.03 -25.75
N LEU A 486 -2.24 18.94 -26.52
CA LEU A 486 -1.39 18.90 -27.70
C LEU A 486 -2.25 18.95 -28.95
N GLY A 487 -1.89 19.82 -29.89
CA GLY A 487 -2.65 19.96 -31.11
C GLY A 487 -1.81 20.58 -32.22
N VAL A 488 -2.24 20.35 -33.46
CA VAL A 488 -1.53 20.83 -34.63
C VAL A 488 -2.45 21.74 -35.44
N ALA A 489 -1.83 22.61 -36.23
CA ALA A 489 -2.52 23.62 -37.02
C ALA A 489 -1.57 24.16 -38.08
N PRO A 490 -2.07 24.56 -39.27
CA PRO A 490 -1.18 25.11 -40.30
C PRO A 490 -1.02 26.63 -40.22
N THR A 491 0.21 27.10 -40.36
CA THR A 491 0.52 28.52 -40.30
C THR A 491 1.70 28.75 -41.24
N ARG A 492 1.77 29.96 -41.82
CA ARG A 492 2.71 30.32 -42.88
C ARG A 492 4.17 30.45 -42.43
N CYS A 493 4.54 30.05 -41.22
CA CYS A 493 5.93 30.19 -40.80
C CYS A 493 6.78 29.06 -41.38
N LYS A 494 8.10 29.21 -41.24
CA LYS A 494 9.06 28.17 -41.60
C LYS A 494 10.19 28.17 -40.57
N ARG A 495 10.92 27.06 -40.53
CA ARG A 495 12.10 26.95 -39.69
C ARG A 495 13.35 27.23 -40.50
N ARG A 496 14.24 28.05 -39.95
CA ARG A 496 15.47 28.43 -40.63
C ARG A 496 16.48 27.28 -40.62
N LEU B 18 -8.47 35.30 -18.19
CA LEU B 18 -9.52 34.29 -18.09
C LEU B 18 -9.16 33.22 -17.05
N GLY B 19 -9.78 32.06 -17.16
CA GLY B 19 -9.58 31.00 -16.19
C GLY B 19 -8.82 29.81 -16.71
N PHE B 20 -9.16 28.62 -16.21
CA PHE B 20 -8.46 27.41 -16.61
C PHE B 20 -8.80 27.01 -18.04
N LEU B 21 -10.08 27.00 -18.39
CA LEU B 21 -10.53 26.70 -19.74
C LEU B 21 -11.46 27.80 -20.24
N GLY B 22 -11.11 29.06 -19.94
CA GLY B 22 -11.98 30.18 -20.27
C GLY B 22 -12.05 30.50 -21.74
N ALA B 23 -11.06 30.08 -22.53
CA ALA B 23 -11.03 30.35 -23.96
C ALA B 23 -11.46 29.15 -24.80
N ALA B 24 -12.25 28.24 -24.22
CA ALA B 24 -12.73 27.10 -24.99
C ALA B 24 -13.77 27.52 -26.02
N GLY B 25 -14.52 28.58 -25.74
CA GLY B 25 -15.42 29.15 -26.72
C GLY B 25 -14.81 30.18 -27.64
N SER B 26 -13.60 30.64 -27.33
CA SER B 26 -12.91 31.60 -28.17
C SER B 26 -12.40 30.93 -29.44
N THR B 27 -12.02 31.75 -30.42
CA THR B 27 -11.63 31.25 -31.72
C THR B 27 -10.20 30.70 -31.69
N MET B 28 -9.74 30.25 -32.87
CA MET B 28 -8.39 29.74 -33.02
C MET B 28 -7.34 30.81 -32.77
N GLY B 29 -7.56 32.03 -33.27
CA GLY B 29 -6.60 33.10 -33.10
C GLY B 29 -6.68 33.81 -31.76
N ALA B 30 -7.73 33.56 -30.99
CA ALA B 30 -7.87 34.16 -29.66
C ALA B 30 -7.44 33.24 -28.54
N ALA B 31 -7.60 31.92 -28.70
CA ALA B 31 -7.12 30.97 -27.71
C ALA B 31 -5.64 30.65 -27.88
N SER B 32 -5.00 31.14 -28.95
CA SER B 32 -3.58 30.90 -29.15
C SER B 32 -2.71 31.75 -28.26
N MET B 33 -3.26 32.80 -27.64
CA MET B 33 -2.51 33.70 -26.79
C MET B 33 -2.70 33.40 -25.30
N THR B 34 -3.27 32.25 -24.96
CA THR B 34 -3.54 31.90 -23.57
C THR B 34 -3.20 30.45 -23.28
N LEU B 35 -2.20 29.89 -23.97
CA LEU B 35 -1.81 28.50 -23.75
C LEU B 35 -1.10 28.30 -22.41
N THR B 36 -0.64 29.38 -21.78
CA THR B 36 0.14 29.29 -20.54
C THR B 36 -0.72 28.78 -19.38
N VAL B 37 -1.97 29.25 -19.28
CA VAL B 37 -2.80 28.86 -18.16
C VAL B 37 -3.28 27.42 -18.28
N GLN B 38 -3.28 26.84 -19.47
CA GLN B 38 -3.53 25.40 -19.59
C GLN B 38 -2.25 24.59 -19.44
N ALA B 39 -1.11 25.15 -19.81
CA ALA B 39 0.15 24.42 -19.65
C ALA B 39 0.60 24.40 -18.19
N ARG B 40 0.16 25.38 -17.39
CA ARG B 40 0.61 25.48 -16.01
C ARG B 40 -0.13 24.50 -15.10
N ASN B 41 -1.40 24.21 -15.40
CA ASN B 41 -2.25 23.46 -14.49
C ASN B 41 -2.37 21.98 -14.86
N LEU B 42 -1.37 21.43 -15.56
CA LEU B 42 -1.32 20.01 -15.82
C LEU B 42 -0.59 19.23 -14.74
N LEU B 43 0.03 19.92 -13.79
CA LEU B 43 0.92 19.28 -12.83
C LEU B 43 0.67 19.84 -11.43
N SER B 44 -0.58 20.08 -11.09
CA SER B 44 -0.92 20.62 -9.77
C SER B 44 -0.82 19.54 -8.69
N THR B 67 -6.94 4.24 7.06
CA THR B 67 -6.28 5.23 6.21
C THR B 67 -5.56 4.55 5.05
N VAL B 68 -5.94 3.31 4.76
CA VAL B 68 -5.33 2.57 3.66
C VAL B 68 -5.89 3.01 2.31
N TRP B 69 -7.06 3.68 2.31
CA TRP B 69 -7.68 4.16 1.09
C TRP B 69 -7.20 5.55 0.68
N GLY B 70 -6.00 5.94 1.11
CA GLY B 70 -5.33 7.13 0.63
C GLY B 70 -4.47 6.90 -0.59
N ILE B 71 -4.52 5.70 -1.17
CA ILE B 71 -3.74 5.39 -2.38
C ILE B 71 -4.35 6.02 -3.63
N LYS B 72 -5.60 6.51 -3.54
CA LYS B 72 -6.19 7.27 -4.64
C LYS B 72 -5.46 8.57 -4.88
N GLN B 73 -4.97 9.20 -3.81
CA GLN B 73 -4.15 10.40 -3.94
C GLN B 73 -2.76 10.10 -4.49
N LEU B 74 -2.30 8.84 -4.40
CA LEU B 74 -0.93 8.51 -4.80
C LEU B 74 -0.86 7.97 -6.22
N GLN B 75 -1.88 7.22 -6.65
CA GLN B 75 -1.81 6.58 -7.98
C GLN B 75 -2.02 7.60 -9.09
N ALA B 76 -2.94 8.56 -8.89
CA ALA B 76 -3.23 9.56 -9.89
C ALA B 76 -2.05 10.51 -10.11
N ARG B 77 -1.24 10.74 -9.07
CA ARG B 77 -0.06 11.57 -9.24
C ARG B 77 0.97 10.91 -10.15
N VAL B 78 1.17 9.60 -9.98
CA VAL B 78 2.09 8.86 -10.84
C VAL B 78 1.56 8.81 -12.27
N LEU B 79 0.24 8.65 -12.42
CA LEU B 79 -0.37 8.66 -13.76
C LEU B 79 -0.20 10.02 -14.44
N ALA B 80 -0.38 11.11 -13.69
CA ALA B 80 -0.22 12.45 -14.25
C ALA B 80 1.24 12.74 -14.59
N VAL B 81 2.17 12.24 -13.77
CA VAL B 81 3.59 12.40 -14.05
C VAL B 81 3.97 11.65 -15.34
N GLU B 82 3.45 10.42 -15.50
CA GLU B 82 3.76 9.64 -16.70
C GLU B 82 3.15 10.29 -17.95
N ARG B 83 1.94 10.85 -17.82
CA ARG B 83 1.31 11.54 -18.95
C ARG B 83 2.06 12.82 -19.33
N TYR B 84 2.51 13.58 -18.32
CA TYR B 84 3.27 14.80 -18.59
C TYR B 84 4.62 14.49 -19.23
N LEU B 85 5.30 13.45 -18.76
CA LEU B 85 6.57 13.06 -19.38
C LEU B 85 6.36 12.51 -20.79
N ARG B 86 5.25 11.82 -21.05
CA ARG B 86 4.96 11.37 -22.41
C ARG B 86 4.73 12.55 -23.36
N ASP B 87 3.97 13.55 -22.92
CA ASP B 87 3.73 14.73 -23.75
C ASP B 87 5.01 15.54 -23.96
N GLN B 88 5.81 15.71 -22.90
CA GLN B 88 7.04 16.48 -23.00
C GLN B 88 8.08 15.77 -23.86
N GLN B 89 8.16 14.44 -23.74
CA GLN B 89 9.08 13.69 -24.59
C GLN B 89 8.63 13.70 -26.05
N LEU B 90 7.33 13.62 -26.30
CA LEU B 90 6.82 13.69 -27.67
C LEU B 90 7.07 15.06 -28.28
N LEU B 91 7.04 16.12 -27.47
CA LEU B 91 7.50 17.42 -27.95
C LEU B 91 9.01 17.43 -28.19
N GLY B 92 9.78 16.74 -27.34
CA GLY B 92 11.23 16.78 -27.42
C GLY B 92 11.81 15.98 -28.56
N ILE B 93 11.07 15.00 -29.10
CA ILE B 93 11.55 14.24 -30.25
C ILE B 93 11.61 15.12 -31.49
N TRP B 94 10.63 16.01 -31.65
CA TRP B 94 10.49 16.79 -32.88
C TRP B 94 11.41 18.00 -32.95
N GLY B 95 12.30 18.18 -31.98
CA GLY B 95 13.09 19.40 -31.91
C GLY B 95 12.22 20.60 -31.61
N CYS B 96 11.27 20.45 -30.69
CA CYS B 96 10.17 21.36 -30.51
C CYS B 96 9.93 21.70 -29.05
N SER B 97 10.73 21.14 -28.14
CA SER B 97 10.52 21.32 -26.71
C SER B 97 10.98 22.70 -26.26
N GLY B 98 10.46 23.14 -25.11
CA GLY B 98 10.82 24.40 -24.52
C GLY B 98 10.02 25.59 -25.02
N LYS B 99 9.18 25.40 -26.02
CA LYS B 99 8.38 26.49 -26.58
C LYS B 99 6.97 25.99 -26.84
N LEU B 100 5.99 26.87 -26.61
CA LEU B 100 4.59 26.54 -26.81
C LEU B 100 4.19 26.65 -28.28
N ILE B 101 4.31 27.85 -28.85
CA ILE B 101 4.03 28.06 -30.27
C ILE B 101 5.30 27.68 -31.03
N CYS B 102 5.27 26.54 -31.70
CA CYS B 102 6.46 25.89 -32.25
C CYS B 102 6.24 25.61 -33.72
N CYS B 103 7.19 26.05 -34.54
CA CYS B 103 7.07 25.97 -35.99
C CYS B 103 7.91 24.82 -36.54
N THR B 104 7.49 24.29 -37.69
CA THR B 104 8.12 23.13 -38.29
C THR B 104 8.13 23.31 -39.81
N ASN B 105 9.23 22.91 -40.45
CA ASN B 105 9.46 23.10 -41.88
C ASN B 105 8.87 21.99 -42.75
N VAL B 106 7.85 21.29 -42.26
CA VAL B 106 7.17 20.25 -43.02
C VAL B 106 5.97 20.86 -43.75
N PRO B 107 5.85 20.67 -45.06
CA PRO B 107 4.70 21.24 -45.79
C PRO B 107 3.40 20.53 -45.45
N TRP B 108 2.30 21.25 -45.66
CA TRP B 108 0.96 20.79 -45.31
C TRP B 108 0.39 20.02 -46.50
N ASN B 109 0.30 18.69 -46.34
CA ASN B 109 -0.37 17.87 -47.34
C ASN B 109 -1.87 18.13 -47.29
N SER B 110 -2.46 18.39 -48.46
CA SER B 110 -3.86 18.80 -48.52
C SER B 110 -4.85 17.66 -48.30
N SER B 111 -4.37 16.41 -48.26
CA SER B 111 -5.27 15.28 -48.04
C SER B 111 -5.79 15.23 -46.61
N TRP B 112 -5.04 15.81 -45.66
CA TRP B 112 -5.52 15.87 -44.29
C TRP B 112 -6.68 16.86 -44.16
N SER B 113 -6.52 18.04 -44.75
CA SER B 113 -7.58 19.05 -44.77
C SER B 113 -7.35 19.94 -45.98
N ASN B 114 -8.44 20.25 -46.69
CA ASN B 114 -8.34 20.99 -47.95
C ASN B 114 -8.94 22.40 -47.86
N ARG B 115 -9.34 22.84 -46.68
CA ARG B 115 -9.89 24.18 -46.56
C ARG B 115 -8.77 25.22 -46.44
N ASN B 116 -9.09 26.45 -46.81
CA ASN B 116 -8.11 27.53 -46.81
C ASN B 116 -7.82 28.00 -45.39
N LEU B 117 -6.66 28.64 -45.22
CA LEU B 117 -6.23 29.12 -43.92
C LEU B 117 -7.02 30.34 -43.46
N SER B 118 -7.73 31.01 -44.38
CA SER B 118 -8.39 32.27 -44.06
C SER B 118 -9.58 32.08 -43.12
N GLU B 119 -10.34 31.00 -43.30
CA GLU B 119 -11.54 30.77 -42.50
C GLU B 119 -11.32 29.77 -41.37
N ILE B 120 -10.07 29.40 -41.10
CA ILE B 120 -9.80 28.53 -39.95
C ILE B 120 -9.51 29.35 -38.70
N TRP B 121 -8.64 30.34 -38.80
CA TRP B 121 -8.09 31.01 -37.63
C TRP B 121 -9.00 32.12 -37.08
N ASP B 122 -10.14 32.38 -37.72
CA ASP B 122 -11.07 33.38 -37.19
C ASP B 122 -12.54 32.98 -37.25
N ASN B 123 -12.87 31.77 -37.72
CA ASN B 123 -14.27 31.34 -37.78
C ASN B 123 -14.43 29.93 -37.23
N MET B 124 -13.54 29.50 -36.33
CA MET B 124 -13.53 28.15 -35.81
C MET B 124 -12.88 28.18 -34.44
N THR B 125 -13.23 27.21 -33.60
CA THR B 125 -12.60 27.04 -32.30
C THR B 125 -11.85 25.73 -32.26
N TRP B 126 -11.13 25.49 -31.15
CA TRP B 126 -10.18 24.40 -31.09
C TRP B 126 -10.85 23.02 -31.01
N LEU B 127 -12.10 22.97 -30.55
CA LEU B 127 -12.79 21.69 -30.40
C LEU B 127 -13.06 21.02 -31.74
N GLN B 128 -13.62 21.77 -32.70
CA GLN B 128 -13.81 21.21 -34.04
C GLN B 128 -12.48 20.95 -34.72
N TRP B 129 -11.47 21.79 -34.50
CA TRP B 129 -10.16 21.52 -35.09
C TRP B 129 -9.49 20.29 -34.46
N ASP B 130 -9.96 19.83 -33.30
CA ASP B 130 -9.64 18.47 -32.86
C ASP B 130 -10.53 17.43 -33.55
N LYS B 131 -11.79 17.76 -33.82
CA LYS B 131 -12.72 16.78 -34.42
C LYS B 131 -12.35 16.39 -35.85
N GLU B 132 -12.14 17.34 -36.75
CA GLU B 132 -11.78 16.90 -38.11
C GLU B 132 -10.31 16.51 -38.27
N ILE B 133 -9.49 16.61 -37.22
CA ILE B 133 -8.16 16.00 -37.26
C ILE B 133 -8.13 14.97 -36.13
N SER B 134 -9.27 14.33 -35.88
CA SER B 134 -9.26 13.14 -35.03
C SER B 134 -8.54 11.99 -35.70
N ASN B 135 -8.54 11.95 -37.03
CA ASN B 135 -7.83 10.96 -37.81
C ASN B 135 -6.61 11.60 -38.47
N TYR B 136 -5.80 10.75 -39.11
CA TYR B 136 -4.59 11.14 -39.86
C TYR B 136 -3.59 11.89 -38.99
N THR B 137 -3.44 11.47 -37.75
CA THR B 137 -2.56 12.12 -36.78
C THR B 137 -1.28 11.34 -36.52
N GLN B 138 -1.39 10.01 -36.45
CA GLN B 138 -0.24 9.16 -36.18
C GLN B 138 0.77 9.16 -37.32
N ILE B 139 0.34 9.47 -38.54
CA ILE B 139 1.29 9.64 -39.64
C ILE B 139 2.07 10.95 -39.49
N ILE B 140 1.40 12.01 -39.02
CA ILE B 140 2.08 13.29 -38.75
C ILE B 140 3.09 13.13 -37.64
N TYR B 141 2.72 12.38 -36.58
CA TYR B 141 3.58 12.17 -35.42
C TYR B 141 4.80 11.32 -35.73
N GLY B 142 4.86 10.68 -36.90
CA GLY B 142 6.05 9.98 -37.32
C GLY B 142 6.85 10.71 -38.37
N LEU B 143 6.16 11.47 -39.25
CA LEU B 143 6.92 12.23 -40.25
C LEU B 143 7.65 13.41 -39.63
N LEU B 144 7.09 14.01 -38.56
CA LEU B 144 7.85 15.02 -37.83
C LEU B 144 9.09 14.41 -37.16
N GLU B 145 8.94 13.17 -36.68
CA GLU B 145 10.07 12.44 -36.08
C GLU B 145 11.17 12.19 -37.09
N GLU B 146 10.81 11.81 -38.32
CA GLU B 146 11.84 11.53 -39.32
C GLU B 146 12.46 12.83 -39.86
N SER B 147 11.65 13.89 -39.98
CA SER B 147 12.15 15.19 -40.43
C SER B 147 13.17 15.77 -39.46
N GLN B 148 12.90 15.67 -38.15
CA GLN B 148 13.84 16.20 -37.17
C GLN B 148 15.13 15.39 -37.14
N ASN B 149 15.03 14.06 -37.32
CA ASN B 149 16.23 13.23 -37.32
C ASN B 149 17.10 13.52 -38.54
N GLN B 150 16.48 13.74 -39.71
CA GLN B 150 17.26 14.11 -40.87
C GLN B 150 17.82 15.53 -40.76
N GLN B 151 17.12 16.43 -40.05
CA GLN B 151 17.66 17.77 -39.81
C GLN B 151 18.86 17.71 -38.86
N GLU B 152 18.79 16.85 -37.85
CA GLU B 152 19.93 16.69 -36.94
C GLU B 152 21.12 16.05 -37.65
N LYS B 153 20.85 15.09 -38.55
CA LYS B 153 21.91 14.51 -39.38
C LYS B 153 22.59 15.56 -40.26
N ASN B 154 21.77 16.44 -40.87
CA ASN B 154 22.28 17.62 -41.55
C ASN B 154 23.11 18.49 -40.62
N GLU B 155 22.72 18.56 -39.34
CA GLU B 155 23.43 19.41 -38.39
C GLU B 155 24.83 18.91 -38.09
N GLN B 156 25.06 17.60 -37.86
CA GLN B 156 26.46 17.31 -37.53
C GLN B 156 27.30 17.13 -38.79
N ASP B 157 26.70 16.70 -39.92
CA ASP B 157 27.61 16.57 -41.05
C ASP B 157 27.86 17.91 -41.75
N LEU B 158 27.05 18.93 -41.45
CA LEU B 158 27.41 20.29 -41.84
C LEU B 158 28.58 20.80 -41.02
N LEU B 159 28.63 20.43 -39.73
CA LEU B 159 29.65 20.92 -38.81
C LEU B 159 30.91 20.06 -38.78
N ALA B 160 30.93 18.92 -39.46
CA ALA B 160 32.11 18.07 -39.46
C ALA B 160 33.22 18.67 -40.31
N LEU B 161 32.86 19.32 -41.41
CA LEU B 161 33.84 19.94 -42.31
C LEU B 161 34.42 21.22 -41.72
N LEU C 28 17.89 47.69 -17.08
CA LEU C 28 18.05 46.88 -15.88
C LEU C 28 16.97 45.81 -15.83
N TRP C 29 17.30 44.60 -16.27
CA TRP C 29 16.33 43.57 -16.58
C TRP C 29 16.61 42.28 -15.81
N VAL C 30 15.55 41.51 -15.61
CA VAL C 30 15.55 40.40 -14.66
C VAL C 30 16.29 39.22 -15.26
N THR C 31 17.27 38.71 -14.53
CA THR C 31 17.94 37.46 -14.86
C THR C 31 17.48 36.37 -13.90
N VAL C 32 17.50 35.12 -14.38
CA VAL C 32 16.97 33.98 -13.66
C VAL C 32 18.09 32.98 -13.42
N TYR C 33 18.30 32.62 -12.16
CA TYR C 33 19.31 31.66 -11.76
C TYR C 33 18.62 30.41 -11.23
N TYR C 34 19.18 29.24 -11.58
CA TYR C 34 18.65 27.96 -11.15
C TYR C 34 19.70 27.21 -10.35
N GLY C 35 19.31 26.70 -9.19
CA GLY C 35 20.21 25.91 -8.38
C GLY C 35 20.95 26.66 -7.29
N VAL C 36 20.57 27.89 -6.99
CA VAL C 36 21.25 28.67 -5.95
C VAL C 36 20.83 28.16 -4.58
N PRO C 37 21.75 28.12 -3.60
CA PRO C 37 21.38 27.56 -2.29
C PRO C 37 20.64 28.52 -1.37
N VAL C 38 19.32 28.33 -1.26
CA VAL C 38 18.51 28.92 -0.20
C VAL C 38 17.57 27.84 0.29
N TRP C 39 17.03 28.03 1.50
CA TRP C 39 16.11 27.06 2.05
C TRP C 39 15.09 27.74 2.94
N LYS C 40 13.96 27.08 3.11
CA LYS C 40 12.96 27.42 4.11
C LYS C 40 12.66 26.16 4.91
N ASP C 41 12.32 26.34 6.19
CA ASP C 41 12.00 25.19 7.03
C ASP C 41 10.67 24.56 6.63
N ALA C 42 10.60 23.23 6.72
CA ALA C 42 9.44 22.50 6.26
C ALA C 42 9.38 21.16 6.99
N GLU C 43 8.21 20.52 6.90
CA GLU C 43 7.96 19.23 7.52
C GLU C 43 7.74 18.18 6.43
N THR C 44 8.35 17.02 6.60
CA THR C 44 8.27 15.96 5.61
C THR C 44 8.45 14.61 6.30
N THR C 45 8.34 13.55 5.52
CA THR C 45 8.49 12.18 6.02
C THR C 45 9.90 11.68 5.71
N LEU C 46 10.54 11.09 6.72
CA LEU C 46 11.91 10.62 6.60
C LEU C 46 11.91 9.12 6.35
N PHE C 47 13.10 8.50 6.35
CA PHE C 47 13.22 7.06 6.23
C PHE C 47 14.45 6.60 6.99
N CYS C 48 14.47 5.32 7.35
CA CYS C 48 15.55 4.79 8.17
C CYS C 48 16.78 4.49 7.31
N ALA C 49 17.89 4.24 7.99
CA ALA C 49 19.06 3.60 7.40
C ALA C 49 19.83 2.93 8.53
N SER C 50 20.25 1.68 8.29
CA SER C 50 20.99 0.94 9.29
C SER C 50 21.94 -0.01 8.59
N ASP C 51 22.73 -0.73 9.39
CA ASP C 51 23.70 -1.68 8.85
C ASP C 51 23.10 -3.08 8.75
N ASN C 61 15.18 -8.49 15.58
CA ASN C 61 14.53 -7.91 16.73
C ASN C 61 13.37 -6.99 16.31
N VAL C 62 12.81 -6.29 17.30
CA VAL C 62 11.60 -5.50 17.09
C VAL C 62 11.85 -4.34 16.12
N TRP C 63 12.89 -3.55 16.36
CA TRP C 63 13.21 -2.41 15.51
C TRP C 63 13.73 -2.90 14.16
N ALA C 64 13.01 -2.56 13.10
CA ALA C 64 13.19 -3.19 11.79
C ALA C 64 14.50 -2.75 11.13
N THR C 65 15.58 -3.44 11.48
CA THR C 65 16.89 -3.12 10.91
C THR C 65 16.98 -3.59 9.46
N HIS C 66 16.36 -4.74 9.15
CA HIS C 66 16.51 -5.35 7.83
C HIS C 66 15.76 -4.60 6.73
N ALA C 67 14.84 -3.69 7.08
CA ALA C 67 14.09 -2.93 6.09
C ALA C 67 14.68 -1.53 5.88
N CYS C 68 15.99 -1.39 5.94
CA CYS C 68 16.65 -0.10 5.85
C CYS C 68 17.78 -0.15 4.83
N VAL C 69 17.98 0.97 4.15
CA VAL C 69 19.09 1.14 3.20
C VAL C 69 20.39 1.16 4.00
N PRO C 70 21.50 0.63 3.48
CA PRO C 70 22.78 0.80 4.17
C PRO C 70 23.24 2.25 4.20
N THR C 71 24.05 2.57 5.20
CA THR C 71 24.37 3.95 5.54
C THR C 71 25.30 4.58 4.51
N ASP C 72 25.37 5.93 4.58
CA ASP C 72 26.16 6.76 3.66
C ASP C 72 27.35 7.34 4.41
N PRO C 73 28.64 6.98 3.93
CA PRO C 73 29.82 7.09 4.83
C PRO C 73 30.61 8.41 4.78
N ASN C 74 30.88 8.97 5.97
CA ASN C 74 31.54 10.26 6.21
C ASN C 74 30.89 11.41 5.45
N PRO C 75 29.71 11.88 5.88
CA PRO C 75 29.09 13.05 5.23
C PRO C 75 29.82 14.32 5.63
N GLN C 76 30.35 15.03 4.65
CA GLN C 76 31.18 16.20 4.92
C GLN C 76 30.33 17.37 5.39
N GLU C 77 30.93 18.22 6.20
CA GLU C 77 30.27 19.34 6.84
C GLU C 77 30.71 20.66 6.22
N ILE C 78 29.87 21.68 6.40
CA ILE C 78 30.16 23.01 5.87
C ILE C 78 30.19 23.98 7.04
N HIS C 79 30.39 25.27 6.75
CA HIS C 79 30.39 26.30 7.78
C HIS C 79 29.73 27.55 7.22
N LEU C 80 28.49 27.79 7.63
CA LEU C 80 27.84 29.09 7.43
C LEU C 80 28.44 30.04 8.45
N GLU C 81 29.45 30.79 8.02
CA GLU C 81 30.23 31.60 8.95
C GLU C 81 29.57 32.94 9.27
N ASN C 82 28.47 33.28 8.59
CA ASN C 82 27.74 34.53 8.80
C ASN C 82 26.25 34.27 8.95
N VAL C 83 25.90 33.31 9.81
CA VAL C 83 24.52 32.86 9.97
C VAL C 83 23.99 33.29 11.33
N THR C 84 22.68 33.52 11.40
CA THR C 84 21.96 33.75 12.65
C THR C 84 20.65 32.96 12.67
N GLU C 85 20.62 31.82 11.97
CA GLU C 85 19.39 31.04 11.82
C GLU C 85 19.01 30.35 13.12
N GLU C 86 17.74 30.52 13.52
CA GLU C 86 17.27 29.98 14.79
C GLU C 86 17.05 28.48 14.68
N PHE C 87 17.40 27.77 15.74
CA PHE C 87 17.07 26.36 15.93
C PHE C 87 15.93 26.24 16.93
N ASN C 88 15.33 25.06 16.99
CA ASN C 88 14.24 24.82 17.92
C ASN C 88 14.33 23.38 18.42
N MET C 89 14.58 23.24 19.72
CA MET C 89 14.57 21.93 20.36
C MET C 89 13.17 21.32 20.36
N TRP C 90 12.16 22.14 20.62
CA TRP C 90 10.89 21.63 21.14
C TRP C 90 9.78 21.54 20.09
N LYS C 91 9.90 22.24 18.97
CA LYS C 91 8.81 22.33 18.00
C LYS C 91 9.28 21.91 16.62
N ASN C 92 9.95 20.76 16.54
CA ASN C 92 10.24 20.11 15.28
C ASN C 92 9.39 18.86 15.13
N ASN C 93 9.24 18.42 13.87
CA ASN C 93 8.40 17.26 13.57
C ASN C 93 9.22 15.97 13.68
N MET C 94 10.53 16.11 13.92
CA MET C 94 11.42 14.95 14.00
C MET C 94 11.07 14.03 15.17
N VAL C 95 10.86 14.59 16.36
CA VAL C 95 10.55 13.78 17.53
C VAL C 95 9.14 13.21 17.45
N GLU C 96 8.20 13.95 16.85
CA GLU C 96 6.85 13.45 16.67
C GLU C 96 6.82 12.28 15.69
N GLN C 97 7.58 12.38 14.61
CA GLN C 97 7.67 11.27 13.65
C GLN C 97 8.39 10.07 14.27
N MET C 98 9.40 10.33 15.10
CA MET C 98 10.06 9.26 15.86
C MET C 98 9.09 8.53 16.76
N HIS C 99 8.28 9.27 17.53
CA HIS C 99 7.36 8.63 18.47
C HIS C 99 6.26 7.85 17.74
N THR C 100 5.69 8.46 16.69
CA THR C 100 4.64 7.79 15.91
C THR C 100 5.16 6.54 15.20
N ASP C 101 6.38 6.61 14.66
CA ASP C 101 6.93 5.49 13.91
C ASP C 101 7.35 4.38 14.86
N ILE C 102 7.88 4.71 16.04
CA ILE C 102 8.22 3.69 17.04
C ILE C 102 6.97 2.99 17.55
N ILE C 103 5.89 3.74 17.80
CA ILE C 103 4.63 3.14 18.26
C ILE C 103 4.05 2.23 17.19
N SER C 104 4.03 2.69 15.93
CA SER C 104 3.46 1.89 14.84
C SER C 104 4.31 0.65 14.55
N LEU C 105 5.63 0.76 14.68
CA LEU C 105 6.50 -0.38 14.45
C LEU C 105 6.42 -1.39 15.59
N TRP C 106 6.23 -0.89 16.82
CA TRP C 106 5.97 -1.77 17.96
C TRP C 106 4.67 -2.54 17.79
N ASP C 107 3.64 -1.86 17.27
CA ASP C 107 2.37 -2.54 17.00
C ASP C 107 2.49 -3.52 15.84
N GLN C 108 3.37 -3.22 14.87
CA GLN C 108 3.59 -4.14 13.75
C GLN C 108 4.30 -5.41 14.20
N SER C 109 5.36 -5.26 15.00
CA SER C 109 6.20 -6.39 15.36
C SER C 109 5.55 -7.34 16.38
N LEU C 110 4.45 -6.95 17.00
CA LEU C 110 3.77 -7.77 18.00
C LEU C 110 2.73 -8.71 17.40
N LYS C 111 2.46 -8.61 16.11
CA LYS C 111 1.29 -9.25 15.50
C LYS C 111 1.38 -10.78 15.35
N PRO C 112 2.34 -11.37 14.53
CA PRO C 112 2.07 -12.68 13.90
C PRO C 112 2.39 -13.90 14.75
N CYS C 113 1.95 -13.88 16.01
CA CYS C 113 2.06 -15.04 16.90
C CYS C 113 1.01 -14.92 18.00
N VAL C 114 1.21 -15.66 19.11
CA VAL C 114 0.13 -16.08 20.01
C VAL C 114 -0.54 -14.90 20.70
N LYS C 115 -1.88 -14.94 20.74
CA LYS C 115 -2.69 -14.03 21.55
C LYS C 115 -3.38 -14.82 22.66
N LEU C 116 -3.18 -14.37 23.90
CA LEU C 116 -3.59 -15.14 25.08
C LEU C 116 -4.95 -14.68 25.60
N THR C 117 -5.98 -14.88 24.80
CA THR C 117 -7.33 -14.77 25.32
C THR C 117 -7.86 -15.91 26.22
N PRO C 118 -7.47 -17.20 26.12
CA PRO C 118 -8.05 -18.16 27.05
C PRO C 118 -7.32 -18.32 28.38
N LEU C 119 -6.24 -17.58 28.62
CA LEU C 119 -5.58 -17.64 29.92
C LEU C 119 -6.35 -16.86 30.98
N CYS C 120 -7.24 -15.96 30.57
CA CYS C 120 -8.04 -15.23 31.53
C CYS C 120 -9.09 -16.15 32.15
N VAL C 121 -8.69 -16.83 33.22
CA VAL C 121 -9.50 -17.83 33.90
C VAL C 121 -9.35 -17.52 35.39
N THR C 122 -10.16 -18.18 36.21
CA THR C 122 -9.98 -18.07 37.66
C THR C 122 -8.69 -18.77 38.09
N LEU C 123 -8.05 -18.22 39.13
CA LEU C 123 -6.77 -18.69 39.61
C LEU C 123 -6.86 -19.03 41.09
N GLN C 124 -6.23 -20.12 41.50
CA GLN C 124 -6.10 -20.47 42.90
C GLN C 124 -4.63 -20.35 43.28
N CYS C 125 -4.31 -19.36 44.10
CA CYS C 125 -2.93 -18.99 44.38
C CYS C 125 -2.63 -19.10 45.87
N THR C 126 -1.40 -19.51 46.17
CA THR C 126 -0.87 -19.57 47.52
C THR C 126 0.44 -18.79 47.57
N ASN C 127 1.14 -18.89 48.69
CA ASN C 127 2.42 -18.23 48.88
C ASN C 127 3.56 -19.24 48.73
N VAL C 128 4.72 -18.74 48.30
CA VAL C 128 5.90 -19.57 48.13
C VAL C 128 6.77 -19.50 49.36
N THR C 129 7.33 -20.65 49.74
CA THR C 129 8.25 -20.85 50.88
C THR C 129 7.70 -20.34 52.22
N GLY C 138 6.79 -11.84 50.94
CA GLY C 138 5.59 -12.36 50.31
C GLY C 138 5.23 -11.61 49.04
N GLU C 139 5.96 -11.88 47.96
CA GLU C 139 5.74 -11.21 46.68
C GLU C 139 5.34 -12.18 45.58
N LEU C 140 6.01 -13.30 45.44
CA LEU C 140 5.67 -14.26 44.41
C LEU C 140 4.45 -15.08 44.82
N LYS C 141 3.66 -15.47 43.83
CA LYS C 141 2.45 -16.26 44.05
C LYS C 141 2.53 -17.55 43.25
N ASN C 142 2.03 -18.64 43.85
CA ASN C 142 2.01 -19.96 43.22
C ASN C 142 0.58 -20.26 42.80
N CYS C 143 0.26 -19.97 41.56
CA CYS C 143 -1.10 -20.06 41.05
C CYS C 143 -1.28 -21.29 40.17
N SER C 144 -2.36 -22.01 40.40
CA SER C 144 -2.72 -23.19 39.61
C SER C 144 -4.12 -22.99 39.04
N PHE C 145 -4.30 -23.35 37.77
CA PHE C 145 -5.55 -23.10 37.08
C PHE C 145 -5.81 -24.20 36.05
N ASN C 146 -6.95 -24.09 35.38
CA ASN C 146 -7.33 -25.01 34.32
C ASN C 146 -7.14 -24.33 32.97
N MET C 147 -6.52 -25.03 32.03
CA MET C 147 -6.27 -24.49 30.71
C MET C 147 -6.57 -25.54 29.66
N THR C 148 -6.88 -25.07 28.45
CA THR C 148 -7.20 -25.96 27.34
C THR C 148 -5.92 -26.62 26.82
N THR C 149 -6.10 -27.72 26.10
CA THR C 149 -5.02 -28.42 25.43
C THR C 149 -5.16 -28.26 23.92
N GLU C 150 -4.29 -28.96 23.18
CA GLU C 150 -4.38 -28.94 21.72
C GLU C 150 -5.61 -29.67 21.22
N LEU C 151 -6.13 -30.63 21.98
CA LEU C 151 -7.45 -31.19 21.71
C LEU C 151 -8.52 -30.30 22.31
N ARG C 152 -9.63 -30.16 21.59
CA ARG C 152 -10.66 -29.21 22.00
C ARG C 152 -11.53 -29.72 23.14
N ASP C 153 -11.50 -31.01 23.46
CA ASP C 153 -12.29 -31.55 24.55
C ASP C 153 -11.51 -31.66 25.86
N LYS C 154 -10.23 -31.99 25.81
CA LYS C 154 -9.46 -32.30 27.00
C LYS C 154 -8.93 -31.03 27.66
N LYS C 155 -8.78 -31.09 28.97
CA LYS C 155 -8.29 -29.96 29.75
C LYS C 155 -7.23 -30.46 30.73
N GLN C 156 -6.37 -29.54 31.17
CA GLN C 156 -5.25 -29.89 32.04
C GLN C 156 -5.20 -28.93 33.22
N LYS C 157 -4.59 -29.40 34.31
CA LYS C 157 -4.38 -28.62 35.51
C LYS C 157 -2.90 -28.30 35.61
N VAL C 158 -2.54 -27.06 35.27
CA VAL C 158 -1.15 -26.63 35.26
C VAL C 158 -0.96 -25.57 36.34
N TYR C 159 0.30 -25.33 36.70
CA TYR C 159 0.66 -24.31 37.68
C TYR C 159 1.70 -23.37 37.10
N SER C 160 1.77 -22.18 37.68
CA SER C 160 2.75 -21.18 37.26
C SER C 160 3.03 -20.24 38.42
N LEU C 161 4.14 -19.51 38.30
CA LEU C 161 4.49 -18.49 39.28
C LEU C 161 4.17 -17.10 38.72
N PHE C 162 3.40 -16.34 39.47
CA PHE C 162 3.01 -14.99 39.08
C PHE C 162 3.43 -14.03 40.18
N TYR C 163 3.83 -12.82 39.77
CA TYR C 163 4.20 -11.79 40.72
C TYR C 163 2.95 -11.21 41.37
N ARG C 164 3.15 -10.38 42.41
CA ARG C 164 2.02 -9.76 43.08
C ARG C 164 1.43 -8.63 42.25
N LEU C 165 2.26 -7.95 41.45
CA LEU C 165 1.85 -6.73 40.77
C LEU C 165 0.89 -6.98 39.62
N ASP C 166 0.77 -8.21 39.13
CA ASP C 166 -0.09 -8.50 38.00
C ASP C 166 -1.18 -9.52 38.32
N VAL C 167 -1.56 -9.63 39.60
CA VAL C 167 -2.76 -10.37 40.01
C VAL C 167 -3.53 -9.53 41.01
N VAL C 168 -4.86 -9.62 40.93
CA VAL C 168 -5.74 -9.06 41.94
C VAL C 168 -6.67 -10.16 42.44
N GLN C 169 -7.27 -9.90 43.60
CA GLN C 169 -8.11 -10.87 44.28
C GLN C 169 -9.58 -10.61 43.95
N ILE C 170 -10.26 -11.66 43.49
CA ILE C 170 -11.69 -11.59 43.20
C ILE C 170 -12.43 -12.36 44.29
N ASN C 171 -13.47 -11.76 44.84
CA ASN C 171 -14.24 -12.37 45.92
C ASN C 171 -15.45 -13.10 45.38
N ASN C 182 -10.01 -16.03 49.81
CA ASN C 182 -8.63 -15.57 49.80
C ASN C 182 -7.77 -16.45 48.89
N LYS C 183 -8.41 -17.31 48.12
CA LYS C 183 -7.72 -18.22 47.23
C LYS C 183 -8.35 -18.22 45.83
N GLU C 184 -8.93 -17.09 45.43
CA GLU C 184 -9.48 -16.91 44.08
C GLU C 184 -8.93 -15.62 43.51
N TYR C 185 -8.07 -15.72 42.51
CA TYR C 185 -7.40 -14.56 41.93
C TYR C 185 -7.67 -14.50 40.43
N ARG C 186 -7.27 -13.39 39.82
CA ARG C 186 -7.32 -13.20 38.39
C ARG C 186 -6.27 -12.15 38.02
N LEU C 187 -5.92 -12.11 36.74
CA LEU C 187 -4.97 -11.11 36.26
C LEU C 187 -5.65 -9.75 36.16
N ILE C 188 -4.84 -8.70 36.09
CA ILE C 188 -5.41 -7.35 36.16
C ILE C 188 -5.84 -6.82 34.80
N ASN C 189 -5.53 -7.53 33.72
CA ASN C 189 -5.90 -7.08 32.39
C ASN C 189 -7.23 -7.64 31.90
N CYS C 190 -7.87 -8.54 32.66
CA CYS C 190 -9.08 -9.20 32.22
C CYS C 190 -10.30 -8.30 32.09
N ASN C 191 -10.31 -7.13 32.73
CA ASN C 191 -11.42 -6.22 32.55
C ASN C 191 -11.03 -5.01 31.70
N THR C 192 -9.90 -5.07 31.01
CA THR C 192 -9.54 -4.01 30.07
C THR C 192 -9.03 -4.48 28.71
N SER C 193 -8.50 -5.70 28.57
CA SER C 193 -7.91 -6.14 27.31
C SER C 193 -7.75 -7.66 27.31
N ALA C 194 -7.13 -8.15 26.24
CA ALA C 194 -6.68 -9.54 26.14
C ALA C 194 -5.53 -9.52 25.14
N CYS C 195 -4.30 -9.56 25.64
CA CYS C 195 -3.17 -9.07 24.88
C CYS C 195 -2.15 -10.16 24.56
N THR C 196 -1.06 -9.71 23.96
CA THR C 196 -0.14 -10.57 23.22
C THR C 196 1.13 -10.81 24.01
N GLN C 197 1.55 -12.07 24.07
CA GLN C 197 2.85 -12.41 24.63
C GLN C 197 3.97 -11.84 23.76
N ALA C 198 5.05 -11.38 24.42
CA ALA C 198 6.26 -11.05 23.69
C ALA C 198 6.80 -12.30 23.02
N CYS C 199 7.15 -12.16 21.75
CA CYS C 199 7.15 -13.31 20.85
C CYS C 199 8.58 -13.81 20.80
N PRO C 200 8.89 -14.98 21.39
CA PRO C 200 10.23 -15.20 21.98
C PRO C 200 11.42 -15.31 21.02
N LYS C 201 11.21 -15.09 19.72
CA LYS C 201 12.34 -14.98 18.81
C LYS C 201 12.87 -13.55 18.69
N VAL C 202 12.02 -12.54 18.85
CA VAL C 202 12.49 -11.17 18.71
C VAL C 202 13.20 -10.73 19.99
N SER C 203 14.02 -9.69 19.85
CA SER C 203 14.75 -9.11 20.97
C SER C 203 14.33 -7.65 21.14
N PHE C 204 14.73 -7.08 22.27
CA PHE C 204 14.41 -5.69 22.58
C PHE C 204 15.68 -4.84 22.70
N GLU C 205 16.75 -5.26 22.03
CA GLU C 205 18.00 -4.52 22.10
C GLU C 205 17.90 -3.22 21.31
N PRO C 206 18.33 -2.10 21.87
CA PRO C 206 18.26 -0.83 21.14
C PRO C 206 19.30 -0.72 20.03
N ILE C 207 19.00 -1.32 18.88
CA ILE C 207 19.87 -1.24 17.72
C ILE C 207 19.89 0.19 17.20
N PRO C 208 21.04 0.72 16.76
CA PRO C 208 21.07 2.10 16.25
C PRO C 208 20.27 2.28 14.97
N ILE C 209 19.64 3.44 14.85
CA ILE C 209 18.79 3.80 13.73
C ILE C 209 19.19 5.19 13.24
N HIS C 210 19.48 5.31 11.95
CA HIS C 210 19.79 6.60 11.33
C HIS C 210 18.62 7.00 10.44
N TYR C 211 18.08 8.21 10.67
CA TYR C 211 17.09 8.78 9.77
C TYR C 211 17.79 9.54 8.66
N CYS C 212 17.50 9.17 7.42
CA CYS C 212 18.13 9.84 6.29
C CYS C 212 17.06 10.43 5.38
N ALA C 213 17.31 11.70 4.95
CA ALA C 213 16.43 12.64 4.29
C ALA C 213 16.38 12.40 2.78
N PRO C 214 15.21 12.53 2.17
CA PRO C 214 15.11 12.33 0.72
C PRO C 214 15.69 13.51 -0.05
N ALA C 215 15.65 13.38 -1.38
CA ALA C 215 16.17 14.42 -2.24
C ALA C 215 15.27 15.65 -2.23
N GLY C 216 15.89 16.82 -2.34
CA GLY C 216 15.21 18.08 -2.19
C GLY C 216 15.21 18.62 -0.77
N PHE C 217 15.51 17.78 0.22
CA PHE C 217 15.63 18.18 1.61
C PHE C 217 17.00 17.80 2.13
N ALA C 218 17.53 18.64 3.01
CA ALA C 218 18.76 18.37 3.73
C ALA C 218 18.53 18.70 5.19
N ILE C 219 19.33 18.07 6.07
CA ILE C 219 19.22 18.31 7.49
C ILE C 219 20.52 18.92 8.00
N LEU C 220 20.37 19.92 8.87
CA LEU C 220 21.50 20.68 9.37
C LEU C 220 22.00 20.08 10.68
N LYS C 221 22.99 20.75 11.28
CA LYS C 221 23.60 20.26 12.50
C LYS C 221 24.18 21.44 13.27
N CYS C 222 23.61 21.74 14.43
CA CYS C 222 24.12 22.81 15.27
C CYS C 222 25.37 22.34 16.01
N LYS C 223 26.40 23.18 16.02
CA LYS C 223 27.67 22.84 16.64
C LYS C 223 28.04 23.75 17.80
N ASP C 224 27.14 24.63 18.24
CA ASP C 224 27.44 25.53 19.34
C ASP C 224 27.50 24.78 20.66
N LYS C 225 28.51 25.07 21.47
CA LYS C 225 28.75 24.30 22.68
C LYS C 225 27.74 24.64 23.78
N LYS C 226 27.47 25.92 24.00
CA LYS C 226 26.50 26.37 25.00
C LYS C 226 25.15 26.69 24.34
N PHE C 227 24.63 25.70 23.62
CA PHE C 227 23.39 25.86 22.85
C PHE C 227 22.26 25.24 23.66
N ASN C 228 21.34 26.07 24.14
CA ASN C 228 20.33 25.62 25.10
C ASN C 228 19.09 25.06 24.43
N GLY C 229 19.08 24.91 23.11
CA GLY C 229 18.00 24.29 22.39
C GLY C 229 17.06 25.27 21.71
N THR C 230 16.94 26.49 22.23
CA THR C 230 16.05 27.49 21.67
C THR C 230 16.84 28.77 21.46
N GLY C 231 16.77 29.33 20.26
CA GLY C 231 17.45 30.57 19.96
C GLY C 231 18.40 30.45 18.80
N PRO C 232 18.92 31.59 18.31
CA PRO C 232 19.82 31.58 17.15
C PRO C 232 21.22 31.14 17.54
N CYS C 233 21.61 29.95 17.10
CA CYS C 233 22.96 29.48 17.35
C CYS C 233 23.95 30.16 16.40
N PRO C 234 25.18 30.42 16.85
CA PRO C 234 26.15 31.13 15.99
C PRO C 234 26.87 30.27 14.97
N SER C 235 26.61 28.96 14.93
CA SER C 235 27.31 28.09 13.98
C SER C 235 26.34 27.02 13.48
N VAL C 236 26.15 26.97 12.16
CA VAL C 236 25.27 26.00 11.54
C VAL C 236 26.10 25.20 10.53
N SER C 237 26.10 23.88 10.67
CA SER C 237 26.70 22.98 9.71
C SER C 237 25.60 22.17 9.03
N THR C 238 26.01 21.32 8.09
CA THR C 238 25.08 20.38 7.48
C THR C 238 25.66 18.98 7.56
N VAL C 239 24.81 18.00 7.29
CA VAL C 239 25.19 16.60 7.25
C VAL C 239 24.21 15.94 6.28
N GLN C 240 24.61 14.81 5.69
CA GLN C 240 23.65 14.03 4.93
C GLN C 240 22.60 13.45 5.86
N CYS C 241 23.03 12.67 6.86
CA CYS C 241 22.10 12.13 7.83
C CYS C 241 22.76 11.74 9.14
N THR C 242 21.92 11.42 10.11
CA THR C 242 22.19 11.55 11.53
C THR C 242 23.12 10.45 12.04
N HIS C 243 23.40 10.52 13.34
CA HIS C 243 24.24 9.55 14.02
C HIS C 243 23.39 8.39 14.53
N GLY C 244 23.98 7.57 15.40
CA GLY C 244 23.33 6.37 15.90
C GLY C 244 22.41 6.57 17.09
N ILE C 245 21.20 7.08 16.86
CA ILE C 245 20.23 7.23 17.95
C ILE C 245 19.73 5.86 18.37
N LYS C 246 19.91 5.53 19.65
CA LYS C 246 19.47 4.26 20.19
C LYS C 246 18.12 4.44 20.87
N PRO C 247 17.06 3.80 20.39
CA PRO C 247 15.71 4.00 20.97
C PRO C 247 15.48 3.22 22.26
N VAL C 248 16.09 3.70 23.34
CA VAL C 248 15.84 3.13 24.66
C VAL C 248 14.55 3.69 25.23
N VAL C 249 13.94 2.94 26.14
CA VAL C 249 12.76 3.40 26.88
C VAL C 249 13.17 3.60 28.34
N SER C 250 12.76 4.73 28.90
CA SER C 250 13.24 5.13 30.22
C SER C 250 12.23 6.02 30.90
N THR C 251 12.41 6.20 32.20
CA THR C 251 11.65 7.17 32.96
C THR C 251 12.57 7.70 34.06
N GLN C 252 12.72 9.04 34.10
CA GLN C 252 13.48 9.87 35.04
C GLN C 252 14.94 9.45 35.24
N LEU C 253 15.49 8.59 34.38
CA LEU C 253 16.94 8.33 34.31
C LEU C 253 17.25 7.98 32.86
N LEU C 254 17.65 8.99 32.08
CA LEU C 254 18.06 8.72 30.71
C LEU C 254 19.40 8.01 30.69
N LEU C 255 19.46 6.88 30.01
CA LEU C 255 20.66 6.06 29.99
C LEU C 255 20.91 5.57 28.57
N ASN C 256 22.18 5.24 28.30
CA ASN C 256 22.69 4.85 26.98
C ASN C 256 22.42 5.93 25.93
N GLY C 257 22.98 7.11 26.16
CA GLY C 257 22.79 8.22 25.26
C GLY C 257 24.07 8.93 24.87
N SER C 258 23.94 10.14 24.34
CA SER C 258 25.09 10.94 23.92
C SER C 258 25.50 11.89 25.02
N LEU C 259 26.81 12.02 25.24
CA LEU C 259 27.35 12.83 26.31
C LEU C 259 27.36 14.31 25.91
N ALA C 260 27.85 15.17 26.79
CA ALA C 260 27.88 16.59 26.55
C ALA C 260 29.30 17.02 26.20
N GLU C 261 29.46 18.30 25.86
CA GLU C 261 30.72 18.80 25.31
C GLU C 261 31.66 19.35 26.38
N GLU C 262 31.22 20.36 27.12
CA GLU C 262 32.12 20.95 28.11
C GLU C 262 31.50 21.05 29.50
N GLU C 263 30.18 21.12 29.60
CA GLU C 263 29.48 21.31 30.87
C GLU C 263 28.14 20.57 30.82
N VAL C 264 27.29 20.85 31.79
CA VAL C 264 26.01 20.18 31.95
C VAL C 264 24.91 21.20 31.74
N MET C 265 24.08 21.01 30.70
CA MET C 265 23.16 22.05 30.28
C MET C 265 21.77 21.90 30.92
N ILE C 266 21.05 23.02 30.97
CA ILE C 266 19.71 23.09 31.56
C ILE C 266 18.78 23.65 30.49
N ARG C 267 17.78 22.86 30.11
CA ARG C 267 16.96 23.12 28.93
C ARG C 267 15.47 23.06 29.29
N SER C 268 14.72 24.09 28.90
CA SER C 268 13.29 24.14 29.15
C SER C 268 12.64 25.13 28.19
N GLU C 269 11.30 25.12 28.17
CA GLU C 269 10.53 26.14 27.46
C GLU C 269 10.79 27.51 28.09
N ASN C 270 10.32 27.67 29.33
CA ASN C 270 10.64 28.77 30.20
C ASN C 270 11.05 28.22 31.55
N ILE C 271 12.01 28.88 32.20
CA ILE C 271 12.49 28.41 33.49
C ILE C 271 11.59 28.89 34.63
N THR C 272 10.67 29.83 34.36
CA THR C 272 9.80 30.39 35.38
C THR C 272 8.40 29.77 35.35
N ASN C 273 8.29 28.51 34.96
CA ASN C 273 7.02 27.82 34.94
C ASN C 273 7.21 26.43 35.54
N ASN C 274 6.33 26.08 36.47
CA ASN C 274 6.32 24.73 37.05
C ASN C 274 5.39 23.78 36.30
N ALA C 275 5.51 23.76 34.97
CA ALA C 275 4.76 22.83 34.15
C ALA C 275 5.56 22.29 32.97
N LYS C 276 6.84 22.65 32.84
CA LYS C 276 7.68 22.21 31.74
C LYS C 276 8.90 21.51 32.31
N ASN C 277 9.21 20.33 31.76
CA ASN C 277 10.27 19.50 32.31
C ASN C 277 11.64 20.08 32.01
N ILE C 278 12.56 19.93 32.96
CA ILE C 278 13.94 20.34 32.82
C ILE C 278 14.75 19.12 32.42
N LEU C 279 15.36 19.17 31.23
CA LEU C 279 16.02 18.01 30.64
C LEU C 279 17.52 18.19 30.85
N VAL C 280 18.02 17.62 31.94
CA VAL C 280 19.44 17.68 32.26
C VAL C 280 20.17 16.61 31.46
N GLN C 281 21.28 16.99 30.82
CA GLN C 281 22.15 16.04 30.13
C GLN C 281 23.54 16.08 30.76
N PHE C 282 24.03 14.91 31.15
CA PHE C 282 25.30 14.80 31.86
C PHE C 282 26.49 15.03 30.94
N ASN C 283 27.61 15.38 31.56
CA ASN C 283 28.92 15.45 30.92
C ASN C 283 29.68 14.14 31.10
N THR C 284 29.93 13.75 32.34
CA THR C 284 30.63 12.52 32.65
C THR C 284 29.64 11.36 32.73
N PRO C 285 30.03 10.17 32.27
CA PRO C 285 29.11 9.03 32.35
C PRO C 285 29.11 8.42 33.75
N VAL C 286 27.92 8.17 34.27
CA VAL C 286 27.74 7.57 35.59
C VAL C 286 27.21 6.16 35.36
N GLN C 287 27.97 5.16 35.81
CA GLN C 287 27.71 3.77 35.44
C GLN C 287 26.80 3.11 36.47
N ILE C 288 25.70 2.52 35.98
CA ILE C 288 24.78 1.74 36.80
C ILE C 288 24.75 0.32 36.27
N ASN C 289 24.82 -0.65 37.19
CA ASN C 289 24.87 -2.06 36.81
C ASN C 289 24.11 -2.89 37.83
N CYS C 290 23.38 -3.90 37.34
CA CYS C 290 22.58 -4.72 38.25
C CYS C 290 22.18 -6.06 37.66
N THR C 291 21.53 -6.85 38.52
CA THR C 291 21.24 -8.26 38.32
C THR C 291 19.84 -8.57 38.80
N ARG C 292 19.33 -9.71 38.36
CA ARG C 292 18.21 -10.37 39.04
C ARG C 292 18.73 -11.67 39.63
N PRO C 293 18.88 -11.76 40.95
CA PRO C 293 19.59 -12.91 41.54
C PRO C 293 18.81 -14.21 41.56
N ASN C 294 17.53 -14.22 41.19
CA ASN C 294 16.79 -15.46 41.13
C ASN C 294 17.20 -16.28 39.91
N ASN C 295 16.85 -17.56 39.94
CA ASN C 295 17.16 -18.50 38.86
C ASN C 295 15.84 -19.07 38.35
N ASN C 296 15.23 -18.39 37.39
CA ASN C 296 13.95 -18.82 36.84
C ASN C 296 14.15 -20.00 35.89
N THR C 297 13.08 -20.77 35.72
CA THR C 297 13.02 -21.85 34.74
C THR C 297 11.78 -21.66 33.89
N ARG C 298 11.90 -21.91 32.59
CA ARG C 298 10.82 -21.70 31.64
C ARG C 298 10.31 -23.04 31.15
N LYS C 299 9.01 -23.28 31.35
CA LYS C 299 8.35 -24.46 30.82
C LYS C 299 7.36 -24.06 29.75
N SER C 300 7.07 -24.99 28.84
CA SER C 300 6.22 -24.72 27.68
C SER C 300 4.88 -25.40 27.90
N ILE C 301 3.88 -24.62 28.32
CA ILE C 301 2.51 -25.09 28.42
C ILE C 301 1.83 -24.82 27.08
N ARG C 302 1.37 -25.88 26.43
CA ARG C 302 0.69 -25.75 25.15
C ARG C 302 -0.78 -25.44 25.38
N ILE C 303 -1.24 -24.35 24.79
CA ILE C 303 -2.62 -23.90 24.94
C ILE C 303 -3.54 -24.61 23.98
N GLY C 304 -3.21 -24.60 22.69
CA GLY C 304 -4.06 -25.18 21.69
C GLY C 304 -3.27 -25.72 20.51
N PRO C 305 -3.86 -25.64 19.32
CA PRO C 305 -3.20 -26.21 18.13
C PRO C 305 -2.03 -25.37 17.63
N GLY C 306 -0.88 -25.48 18.30
CA GLY C 306 0.34 -24.87 17.83
C GLY C 306 0.72 -23.56 18.49
N GLN C 307 -0.05 -23.08 19.46
CA GLN C 307 0.30 -21.89 20.22
C GLN C 307 0.57 -22.29 21.65
N ALA C 308 1.72 -21.86 22.18
CA ALA C 308 2.19 -22.27 23.49
C ALA C 308 2.13 -21.10 24.46
N PHE C 309 2.40 -21.40 25.73
CA PHE C 309 2.49 -20.40 26.79
C PHE C 309 3.71 -20.73 27.62
N TYR C 310 4.57 -19.74 27.83
CA TYR C 310 5.83 -19.94 28.55
C TYR C 310 5.63 -19.48 29.98
N ALA C 311 5.41 -20.43 30.88
CA ALA C 311 5.12 -20.15 32.28
C ALA C 311 6.42 -20.15 33.10
N THR C 312 6.36 -19.46 34.24
CA THR C 312 7.48 -19.44 35.17
C THR C 312 7.49 -20.73 35.98
N GLY C 313 8.62 -21.43 35.98
CA GLY C 313 8.76 -22.66 36.72
C GLY C 313 9.20 -22.42 38.15
N ASP C 314 9.87 -23.42 38.71
CA ASP C 314 10.35 -23.32 40.08
C ASP C 314 11.65 -22.53 40.15
N ILE C 315 11.96 -22.05 41.34
CA ILE C 315 13.20 -21.33 41.60
C ILE C 315 14.26 -22.34 42.02
N ILE C 316 15.38 -22.36 41.28
CA ILE C 316 16.44 -23.34 41.53
C ILE C 316 17.15 -23.02 42.84
N GLY C 317 17.56 -21.77 43.02
CA GLY C 317 18.31 -21.39 44.20
C GLY C 317 17.46 -20.77 45.29
N ASP C 318 17.87 -19.60 45.77
CA ASP C 318 17.16 -18.87 46.81
C ASP C 318 16.62 -17.56 46.24
N ILE C 319 15.45 -17.15 46.71
CA ILE C 319 14.81 -15.94 46.21
C ILE C 319 15.36 -14.72 46.93
N ARG C 320 15.90 -13.77 46.16
CA ARG C 320 16.31 -12.47 46.65
C ARG C 320 15.77 -11.41 45.71
N GLN C 321 15.49 -10.23 46.25
CA GLN C 321 14.91 -9.15 45.45
C GLN C 321 15.95 -8.55 44.52
N ALA C 322 15.48 -8.03 43.39
CA ALA C 322 16.36 -7.35 42.45
C ALA C 322 16.74 -5.97 42.99
N HIS C 323 17.98 -5.57 42.73
CA HIS C 323 18.48 -4.31 43.26
C HIS C 323 19.48 -3.73 42.28
N CYS C 324 19.39 -2.41 42.05
CA CYS C 324 20.36 -1.72 41.20
C CYS C 324 21.08 -0.65 42.00
N ASN C 325 22.42 -0.73 42.00
CA ASN C 325 23.24 0.14 42.82
C ASN C 325 24.22 0.92 41.94
N VAL C 326 24.60 2.10 42.44
CA VAL C 326 25.48 3.01 41.73
C VAL C 326 26.50 3.54 42.73
N SER C 327 27.64 4.00 42.23
CA SER C 327 28.70 4.51 43.09
C SER C 327 28.28 5.80 43.79
N LYS C 328 28.66 5.92 45.05
CA LYS C 328 28.21 7.04 45.89
C LYS C 328 28.92 8.34 45.53
N ALA C 329 30.25 8.28 45.38
CA ALA C 329 31.03 9.50 45.17
C ALA C 329 30.81 10.07 43.78
N THR C 330 30.68 9.21 42.77
CA THR C 330 30.42 9.67 41.41
C THR C 330 29.06 10.35 41.30
N TRP C 331 28.03 9.76 41.91
CA TRP C 331 26.72 10.39 41.93
C TRP C 331 26.72 11.67 42.74
N ASN C 332 27.50 11.72 43.83
CA ASN C 332 27.60 12.93 44.62
C ASN C 332 28.24 14.08 43.84
N GLU C 333 29.32 13.79 43.11
CA GLU C 333 29.97 14.86 42.36
C GLU C 333 29.18 15.24 41.11
N THR C 334 28.43 14.31 40.52
CA THR C 334 27.59 14.66 39.39
C THR C 334 26.40 15.52 39.82
N LEU C 335 25.80 15.18 40.96
CA LEU C 335 24.75 16.02 41.54
C LEU C 335 25.30 17.38 41.95
N GLY C 336 26.56 17.41 42.40
CA GLY C 336 27.20 18.69 42.71
C GLY C 336 27.40 19.55 41.47
N LYS C 337 27.79 18.94 40.35
CA LYS C 337 27.91 19.67 39.08
C LYS C 337 26.56 20.21 38.63
N VAL C 338 25.50 19.39 38.76
CA VAL C 338 24.16 19.81 38.35
C VAL C 338 23.68 20.98 39.22
N VAL C 339 23.86 20.88 40.54
CA VAL C 339 23.40 21.96 41.41
C VAL C 339 24.30 23.18 41.32
N LYS C 340 25.56 23.01 40.89
CA LYS C 340 26.44 24.16 40.70
C LYS C 340 26.04 24.96 39.48
N GLN C 341 25.75 24.29 38.37
CA GLN C 341 25.48 25.05 37.16
C GLN C 341 23.98 25.31 36.96
N LEU C 342 23.12 24.75 37.82
CA LEU C 342 21.69 24.99 37.70
C LEU C 342 21.22 26.24 38.45
N ARG C 343 22.03 26.75 39.39
CA ARG C 343 21.59 27.91 40.18
C ARG C 343 21.64 29.22 39.39
N LYS C 344 22.22 29.22 38.19
CA LYS C 344 22.30 30.43 37.38
C LYS C 344 20.95 30.86 36.81
N HIS C 345 19.92 30.00 36.87
CA HIS C 345 18.61 30.33 36.34
C HIS C 345 17.57 30.63 37.40
N PHE C 346 17.83 30.29 38.67
CA PHE C 346 16.82 30.40 39.71
C PHE C 346 17.23 31.33 40.85
N GLY C 347 18.42 31.89 40.82
CA GLY C 347 18.89 32.73 41.90
C GLY C 347 20.20 32.24 42.48
N ASN C 348 21.10 33.17 42.80
CA ASN C 348 22.45 32.80 43.23
C ASN C 348 22.53 32.47 44.72
N ASN C 349 21.55 32.88 45.51
CA ASN C 349 21.46 32.51 46.92
C ASN C 349 20.10 31.84 47.12
N THR C 350 20.05 30.54 46.82
CA THR C 350 18.83 29.77 46.91
C THR C 350 19.16 28.42 47.54
N ILE C 351 18.12 27.78 48.08
CA ILE C 351 18.23 26.45 48.66
C ILE C 351 17.66 25.45 47.67
N ILE C 352 18.49 24.50 47.23
CA ILE C 352 18.08 23.46 46.30
C ILE C 352 18.07 22.15 47.08
N ARG C 353 16.89 21.56 47.23
CA ARG C 353 16.72 20.31 47.95
C ARG C 353 16.04 19.29 47.04
N PHE C 354 16.53 18.07 47.07
CA PHE C 354 16.09 17.01 46.18
C PHE C 354 15.23 16.01 46.95
N ALA C 355 14.03 15.76 46.45
CA ALA C 355 13.10 14.81 47.04
C ALA C 355 12.86 13.66 46.07
N ASN C 356 12.05 12.70 46.51
CA ASN C 356 11.72 11.55 45.68
C ASN C 356 10.54 11.91 44.76
N SER C 357 9.96 10.90 44.11
CA SER C 357 8.93 11.13 43.12
C SER C 357 7.63 11.58 43.77
N SER C 358 6.78 12.23 42.96
CA SER C 358 5.54 12.80 43.48
C SER C 358 4.51 11.72 43.74
N GLY C 359 4.11 11.01 42.70
CA GLY C 359 3.11 9.96 42.85
C GLY C 359 2.45 9.67 41.52
N GLY C 360 1.47 8.76 41.58
CA GLY C 360 0.72 8.37 40.40
C GLY C 360 0.89 6.91 40.05
N ASP C 361 1.01 6.62 38.76
CA ASP C 361 1.19 5.25 38.30
C ASP C 361 2.62 4.78 38.59
N LEU C 362 2.82 3.46 38.48
CA LEU C 362 4.13 2.88 38.73
C LEU C 362 5.12 3.16 37.60
N GLU C 363 4.63 3.54 36.42
CA GLU C 363 5.51 3.80 35.29
C GLU C 363 6.15 5.18 35.36
N VAL C 364 5.61 6.09 36.17
CA VAL C 364 6.09 7.47 36.22
C VAL C 364 6.74 7.71 37.58
N THR C 365 6.33 6.93 38.58
CA THR C 365 6.92 7.07 39.91
C THR C 365 8.32 6.48 39.97
N THR C 366 8.52 5.34 39.33
CA THR C 366 9.73 4.56 39.45
C THR C 366 10.52 4.58 38.14
N HIS C 367 11.83 4.38 38.25
CA HIS C 367 12.69 4.25 37.08
C HIS C 367 12.41 2.92 36.38
N SER C 368 11.88 2.99 35.17
CA SER C 368 11.49 1.80 34.42
C SER C 368 12.40 1.63 33.22
N PHE C 369 13.05 0.48 33.12
CA PHE C 369 13.90 0.15 31.99
C PHE C 369 13.76 -1.32 31.68
N ASN C 370 14.41 -1.75 30.60
CA ASN C 370 14.30 -3.12 30.11
C ASN C 370 15.72 -3.67 29.99
N CYS C 371 16.10 -4.53 30.95
CA CYS C 371 17.44 -5.12 30.97
C CYS C 371 17.32 -6.56 30.48
N GLY C 372 17.50 -6.74 29.17
CA GLY C 372 17.59 -8.06 28.58
C GLY C 372 16.29 -8.81 28.42
N GLY C 373 15.16 -8.21 28.76
CA GLY C 373 13.86 -8.85 28.65
C GLY C 373 13.03 -8.85 29.91
N GLU C 374 13.60 -8.51 31.07
CA GLU C 374 12.85 -8.33 32.30
C GLU C 374 12.75 -6.85 32.60
N PHE C 375 11.55 -6.38 32.89
CA PHE C 375 11.25 -4.96 33.00
C PHE C 375 11.32 -4.56 34.46
N PHE C 376 12.33 -3.78 34.82
CA PHE C 376 12.56 -3.37 36.19
C PHE C 376 11.79 -2.08 36.50
N TYR C 377 11.47 -1.90 37.78
CA TYR C 377 10.68 -0.77 38.25
C TYR C 377 11.29 -0.20 39.52
N CYS C 378 12.58 0.09 39.46
CA CYS C 378 13.39 0.40 40.64
C CYS C 378 12.98 1.71 41.32
N ASN C 379 13.12 1.72 42.65
CA ASN C 379 12.54 2.76 43.50
C ASN C 379 13.15 4.13 43.27
N THR C 380 14.47 4.17 43.03
CA THR C 380 15.35 5.37 42.88
C THR C 380 14.97 6.52 43.83
N SER C 381 14.77 6.18 45.10
CA SER C 381 14.56 7.18 46.14
C SER C 381 15.80 7.45 46.97
N GLY C 382 16.82 6.59 46.91
CA GLY C 382 18.07 6.83 47.57
C GLY C 382 19.05 7.69 46.80
N LEU C 383 18.70 8.07 45.58
CA LEU C 383 19.53 8.94 44.75
C LEU C 383 19.16 10.40 44.90
N PHE C 384 17.87 10.72 44.82
CA PHE C 384 17.40 12.10 44.88
C PHE C 384 16.94 12.42 46.31
N ASN C 385 17.91 12.46 47.22
CA ASN C 385 17.63 12.81 48.61
C ASN C 385 18.87 13.54 49.15
N SER C 386 18.84 14.87 49.02
CA SER C 386 19.94 15.72 49.48
C SER C 386 19.43 17.16 49.53
N THR C 387 20.14 17.98 50.31
CA THR C 387 19.92 19.41 50.34
C THR C 387 21.27 20.11 50.13
N TRP C 388 21.24 21.29 49.52
CA TRP C 388 22.44 22.01 49.15
C TRP C 388 22.33 23.45 49.62
N ILE C 389 23.37 23.92 50.31
CA ILE C 389 23.43 25.28 50.83
C ILE C 389 24.82 25.84 50.56
N SER C 390 24.88 27.13 50.27
CA SER C 390 26.15 27.79 49.99
C SER C 390 26.99 27.95 51.26
N ASP C 404 31.45 2.41 48.85
CA ASP C 404 30.07 2.77 49.18
C ASP C 404 29.25 2.75 47.90
N SER C 405 28.12 2.06 47.94
CA SER C 405 27.18 2.01 46.82
C SER C 405 25.78 2.25 47.34
N ILE C 406 24.97 2.92 46.53
CA ILE C 406 23.59 3.27 46.89
C ILE C 406 22.70 2.22 46.25
N THR C 407 22.35 1.19 47.02
CA THR C 407 21.46 0.16 46.50
C THR C 407 20.02 0.67 46.48
N LEU C 408 19.23 0.13 45.55
CA LEU C 408 17.86 0.57 45.33
C LEU C 408 16.96 -0.67 45.27
N PRO C 409 15.98 -0.80 46.16
CA PRO C 409 15.07 -1.96 46.10
C PRO C 409 14.19 -1.88 44.86
N CYS C 410 14.19 -2.94 44.06
CA CYS C 410 13.63 -2.89 42.72
C CYS C 410 12.75 -4.11 42.49
N ARG C 411 11.58 -3.90 41.88
CA ARG C 411 10.60 -4.94 41.67
C ARG C 411 10.27 -5.08 40.19
N ILE C 412 9.74 -6.24 39.82
CA ILE C 412 9.61 -6.66 38.42
C ILE C 412 8.14 -6.96 38.14
N LYS C 413 7.63 -6.41 37.03
CA LYS C 413 6.26 -6.61 36.57
C LYS C 413 6.29 -7.28 35.21
N GLN C 414 5.28 -8.11 34.92
CA GLN C 414 5.26 -8.89 33.69
C GLN C 414 4.37 -8.31 32.59
N ILE C 415 3.11 -7.97 32.90
CA ILE C 415 2.21 -7.45 31.89
C ILE C 415 2.31 -5.93 31.85
N ILE C 416 2.42 -5.38 30.64
CA ILE C 416 2.99 -4.05 30.42
C ILE C 416 2.05 -3.25 29.52
N ASN C 417 1.72 -2.02 29.95
CA ASN C 417 1.17 -1.01 29.04
C ASN C 417 2.31 -0.04 28.73
N MET C 418 2.88 -0.14 27.53
CA MET C 418 4.13 0.57 27.25
C MET C 418 3.90 2.06 27.00
N TRP C 419 3.23 2.39 25.91
CA TRP C 419 3.17 3.79 25.47
C TRP C 419 1.93 4.50 25.99
N GLN C 420 1.69 4.36 27.31
CA GLN C 420 0.57 4.98 28.05
C GLN C 420 -0.78 4.75 27.39
N ARG C 421 -0.99 3.56 26.83
CA ARG C 421 -2.18 3.24 26.06
C ARG C 421 -3.08 2.29 26.85
N ILE C 422 -4.37 2.60 26.89
CA ILE C 422 -5.37 1.77 27.56
C ILE C 422 -6.11 0.99 26.50
N GLY C 423 -6.15 -0.34 26.65
CA GLY C 423 -6.87 -1.22 25.77
C GLY C 423 -6.05 -2.34 25.17
N GLN C 424 -4.72 -2.29 25.29
CA GLN C 424 -3.85 -3.35 24.79
C GLN C 424 -2.56 -3.39 25.61
N CYS C 425 -2.32 -4.53 26.26
CA CYS C 425 -1.16 -4.76 27.11
C CYS C 425 -0.08 -5.55 26.36
N MET C 426 0.90 -6.05 27.11
CA MET C 426 1.97 -6.86 26.53
C MET C 426 2.51 -7.79 27.60
N TYR C 427 2.56 -9.08 27.31
CA TYR C 427 3.04 -10.08 28.26
C TYR C 427 4.50 -10.40 27.98
N ALA C 428 5.35 -10.27 28.99
CA ALA C 428 6.77 -10.59 28.84
C ALA C 428 7.04 -11.96 29.45
N PRO C 429 7.55 -12.92 28.69
CA PRO C 429 7.81 -14.26 29.22
C PRO C 429 9.01 -14.25 30.16
N PRO C 430 9.08 -15.19 31.09
CA PRO C 430 10.27 -15.30 31.93
C PRO C 430 11.47 -15.78 31.13
N ILE C 431 12.65 -15.32 31.55
CA ILE C 431 13.92 -15.69 30.94
C ILE C 431 14.77 -16.39 31.99
N GLN C 432 15.25 -17.59 31.65
CA GLN C 432 16.00 -18.42 32.58
C GLN C 432 17.39 -17.85 32.85
N GLY C 433 17.94 -18.22 33.99
CA GLY C 433 19.26 -17.77 34.38
C GLY C 433 19.25 -16.40 35.04
N VAL C 434 20.43 -15.99 35.47
CA VAL C 434 20.61 -14.65 35.99
C VAL C 434 20.97 -13.73 34.84
N ILE C 435 20.46 -12.50 34.90
CA ILE C 435 20.64 -11.51 33.84
C ILE C 435 21.42 -10.34 34.41
N ARG C 436 22.37 -9.82 33.63
CA ARG C 436 23.18 -8.68 34.02
C ARG C 436 23.19 -7.65 32.90
N CYS C 437 23.37 -6.39 33.26
CA CYS C 437 23.54 -5.32 32.28
C CYS C 437 24.32 -4.17 32.90
N VAL C 438 25.33 -3.70 32.20
CA VAL C 438 26.04 -2.48 32.56
C VAL C 438 25.56 -1.36 31.63
N SER C 439 25.43 -0.15 32.19
CA SER C 439 24.89 0.97 31.43
C SER C 439 25.34 2.27 32.09
N ASN C 440 25.33 3.33 31.29
CA ASN C 440 25.78 4.65 31.73
C ASN C 440 24.60 5.62 31.73
N ILE C 441 24.39 6.29 32.87
CA ILE C 441 23.34 7.31 32.98
C ILE C 441 23.83 8.59 32.33
N THR C 442 23.15 9.03 31.28
CA THR C 442 23.51 10.23 30.54
C THR C 442 22.36 11.24 30.50
N GLY C 443 21.56 11.33 31.57
CA GLY C 443 20.50 12.32 31.56
C GLY C 443 19.42 12.17 32.62
N LEU C 444 18.83 13.30 33.02
CA LEU C 444 17.76 13.34 34.00
C LEU C 444 16.62 14.22 33.50
N ILE C 445 15.42 13.96 34.02
CA ILE C 445 14.19 14.57 33.53
C ILE C 445 13.50 15.29 34.71
N LEU C 446 14.28 16.04 35.50
CA LEU C 446 13.75 16.83 36.62
C LEU C 446 12.60 17.74 36.22
N THR C 447 11.66 17.91 37.15
CA THR C 447 10.57 18.87 37.02
C THR C 447 10.65 19.87 38.17
N ARG C 448 9.65 20.74 38.29
CA ARG C 448 9.62 21.73 39.36
C ARG C 448 8.25 21.76 40.01
N ASP C 449 8.23 21.69 41.34
CA ASP C 449 7.02 21.96 42.12
C ASP C 449 7.22 23.31 42.79
N GLY C 450 6.62 24.36 42.21
CA GLY C 450 6.81 25.70 42.67
C GLY C 450 5.92 26.08 43.83
N GLY C 451 6.02 27.35 44.22
CA GLY C 451 5.21 27.86 45.31
C GLY C 451 5.20 29.37 45.29
N SER C 452 4.59 29.94 46.32
CA SER C 452 4.53 31.39 46.46
C SER C 452 5.92 31.95 46.79
N THR C 453 6.12 33.22 46.44
CA THR C 453 7.41 33.87 46.66
C THR C 453 7.43 34.43 48.09
N ASN C 454 7.67 33.52 49.04
CA ASN C 454 7.93 33.86 50.42
C ASN C 454 9.07 33.09 51.04
N SER C 455 9.61 32.07 50.37
CA SER C 455 10.70 31.26 50.86
C SER C 455 11.71 31.03 49.74
N THR C 456 12.95 30.75 50.13
CA THR C 456 14.06 30.63 49.19
C THR C 456 14.36 29.19 48.81
N THR C 457 13.59 28.22 49.30
CA THR C 457 13.82 26.82 48.97
C THR C 457 13.15 26.47 47.65
N GLU C 458 13.77 25.56 46.90
CA GLU C 458 13.26 25.12 45.61
C GLU C 458 13.12 23.61 45.61
N THR C 459 11.92 23.13 45.32
CA THR C 459 11.60 21.70 45.38
C THR C 459 11.61 21.14 43.96
N PHE C 460 12.65 20.37 43.64
CA PHE C 460 12.84 19.81 42.30
C PHE C 460 12.73 18.29 42.37
N ARG C 461 11.51 17.79 42.28
CA ARG C 461 11.24 16.36 42.23
C ARG C 461 11.45 15.84 40.82
N PRO C 462 12.09 14.67 40.67
CA PRO C 462 12.23 14.08 39.34
C PRO C 462 10.89 13.56 38.82
N GLY C 463 10.79 13.51 37.49
CA GLY C 463 9.56 13.08 36.86
C GLY C 463 9.84 12.51 35.49
N GLY C 464 8.77 12.10 34.82
CA GLY C 464 8.89 11.53 33.49
C GLY C 464 7.57 11.04 32.94
N GLY C 465 7.57 9.85 32.34
CA GLY C 465 6.38 9.27 31.77
C GLY C 465 6.06 9.68 30.36
N ASP C 466 6.48 10.87 29.93
CA ASP C 466 6.28 11.34 28.57
C ASP C 466 7.47 10.87 27.74
N MET C 467 7.21 9.97 26.80
CA MET C 467 8.28 9.29 26.08
C MET C 467 8.95 10.20 25.05
N ARG C 468 8.28 11.29 24.64
CA ARG C 468 8.84 12.21 23.67
C ARG C 468 10.03 12.98 24.22
N ASP C 469 10.08 13.17 25.55
CA ASP C 469 11.21 13.85 26.16
C ASP C 469 12.47 13.00 26.15
N ASN C 470 12.35 11.68 26.00
CA ASN C 470 13.51 10.83 25.88
C ASN C 470 14.21 11.06 24.54
N TRP C 471 13.45 11.16 23.46
CA TRP C 471 14.03 11.39 22.14
C TRP C 471 14.21 12.86 21.81
N ARG C 472 13.82 13.77 22.69
CA ARG C 472 14.29 15.14 22.58
C ARG C 472 15.67 15.34 23.19
N SER C 473 16.14 14.37 24.00
CA SER C 473 17.51 14.41 24.48
C SER C 473 18.50 14.23 23.33
N GLU C 474 18.17 13.38 22.37
CA GLU C 474 18.84 13.36 21.09
C GLU C 474 18.07 14.25 20.11
N LEU C 475 18.55 14.35 18.87
CA LEU C 475 17.91 15.05 17.76
C LEU C 475 17.64 16.53 18.02
N TYR C 476 18.42 17.15 18.91
CA TYR C 476 18.22 18.59 19.16
C TYR C 476 19.07 19.44 18.22
N LYS C 477 20.23 18.94 17.83
CA LYS C 477 21.05 19.59 16.80
C LYS C 477 20.71 19.08 15.41
N TYR C 478 19.42 19.04 15.08
CA TYR C 478 18.95 18.57 13.79
C TYR C 478 17.66 19.28 13.43
N LYS C 479 17.64 19.91 12.27
CA LYS C 479 16.42 20.48 11.72
C LYS C 479 16.42 20.21 10.22
N VAL C 480 15.22 20.04 9.66
CA VAL C 480 15.04 19.67 8.27
C VAL C 480 14.57 20.90 7.49
N VAL C 481 15.22 21.14 6.34
CA VAL C 481 14.89 22.29 5.50
C VAL C 481 14.48 21.79 4.12
N LYS C 482 13.81 22.66 3.38
CA LYS C 482 13.39 22.36 2.02
C LYS C 482 14.04 23.36 1.07
N ILE C 483 14.67 22.86 0.02
CA ILE C 483 15.44 23.69 -0.91
C ILE C 483 14.51 24.25 -1.97
N GLU C 484 14.63 25.55 -2.24
CA GLU C 484 13.87 26.24 -3.28
C GLU C 484 14.89 26.88 -4.23
N PRO C 485 15.35 26.13 -5.23
CA PRO C 485 16.54 26.56 -5.99
C PRO C 485 16.31 27.74 -6.93
N LEU C 486 15.07 28.09 -7.26
CA LEU C 486 14.82 29.19 -8.18
C LEU C 486 15.08 30.53 -7.51
N GLY C 487 15.69 31.44 -8.26
CA GLY C 487 15.98 32.77 -7.74
C GLY C 487 16.19 33.75 -8.87
N VAL C 488 15.94 35.02 -8.58
CA VAL C 488 16.08 36.10 -9.55
C VAL C 488 17.00 37.18 -8.95
N ALA C 489 17.54 38.02 -9.84
CA ALA C 489 18.49 39.04 -9.44
C ALA C 489 18.44 40.18 -10.45
N PRO C 490 18.80 41.41 -10.06
CA PRO C 490 18.89 42.48 -11.04
C PRO C 490 20.24 42.50 -11.73
N THR C 491 20.23 42.77 -13.03
CA THR C 491 21.44 42.83 -13.85
C THR C 491 21.11 43.72 -15.05
N ARG C 492 22.11 44.49 -15.51
CA ARG C 492 21.95 45.29 -16.72
C ARG C 492 22.26 44.50 -18.00
N CYS C 493 22.15 43.18 -17.97
CA CYS C 493 22.34 42.36 -19.15
C CYS C 493 20.98 42.04 -19.79
N LYS C 494 21.00 41.83 -21.10
CA LYS C 494 19.78 41.69 -21.87
C LYS C 494 19.87 40.47 -22.79
N ARG C 495 18.77 39.72 -22.87
CA ARG C 495 18.69 38.62 -23.83
C ARG C 495 18.30 39.15 -25.20
N ARG C 496 19.06 38.76 -26.22
CA ARG C 496 18.71 39.11 -27.59
C ARG C 496 19.06 37.97 -28.53
N GLY D 19 31.10 20.69 -2.01
CA GLY D 19 30.08 19.66 -1.94
C GLY D 19 28.67 20.22 -1.97
N PHE D 20 27.72 19.47 -1.42
CA PHE D 20 26.34 19.91 -1.37
C PHE D 20 26.18 21.09 -0.42
N LEU D 21 25.47 22.13 -0.88
CA LEU D 21 25.27 23.40 -0.19
C LEU D 21 26.60 24.06 0.19
N GLY D 22 27.62 23.86 -0.62
CA GLY D 22 28.89 24.52 -0.40
C GLY D 22 28.81 25.98 -0.80
N ALA D 23 29.54 26.83 -0.06
CA ALA D 23 29.56 28.28 -0.21
C ALA D 23 28.15 28.87 -0.08
N ALA D 24 27.34 28.28 0.79
CA ALA D 24 26.00 28.80 1.04
C ALA D 24 26.02 30.04 1.91
N GLY D 25 27.12 30.30 2.60
CA GLY D 25 27.32 31.53 3.33
C GLY D 25 28.29 32.48 2.70
N SER D 26 28.77 32.19 1.50
CA SER D 26 29.75 33.03 0.81
C SER D 26 29.04 34.18 0.10
N THR D 27 29.77 34.89 -0.76
CA THR D 27 29.21 36.02 -1.48
C THR D 27 28.26 35.55 -2.57
N MET D 28 27.47 36.50 -3.09
CA MET D 28 26.53 36.19 -4.17
C MET D 28 27.24 35.86 -5.48
N GLY D 29 28.37 36.52 -5.74
CA GLY D 29 29.12 36.23 -6.96
C GLY D 29 29.82 34.90 -6.95
N ALA D 30 30.39 34.51 -5.81
CA ALA D 30 31.09 33.23 -5.73
C ALA D 30 30.13 32.05 -5.69
N ALA D 31 28.90 32.25 -5.22
CA ALA D 31 27.91 31.19 -5.21
C ALA D 31 27.27 30.97 -6.57
N SER D 32 27.46 31.89 -7.52
CA SER D 32 27.02 31.68 -8.88
C SER D 32 27.90 30.68 -9.63
N MET D 33 29.11 30.43 -9.15
CA MET D 33 30.03 29.48 -9.76
C MET D 33 29.86 28.09 -9.19
N THR D 34 28.93 27.91 -8.26
CA THR D 34 28.81 26.71 -7.47
C THR D 34 27.46 26.02 -7.71
N LEU D 35 26.49 26.73 -8.29
CA LEU D 35 25.12 26.26 -8.45
C LEU D 35 24.94 25.04 -9.34
N THR D 36 26.01 24.50 -9.92
CA THR D 36 25.96 23.27 -10.69
C THR D 36 26.05 22.01 -9.82
N VAL D 37 26.36 22.13 -8.53
CA VAL D 37 26.49 20.97 -7.67
C VAL D 37 25.30 20.83 -6.72
N GLN D 38 24.54 21.91 -6.48
CA GLN D 38 23.27 21.78 -5.77
C GLN D 38 22.26 21.02 -6.62
N ALA D 39 22.26 21.24 -7.93
CA ALA D 39 21.22 20.73 -8.81
C ALA D 39 21.32 19.23 -9.06
N ARG D 40 22.47 18.60 -8.78
CA ARG D 40 22.63 17.16 -9.03
C ARG D 40 21.85 16.29 -8.06
N ASN D 41 21.49 16.82 -6.89
CA ASN D 41 20.80 16.04 -5.87
C ASN D 41 19.39 16.54 -5.60
N LEU D 42 18.77 17.22 -6.58
CA LEU D 42 17.35 17.55 -6.47
C LEU D 42 16.44 16.39 -6.84
N LEU D 43 16.95 15.37 -7.53
CA LEU D 43 16.12 14.26 -7.99
C LEU D 43 16.23 13.03 -7.10
N SER D 44 17.44 12.50 -6.94
CA SER D 44 17.73 11.39 -6.04
C SER D 44 19.23 11.35 -5.80
N GLY D 45 19.63 10.46 -4.85
CA GLY D 45 20.88 9.72 -4.94
C GLY D 45 20.69 8.34 -5.54
N ILE D 46 21.80 7.74 -5.97
CA ILE D 46 21.74 6.41 -6.58
C ILE D 46 21.81 5.31 -5.52
N VAL D 47 22.33 5.61 -4.32
CA VAL D 47 22.42 4.60 -3.28
C VAL D 47 21.05 4.41 -2.61
N GLN D 48 20.19 5.42 -2.63
CA GLN D 48 18.85 5.32 -2.08
C GLN D 48 17.77 5.15 -3.14
N GLN D 49 18.19 5.00 -4.41
CA GLN D 49 17.35 4.87 -5.64
C GLN D 49 16.09 5.74 -5.68
N LEU D 66 4.25 -3.04 2.55
CA LEU D 66 5.09 -4.11 3.09
C LEU D 66 5.44 -3.85 4.55
N THR D 67 5.91 -2.64 4.82
CA THR D 67 6.26 -2.24 6.18
C THR D 67 6.06 -0.73 6.30
N VAL D 68 6.47 -0.19 7.45
CA VAL D 68 6.32 1.24 7.70
C VAL D 68 7.27 2.05 6.82
N TRP D 69 8.49 1.53 6.60
CA TRP D 69 9.52 2.31 5.92
C TRP D 69 9.30 2.40 4.42
N GLY D 70 8.75 1.35 3.81
CA GLY D 70 8.69 1.29 2.35
C GLY D 70 7.72 2.28 1.73
N ILE D 71 6.52 2.37 2.31
CA ILE D 71 5.52 3.32 1.82
C ILE D 71 5.97 4.75 2.08
N LYS D 72 6.67 4.98 3.20
CA LYS D 72 7.23 6.29 3.50
C LYS D 72 8.29 6.70 2.48
N GLN D 73 9.17 5.76 2.11
CA GLN D 73 10.21 6.06 1.13
C GLN D 73 9.62 6.25 -0.27
N LEU D 74 8.56 5.51 -0.59
CA LEU D 74 7.88 5.69 -1.87
C LEU D 74 7.20 7.06 -1.94
N GLN D 75 6.56 7.49 -0.84
CA GLN D 75 5.99 8.83 -0.76
C GLN D 75 7.05 9.90 -0.92
N ALA D 76 8.22 9.69 -0.31
CA ALA D 76 9.33 10.63 -0.44
C ALA D 76 9.83 10.72 -1.89
N ARG D 77 9.93 9.58 -2.57
CA ARG D 77 10.38 9.56 -3.96
C ARG D 77 9.39 10.27 -4.89
N VAL D 78 8.09 10.00 -4.72
CA VAL D 78 7.09 10.63 -5.57
C VAL D 78 7.01 12.13 -5.29
N LEU D 79 7.15 12.55 -4.04
CA LEU D 79 7.15 13.96 -3.70
C LEU D 79 8.37 14.68 -4.29
N ALA D 80 9.55 14.02 -4.27
CA ALA D 80 10.74 14.61 -4.87
C ALA D 80 10.59 14.76 -6.38
N VAL D 81 10.00 13.75 -7.04
CA VAL D 81 9.76 13.82 -8.48
C VAL D 81 8.80 14.95 -8.82
N GLU D 82 7.73 15.09 -8.02
CA GLU D 82 6.77 16.18 -8.22
C GLU D 82 7.40 17.55 -8.04
N ARG D 83 8.25 17.71 -7.02
CA ARG D 83 8.90 18.99 -6.77
C ARG D 83 9.89 19.35 -7.87
N TYR D 84 10.67 18.37 -8.35
CA TYR D 84 11.62 18.64 -9.43
C TYR D 84 10.90 18.97 -10.73
N LEU D 85 9.79 18.29 -11.01
CA LEU D 85 9.01 18.59 -12.21
C LEU D 85 8.36 19.97 -12.13
N ARG D 86 7.88 20.36 -10.94
CA ARG D 86 7.32 21.69 -10.75
C ARG D 86 8.37 22.79 -10.90
N ASP D 87 9.61 22.53 -10.44
CA ASP D 87 10.68 23.49 -10.66
C ASP D 87 11.08 23.57 -12.13
N GLN D 88 11.07 22.45 -12.84
CA GLN D 88 11.46 22.46 -14.24
C GLN D 88 10.40 23.08 -15.14
N GLN D 89 9.12 22.99 -14.74
CA GLN D 89 8.04 23.53 -15.57
C GLN D 89 8.13 25.05 -15.70
N LEU D 90 8.47 25.74 -14.60
CA LEU D 90 8.57 27.20 -14.63
C LEU D 90 9.73 27.67 -15.51
N LEU D 91 10.83 26.92 -15.52
CA LEU D 91 11.90 27.22 -16.46
C LEU D 91 11.49 26.89 -17.89
N GLY D 92 10.61 25.90 -18.07
CA GLY D 92 10.11 25.60 -19.40
C GLY D 92 9.21 26.70 -19.96
N ILE D 93 8.40 27.32 -19.10
CA ILE D 93 7.47 28.36 -19.57
C ILE D 93 8.22 29.63 -19.94
N TRP D 94 9.19 30.05 -19.13
CA TRP D 94 9.87 31.33 -19.33
C TRP D 94 10.92 31.30 -20.44
N GLY D 95 11.00 30.24 -21.23
CA GLY D 95 12.00 30.17 -22.29
C GLY D 95 13.40 29.93 -21.80
N CYS D 96 13.56 29.45 -20.57
CA CYS D 96 14.86 29.25 -19.95
C CYS D 96 15.23 27.79 -19.81
N SER D 97 14.61 26.91 -20.59
CA SER D 97 14.80 25.48 -20.43
C SER D 97 16.19 25.06 -20.89
N GLY D 98 16.83 24.20 -20.08
CA GLY D 98 18.14 23.69 -20.39
C GLY D 98 19.30 24.58 -20.01
N LYS D 99 19.04 25.75 -19.45
CA LYS D 99 20.08 26.69 -19.08
C LYS D 99 20.00 27.01 -17.59
N LEU D 100 21.16 27.20 -16.98
CA LEU D 100 21.26 27.54 -15.57
C LEU D 100 21.21 29.04 -15.32
N ILE D 101 22.03 29.81 -16.03
CA ILE D 101 22.02 31.26 -15.95
C ILE D 101 21.52 31.80 -17.28
N CYS D 102 20.55 32.70 -17.23
CA CYS D 102 19.92 33.21 -18.44
C CYS D 102 19.45 34.64 -18.19
N CYS D 103 18.87 35.25 -19.22
CA CYS D 103 18.37 36.61 -19.13
C CYS D 103 17.00 36.70 -19.77
N THR D 104 16.23 37.69 -19.33
CA THR D 104 14.89 37.93 -19.84
C THR D 104 14.70 39.41 -20.13
N ASN D 105 13.68 39.72 -20.93
CA ASN D 105 13.44 41.08 -21.41
C ASN D 105 12.33 41.79 -20.64
N VAL D 106 12.17 41.51 -19.35
CA VAL D 106 11.21 42.26 -18.54
C VAL D 106 11.99 43.31 -17.74
N PRO D 107 11.51 44.55 -17.68
CA PRO D 107 12.19 45.55 -16.84
C PRO D 107 12.02 45.26 -15.36
N TRP D 108 13.00 45.70 -14.58
CA TRP D 108 12.96 45.60 -13.13
C TRP D 108 12.47 46.95 -12.59
N ASN D 109 11.27 46.94 -12.01
CA ASN D 109 10.72 48.13 -11.38
C ASN D 109 11.52 48.47 -10.12
N SER D 110 11.91 49.74 -9.98
CA SER D 110 12.79 50.17 -8.91
C SER D 110 12.16 50.10 -7.53
N SER D 111 10.83 49.95 -7.44
CA SER D 111 10.18 49.75 -6.15
C SER D 111 10.39 48.35 -5.61
N TRP D 112 10.85 47.41 -6.43
CA TRP D 112 11.16 46.07 -5.93
C TRP D 112 12.38 46.09 -5.03
N SER D 113 13.45 46.77 -5.47
CA SER D 113 14.65 46.96 -4.68
C SER D 113 15.36 48.20 -5.20
N ASN D 114 16.00 48.92 -4.28
CA ASN D 114 16.69 50.16 -4.61
C ASN D 114 18.22 50.02 -4.61
N ARG D 115 18.74 48.84 -4.26
CA ARG D 115 20.17 48.64 -4.21
C ARG D 115 20.76 48.47 -5.61
N ASN D 116 21.96 49.03 -5.81
CA ASN D 116 22.62 48.96 -7.09
C ASN D 116 23.47 47.70 -7.20
N LEU D 117 24.16 47.56 -8.35
CA LEU D 117 24.83 46.32 -8.71
C LEU D 117 26.11 46.07 -7.90
N SER D 118 26.73 47.12 -7.36
CA SER D 118 28.03 46.95 -6.71
C SER D 118 27.91 46.28 -5.34
N GLU D 119 26.83 46.54 -4.61
CA GLU D 119 26.66 46.05 -3.26
C GLU D 119 25.71 44.86 -3.15
N ILE D 120 25.22 44.34 -4.27
CA ILE D 120 24.29 43.21 -4.24
C ILE D 120 24.98 41.90 -4.62
N TRP D 121 26.01 41.96 -5.47
CA TRP D 121 26.73 40.75 -5.86
C TRP D 121 27.94 40.51 -4.98
N ASP D 122 28.37 41.52 -4.22
CA ASP D 122 29.41 41.39 -3.21
C ASP D 122 28.84 41.78 -1.85
N ASN D 123 29.33 41.09 -0.81
CA ASN D 123 28.91 41.29 0.58
C ASN D 123 27.41 41.10 0.78
N MET D 124 26.85 40.09 0.12
CA MET D 124 25.44 39.75 0.29
C MET D 124 25.25 38.27 0.01
N THR D 125 24.60 37.58 0.95
CA THR D 125 24.35 36.16 0.87
C THR D 125 22.98 35.94 0.22
N TRP D 126 22.83 34.80 -0.47
CA TRP D 126 21.55 34.46 -1.10
C TRP D 126 20.43 34.28 -0.07
N LEU D 127 20.75 33.79 1.12
CA LEU D 127 19.74 33.65 2.16
C LEU D 127 19.26 35.00 2.67
N GLN D 128 20.14 36.01 2.73
CA GLN D 128 19.70 37.35 3.07
C GLN D 128 18.98 38.01 1.89
N TRP D 129 19.22 37.54 0.68
CA TRP D 129 18.58 38.14 -0.50
C TRP D 129 17.13 37.68 -0.65
N ASP D 130 16.81 36.47 -0.20
CA ASP D 130 15.48 35.91 -0.41
C ASP D 130 14.42 36.58 0.45
N LYS D 131 14.83 37.20 1.57
CA LYS D 131 13.87 37.66 2.57
C LYS D 131 13.10 38.91 2.18
N GLU D 132 13.44 39.60 1.09
CA GLU D 132 12.69 40.77 0.68
C GLU D 132 11.91 40.59 -0.62
N ILE D 133 11.84 39.36 -1.14
CA ILE D 133 11.01 39.10 -2.32
C ILE D 133 10.03 38.01 -1.87
N SER D 134 9.61 38.10 -0.60
CA SER D 134 8.57 37.20 -0.12
C SER D 134 7.22 37.53 -0.75
N ASN D 135 6.89 38.82 -0.83
CA ASN D 135 5.64 39.26 -1.44
C ASN D 135 5.74 39.42 -2.95
N TYR D 136 6.89 39.85 -3.46
CA TYR D 136 6.97 40.35 -4.84
C TYR D 136 7.26 39.26 -5.87
N THR D 137 7.32 37.99 -5.48
CA THR D 137 7.68 36.93 -6.42
C THR D 137 6.52 36.58 -7.36
N GLN D 138 5.30 36.57 -6.83
CA GLN D 138 4.16 36.08 -7.60
C GLN D 138 3.75 37.02 -8.73
N ILE D 139 4.21 38.27 -8.71
CA ILE D 139 3.91 39.17 -9.82
C ILE D 139 5.06 39.22 -10.83
N ILE D 140 6.30 39.03 -10.39
CA ILE D 140 7.41 39.02 -11.33
C ILE D 140 7.41 37.71 -12.12
N TYR D 141 6.86 36.63 -11.54
CA TYR D 141 6.68 35.40 -12.31
C TYR D 141 5.65 35.58 -13.42
N GLY D 142 4.56 36.29 -13.12
CA GLY D 142 3.56 36.58 -14.14
C GLY D 142 4.08 37.51 -15.22
N LEU D 143 4.89 38.50 -14.85
CA LEU D 143 5.54 39.35 -15.84
C LEU D 143 6.49 38.55 -16.72
N LEU D 144 7.19 37.59 -16.12
CA LEU D 144 8.09 36.71 -16.88
C LEU D 144 7.34 35.88 -17.90
N GLU D 145 6.23 35.25 -17.49
CA GLU D 145 5.50 34.39 -18.41
C GLU D 145 4.78 35.19 -19.50
N GLU D 146 4.26 36.38 -19.16
CA GLU D 146 3.61 37.22 -20.17
C GLU D 146 4.63 37.77 -21.17
N SER D 147 5.83 38.17 -20.69
CA SER D 147 6.87 38.66 -21.58
C SER D 147 7.38 37.56 -22.49
N GLN D 148 7.53 36.33 -21.98
CA GLN D 148 7.97 35.23 -22.83
C GLN D 148 6.90 34.85 -23.86
N ASN D 149 5.62 34.90 -23.49
CA ASN D 149 4.56 34.62 -24.45
C ASN D 149 4.52 35.67 -25.57
N GLN D 150 4.67 36.95 -25.20
CA GLN D 150 4.71 38.01 -26.20
C GLN D 150 5.95 37.89 -27.10
N GLN D 151 7.11 37.56 -26.52
CA GLN D 151 8.32 37.40 -27.29
C GLN D 151 8.23 36.20 -28.24
N GLU D 152 7.59 35.12 -27.79
CA GLU D 152 7.45 33.94 -28.64
C GLU D 152 6.48 34.20 -29.79
N LYS D 153 5.40 34.94 -29.52
CA LYS D 153 4.48 35.34 -30.60
C LYS D 153 5.18 36.26 -31.60
N ASN D 154 6.00 37.19 -31.12
CA ASN D 154 6.73 38.08 -32.02
C ASN D 154 7.79 37.34 -32.81
N GLU D 155 8.45 36.33 -32.21
CA GLU D 155 9.41 35.51 -32.94
C GLU D 155 8.72 34.67 -34.01
N GLN D 156 7.55 34.12 -33.70
CA GLN D 156 6.81 33.35 -34.68
C GLN D 156 6.21 34.22 -35.77
N ASP D 157 6.01 35.52 -35.51
CA ASP D 157 5.48 36.41 -36.52
C ASP D 157 6.48 36.66 -37.65
N LEU D 158 7.76 36.83 -37.31
CA LEU D 158 8.76 37.18 -38.32
C LEU D 158 9.14 35.98 -39.20
N LEU D 159 8.90 34.76 -38.73
CA LEU D 159 9.22 33.59 -39.55
C LEU D 159 8.22 33.35 -40.67
N ALA D 160 7.06 34.02 -40.64
CA ALA D 160 6.08 33.84 -41.70
C ALA D 160 6.44 34.55 -42.99
N LEU D 161 7.36 35.53 -42.93
CA LEU D 161 7.74 36.28 -44.11
C LEU D 161 8.66 35.46 -45.01
N LEU E 28 39.80 14.74 -33.17
CA LEU E 28 38.64 14.07 -32.59
C LEU E 28 38.22 14.76 -31.30
N TRP E 29 36.92 14.75 -31.03
CA TRP E 29 36.36 15.46 -29.90
C TRP E 29 35.27 14.62 -29.24
N VAL E 30 34.94 14.97 -28.00
CA VAL E 30 33.94 14.24 -27.23
C VAL E 30 32.56 14.67 -27.68
N THR E 31 31.72 13.70 -28.04
CA THR E 31 30.32 13.95 -28.35
C THR E 31 29.44 13.01 -27.55
N VAL E 32 28.20 13.44 -27.32
CA VAL E 32 27.26 12.75 -26.45
C VAL E 32 26.14 12.16 -27.28
N TYR E 33 25.79 10.91 -27.02
CA TYR E 33 24.70 10.21 -27.69
C TYR E 33 23.70 9.71 -26.67
N TYR E 34 22.42 9.89 -26.97
CA TYR E 34 21.33 9.40 -26.13
C TYR E 34 20.57 8.30 -26.86
N GLY E 35 20.43 7.15 -26.22
CA GLY E 35 19.64 6.07 -26.76
C GLY E 35 20.40 5.07 -27.60
N VAL E 36 21.67 4.81 -27.31
CA VAL E 36 22.43 3.82 -28.06
C VAL E 36 22.06 2.44 -27.54
N PRO E 37 22.10 1.39 -28.37
CA PRO E 37 21.74 0.04 -27.87
C PRO E 37 22.87 -0.62 -27.06
N VAL E 38 22.94 -0.26 -25.79
CA VAL E 38 23.92 -0.79 -24.86
C VAL E 38 23.18 -1.30 -23.63
N TRP E 39 23.36 -2.57 -23.29
CA TRP E 39 22.71 -3.17 -22.13
C TRP E 39 23.75 -3.57 -21.07
N LYS E 40 23.23 -3.87 -19.88
CA LYS E 40 24.05 -4.27 -18.75
C LYS E 40 23.17 -5.08 -17.80
N ASP E 41 23.74 -6.11 -17.19
CA ASP E 41 22.97 -7.01 -16.33
C ASP E 41 22.59 -6.37 -15.00
N ALA E 42 21.40 -6.70 -14.52
CA ALA E 42 20.87 -6.20 -13.26
C ALA E 42 19.71 -7.11 -12.83
N GLU E 43 18.96 -6.68 -11.82
CA GLU E 43 17.74 -7.35 -11.42
C GLU E 43 16.69 -6.30 -11.08
N THR E 44 15.42 -6.67 -11.24
CA THR E 44 14.32 -5.75 -11.02
C THR E 44 13.08 -6.54 -10.67
N THR E 45 11.97 -5.81 -10.51
CA THR E 45 10.68 -6.41 -10.17
C THR E 45 9.85 -6.53 -11.44
N LEU E 46 9.73 -7.76 -11.95
CA LEU E 46 8.95 -8.00 -13.15
C LEU E 46 7.47 -8.11 -12.81
N PHE E 47 6.64 -8.15 -13.86
CA PHE E 47 5.20 -8.31 -13.69
C PHE E 47 4.67 -9.26 -14.76
N CYS E 48 3.53 -9.88 -14.46
CA CYS E 48 2.95 -10.89 -15.33
C CYS E 48 1.60 -10.44 -15.86
N ALA E 49 1.27 -10.95 -17.04
CA ALA E 49 0.00 -10.66 -17.69
C ALA E 49 -0.54 -11.93 -18.33
N SER E 50 -1.86 -11.99 -18.47
CA SER E 50 -2.52 -13.17 -19.03
C SER E 50 -3.83 -12.71 -19.69
N ASP E 51 -4.50 -13.66 -20.32
CA ASP E 51 -5.73 -13.38 -21.06
C ASP E 51 -6.89 -13.16 -20.09
N ASN E 61 -9.54 -18.38 -9.40
CA ASN E 61 -8.27 -19.07 -9.53
C ASN E 61 -7.42 -18.72 -8.32
N VAL E 62 -6.61 -19.69 -7.89
CA VAL E 62 -5.71 -19.45 -6.76
C VAL E 62 -4.51 -18.60 -7.19
N TRP E 63 -4.15 -18.61 -8.48
CA TRP E 63 -3.27 -17.58 -9.01
C TRP E 63 -4.14 -16.45 -9.53
N ALA E 64 -4.04 -15.28 -8.89
CA ALA E 64 -4.95 -14.16 -9.13
C ALA E 64 -4.68 -13.56 -10.50
N THR E 65 -5.63 -13.73 -11.42
CA THR E 65 -5.53 -13.16 -12.75
C THR E 65 -6.21 -11.80 -12.82
N HIS E 66 -7.29 -11.62 -12.06
CA HIS E 66 -8.07 -10.37 -12.08
C HIS E 66 -7.31 -9.19 -11.49
N ALA E 67 -6.19 -9.42 -10.79
CA ALA E 67 -5.31 -8.33 -10.38
C ALA E 67 -4.26 -7.99 -11.43
N CYS E 68 -4.04 -8.87 -12.41
CA CYS E 68 -3.05 -8.63 -13.45
C CYS E 68 -3.64 -7.77 -14.57
N VAL E 69 -2.75 -7.23 -15.38
CA VAL E 69 -3.14 -6.47 -16.58
C VAL E 69 -3.43 -7.46 -17.71
N PRO E 70 -4.31 -7.14 -18.64
CA PRO E 70 -4.45 -7.98 -19.83
C PRO E 70 -3.24 -7.86 -20.73
N THR E 71 -2.95 -8.96 -21.43
CA THR E 71 -1.84 -8.98 -22.38
C THR E 71 -2.33 -8.48 -23.74
N ASP E 72 -1.36 -8.24 -24.63
CA ASP E 72 -1.69 -7.75 -25.97
C ASP E 72 -2.02 -8.90 -26.91
N PRO E 73 -3.04 -8.67 -27.79
CA PRO E 73 -3.12 -9.44 -29.06
C PRO E 73 -2.00 -9.08 -30.02
N ASN E 74 -1.60 -10.07 -30.84
CA ASN E 74 -0.49 -10.03 -31.79
C ASN E 74 0.81 -9.60 -31.10
N PRO E 75 1.45 -10.47 -30.30
CA PRO E 75 2.68 -10.07 -29.59
C PRO E 75 3.87 -9.87 -30.53
N GLN E 76 4.92 -9.24 -30.02
CA GLN E 76 6.06 -8.88 -30.85
C GLN E 76 7.29 -9.64 -30.37
N GLU E 77 8.31 -9.67 -31.21
CA GLU E 77 9.57 -10.34 -30.94
C GLU E 77 10.64 -9.69 -31.81
N ILE E 78 11.81 -9.48 -31.22
CA ILE E 78 12.93 -8.82 -31.90
C ILE E 78 14.14 -9.74 -31.85
N HIS E 79 14.70 -10.03 -33.02
CA HIS E 79 15.87 -10.89 -33.12
C HIS E 79 17.10 -9.99 -33.18
N LEU E 80 18.06 -10.23 -32.29
CA LEU E 80 19.35 -9.55 -32.38
C LEU E 80 20.27 -10.43 -33.20
N GLU E 81 20.40 -10.10 -34.47
CA GLU E 81 21.37 -10.78 -35.32
C GLU E 81 22.78 -10.31 -34.96
N ASN E 82 23.74 -11.25 -35.09
CA ASN E 82 25.18 -10.95 -35.15
C ASN E 82 25.67 -10.31 -33.84
N VAL E 83 25.57 -11.06 -32.74
CA VAL E 83 25.81 -10.57 -31.39
C VAL E 83 26.11 -11.79 -30.50
N THR E 84 26.84 -11.56 -29.40
CA THR E 84 27.17 -12.62 -28.44
C THR E 84 26.78 -12.17 -27.03
N GLU E 85 26.62 -13.15 -26.14
CA GLU E 85 26.14 -12.93 -24.77
C GLU E 85 26.55 -14.13 -23.90
N GLU E 86 26.61 -13.95 -22.58
CA GLU E 86 27.20 -14.92 -21.67
C GLU E 86 26.16 -15.33 -20.61
N PHE E 87 25.04 -15.89 -21.09
CA PHE E 87 23.94 -16.35 -20.24
C PHE E 87 24.39 -17.34 -19.15
N ASN E 88 23.58 -17.40 -18.08
CA ASN E 88 23.76 -18.36 -16.99
C ASN E 88 22.36 -18.62 -16.43
N MET E 89 22.01 -19.90 -16.22
CA MET E 89 20.67 -20.22 -15.75
C MET E 89 20.65 -20.53 -14.26
N TRP E 90 21.81 -20.86 -13.68
CA TRP E 90 21.88 -21.30 -12.30
C TRP E 90 21.99 -20.15 -11.30
N LYS E 91 22.01 -18.91 -11.77
CA LYS E 91 22.14 -17.76 -10.90
C LYS E 91 21.16 -16.63 -11.23
N ASN E 92 20.04 -16.93 -11.86
CA ASN E 92 19.02 -15.92 -12.11
C ASN E 92 18.36 -15.48 -10.81
N ASN E 93 18.04 -14.19 -10.72
CA ASN E 93 17.17 -13.72 -9.65
C ASN E 93 15.71 -13.85 -10.05
N MET E 94 15.47 -14.18 -11.33
CA MET E 94 14.11 -14.40 -11.83
C MET E 94 13.46 -15.60 -11.15
N VAL E 95 14.25 -16.64 -10.87
CA VAL E 95 13.75 -17.87 -10.25
C VAL E 95 13.34 -17.62 -8.81
N GLU E 96 14.18 -16.94 -8.05
CA GLU E 96 13.86 -16.59 -6.66
C GLU E 96 12.69 -15.63 -6.59
N GLN E 97 12.63 -14.66 -7.51
CA GLN E 97 11.50 -13.75 -7.61
C GLN E 97 10.21 -14.49 -7.94
N MET E 98 10.27 -15.47 -8.83
CA MET E 98 9.10 -16.27 -9.17
C MET E 98 8.64 -17.11 -7.98
N HIS E 99 9.58 -17.71 -7.25
CA HIS E 99 9.24 -18.54 -6.10
C HIS E 99 8.57 -17.71 -5.00
N THR E 100 9.11 -16.50 -4.76
CA THR E 100 8.49 -15.56 -3.84
C THR E 100 7.10 -15.14 -4.29
N ASP E 101 6.94 -14.92 -5.60
CA ASP E 101 5.65 -14.51 -6.16
C ASP E 101 4.59 -15.61 -6.00
N ILE E 102 4.96 -16.87 -6.28
CA ILE E 102 3.99 -17.96 -6.16
C ILE E 102 3.64 -18.22 -4.70
N ILE E 103 4.63 -18.08 -3.80
CA ILE E 103 4.36 -18.24 -2.36
C ILE E 103 3.41 -17.14 -1.88
N SER E 104 3.63 -15.90 -2.33
CA SER E 104 2.76 -14.79 -1.94
C SER E 104 1.35 -14.95 -2.49
N LEU E 105 1.23 -15.38 -3.75
CA LEU E 105 -0.10 -15.57 -4.35
C LEU E 105 -0.84 -16.74 -3.71
N TRP E 106 -0.11 -17.77 -3.29
CA TRP E 106 -0.77 -18.92 -2.67
C TRP E 106 -1.22 -18.57 -1.26
N ASP E 107 -0.38 -17.84 -0.51
CA ASP E 107 -0.73 -17.49 0.85
C ASP E 107 -1.81 -16.41 0.90
N GLN E 108 -1.90 -15.58 -0.14
CA GLN E 108 -2.92 -14.54 -0.18
C GLN E 108 -4.31 -15.12 -0.39
N SER E 109 -4.41 -16.15 -1.24
CA SER E 109 -5.70 -16.69 -1.67
C SER E 109 -6.44 -17.44 -0.57
N LEU E 110 -5.72 -18.14 0.32
CA LEU E 110 -6.41 -18.93 1.33
C LEU E 110 -6.79 -18.10 2.55
N LYS E 111 -6.43 -16.81 2.57
CA LYS E 111 -6.70 -15.93 3.70
C LYS E 111 -8.20 -15.70 3.95
N PRO E 112 -9.09 -15.46 2.92
CA PRO E 112 -10.52 -15.39 3.26
C PRO E 112 -11.24 -16.73 3.19
N CYS E 113 -10.82 -17.70 4.01
CA CYS E 113 -11.47 -19.01 3.98
C CYS E 113 -11.62 -19.54 5.39
N VAL E 114 -12.22 -20.74 5.50
CA VAL E 114 -12.59 -21.30 6.80
C VAL E 114 -11.36 -21.82 7.53
N LYS E 115 -11.19 -21.42 8.79
CA LYS E 115 -9.98 -21.66 9.56
C LYS E 115 -9.94 -23.05 10.20
N LEU E 116 -11.10 -23.69 10.41
CA LEU E 116 -11.24 -25.03 10.98
C LEU E 116 -10.53 -25.28 12.31
N THR E 117 -10.44 -24.27 13.16
CA THR E 117 -9.91 -24.55 14.49
C THR E 117 -10.81 -25.40 15.41
N PRO E 118 -12.19 -25.53 15.23
CA PRO E 118 -12.88 -26.54 16.06
C PRO E 118 -12.74 -27.97 15.58
N LEU E 119 -12.02 -28.21 14.49
CA LEU E 119 -12.11 -29.47 13.75
C LEU E 119 -11.49 -30.66 14.46
N CYS E 120 -10.29 -30.53 15.05
CA CYS E 120 -9.66 -31.71 15.68
C CYS E 120 -10.24 -31.89 17.09
N VAL E 121 -11.01 -32.96 17.20
CA VAL E 121 -11.68 -33.37 18.43
C VAL E 121 -11.04 -34.73 18.70
N THR E 122 -11.40 -35.41 19.79
CA THR E 122 -10.97 -36.80 19.98
C THR E 122 -11.85 -37.67 19.09
N LEU E 123 -11.36 -37.95 17.88
CA LEU E 123 -12.07 -38.79 16.93
C LEU E 123 -12.11 -40.23 17.39
N GLN E 124 -13.27 -40.86 17.20
CA GLN E 124 -13.44 -42.29 17.45
C GLN E 124 -13.74 -42.95 16.11
N CYS E 125 -12.81 -43.78 15.64
CA CYS E 125 -12.86 -44.29 14.28
C CYS E 125 -12.86 -45.81 14.26
N THR E 126 -13.65 -46.36 13.33
CA THR E 126 -13.64 -47.78 13.02
C THR E 126 -13.24 -47.94 11.56
N ASN E 127 -12.73 -49.12 11.20
CA ASN E 127 -12.35 -49.37 9.82
C ASN E 127 -13.59 -49.52 8.95
N VAL E 128 -13.44 -49.22 7.67
CA VAL E 128 -14.45 -49.58 6.68
C VAL E 128 -14.20 -51.02 6.24
N THR E 129 -15.28 -51.78 6.05
CA THR E 129 -15.13 -53.20 5.79
C THR E 129 -15.88 -53.63 4.53
N ASN E 130 -16.72 -52.77 3.94
CA ASN E 130 -17.96 -53.21 3.23
C ASN E 130 -17.72 -53.63 1.78
N ASN E 131 -16.86 -52.93 1.05
CA ASN E 131 -16.50 -53.30 -0.32
C ASN E 131 -14.99 -53.27 -0.49
N ILE E 132 -14.25 -53.73 0.51
CA ILE E 132 -12.79 -53.74 0.44
C ILE E 132 -12.34 -54.82 -0.52
N THR E 133 -11.50 -54.46 -1.50
CA THR E 133 -10.86 -55.44 -2.38
C THR E 133 -9.36 -55.48 -2.13
N ASP E 134 -8.98 -56.41 -1.25
CA ASP E 134 -7.61 -56.86 -1.02
C ASP E 134 -6.67 -55.78 -0.48
N ASP E 135 -6.34 -54.79 -1.31
CA ASP E 135 -5.15 -53.96 -1.10
C ASP E 135 -5.39 -52.70 -0.27
N MET E 136 -6.64 -52.27 -0.11
CA MET E 136 -6.95 -51.11 0.71
C MET E 136 -7.45 -51.53 2.09
N ARG E 137 -7.03 -52.70 2.55
CA ARG E 137 -7.28 -53.07 3.95
C ARG E 137 -6.46 -52.16 4.85
N GLY E 138 -7.14 -51.21 5.49
CA GLY E 138 -6.51 -50.39 6.50
C GLY E 138 -6.00 -49.05 6.02
N GLU E 139 -6.79 -48.34 5.19
CA GLU E 139 -6.37 -47.05 4.69
C GLU E 139 -7.49 -46.01 4.77
N LEU E 140 -8.77 -46.44 4.75
CA LEU E 140 -9.89 -45.50 4.93
C LEU E 140 -10.49 -45.74 6.31
N LYS E 141 -10.40 -44.71 7.15
CA LYS E 141 -10.93 -44.78 8.51
C LYS E 141 -12.26 -44.04 8.57
N ASN E 142 -13.30 -44.73 9.07
CA ASN E 142 -14.62 -44.14 9.24
C ASN E 142 -14.68 -43.60 10.66
N CYS E 143 -14.64 -42.27 10.79
CA CYS E 143 -14.51 -41.60 12.08
C CYS E 143 -15.81 -40.94 12.50
N SER E 144 -16.11 -41.04 13.79
CA SER E 144 -17.26 -40.38 14.39
C SER E 144 -16.77 -39.37 15.41
N PHE E 145 -17.22 -38.12 15.27
CA PHE E 145 -16.87 -37.06 16.18
C PHE E 145 -18.05 -36.10 16.29
N ASN E 146 -18.02 -35.25 17.31
CA ASN E 146 -19.11 -34.32 17.59
C ASN E 146 -18.58 -32.91 17.79
N MET E 147 -19.41 -31.93 17.43
CA MET E 147 -18.93 -30.66 16.91
C MET E 147 -19.91 -29.53 17.22
N THR E 148 -19.43 -28.29 17.35
CA THR E 148 -20.26 -27.13 17.58
C THR E 148 -21.11 -26.85 16.34
N THR E 149 -22.39 -26.57 16.55
CA THR E 149 -23.31 -26.21 15.49
C THR E 149 -23.33 -24.69 15.29
N GLU E 150 -24.33 -24.21 14.55
CA GLU E 150 -24.60 -22.78 14.40
C GLU E 150 -24.79 -22.11 15.76
N LEU E 151 -25.60 -22.74 16.62
CA LEU E 151 -25.75 -22.26 17.98
C LEU E 151 -24.53 -22.63 18.80
N ARG E 152 -24.37 -21.97 19.94
CA ARG E 152 -23.15 -22.12 20.72
C ARG E 152 -23.25 -23.20 21.79
N ASP E 153 -24.39 -23.34 22.45
CA ASP E 153 -24.55 -24.28 23.55
C ASP E 153 -25.06 -25.65 23.11
N LYS E 154 -24.92 -26.00 21.83
CA LYS E 154 -25.48 -27.23 21.29
C LYS E 154 -24.43 -27.95 20.46
N LYS E 155 -24.36 -29.27 20.58
CA LYS E 155 -23.45 -30.09 19.80
C LYS E 155 -24.23 -31.05 18.91
N GLN E 156 -23.67 -31.29 17.72
CA GLN E 156 -24.24 -32.24 16.78
C GLN E 156 -23.27 -33.39 16.61
N LYS E 157 -23.81 -34.58 16.33
CA LYS E 157 -23.00 -35.78 16.12
C LYS E 157 -22.90 -36.05 14.62
N VAL E 158 -21.69 -35.98 14.08
CA VAL E 158 -21.47 -36.17 12.64
C VAL E 158 -20.50 -37.32 12.42
N TYR E 159 -20.22 -37.61 11.15
CA TYR E 159 -19.28 -38.67 10.80
C TYR E 159 -18.66 -38.35 9.45
N SER E 160 -17.43 -38.84 9.24
CA SER E 160 -16.71 -38.64 7.99
C SER E 160 -15.61 -39.67 7.80
N LEU E 161 -15.35 -40.05 6.55
CA LEU E 161 -14.23 -40.95 6.27
C LEU E 161 -12.95 -40.14 6.10
N PHE E 162 -11.93 -40.50 6.86
CA PHE E 162 -10.61 -39.90 6.75
C PHE E 162 -9.61 -40.96 6.31
N TYR E 163 -8.59 -40.52 5.57
CA TYR E 163 -7.53 -41.42 5.15
C TYR E 163 -6.63 -41.76 6.34
N ARG E 164 -5.84 -42.83 6.20
CA ARG E 164 -5.01 -43.27 7.32
C ARG E 164 -3.86 -42.32 7.60
N LEU E 165 -3.31 -41.68 6.56
CA LEU E 165 -2.21 -40.74 6.71
C LEU E 165 -2.60 -39.46 7.44
N ASP E 166 -3.89 -39.19 7.60
CA ASP E 166 -4.35 -37.98 8.28
C ASP E 166 -4.73 -38.19 9.73
N VAL E 167 -4.70 -39.42 10.24
CA VAL E 167 -5.05 -39.70 11.63
C VAL E 167 -3.83 -40.25 12.34
N VAL E 168 -3.64 -39.80 13.59
CA VAL E 168 -2.55 -40.26 14.43
C VAL E 168 -3.16 -40.82 15.71
N GLN E 169 -2.72 -42.02 16.10
CA GLN E 169 -3.31 -42.76 17.20
C GLN E 169 -2.85 -42.17 18.53
N ILE E 170 -3.79 -41.54 19.24
CA ILE E 170 -3.56 -41.16 20.63
C ILE E 170 -3.95 -42.36 21.50
N ASN E 171 -3.18 -42.61 22.55
CA ASN E 171 -3.37 -43.81 23.36
C ASN E 171 -4.40 -43.58 24.46
N ASN E 182 -13.16 -50.13 18.16
CA ASN E 182 -12.95 -48.68 18.11
C ASN E 182 -11.69 -48.23 18.86
N LYS E 183 -11.14 -47.09 18.44
CA LYS E 183 -9.95 -46.52 19.06
C LYS E 183 -10.00 -45.01 18.92
N GLU E 184 -9.36 -44.32 19.85
CA GLU E 184 -9.31 -42.86 19.82
C GLU E 184 -8.22 -42.39 18.87
N TYR E 185 -8.61 -41.73 17.79
CA TYR E 185 -7.66 -41.08 16.89
C TYR E 185 -7.81 -39.57 17.01
N ARG E 186 -6.84 -38.85 16.46
CA ARG E 186 -6.93 -37.41 16.30
C ARG E 186 -6.37 -37.05 14.94
N LEU E 187 -6.67 -35.82 14.51
CA LEU E 187 -6.09 -35.33 13.27
C LEU E 187 -4.59 -35.09 13.45
N ILE E 188 -3.84 -35.31 12.36
CA ILE E 188 -2.38 -35.19 12.41
C ILE E 188 -1.95 -33.74 12.56
N ASN E 189 -2.79 -32.79 12.12
CA ASN E 189 -2.35 -31.40 11.95
C ASN E 189 -2.16 -30.67 13.27
N CYS E 190 -3.09 -30.83 14.22
CA CYS E 190 -3.05 -30.00 15.42
C CYS E 190 -2.14 -30.56 16.52
N ASN E 191 -0.92 -30.93 16.13
CA ASN E 191 0.18 -31.11 17.06
C ASN E 191 1.17 -29.99 16.77
N THR E 192 1.11 -29.48 15.53
CA THR E 192 1.97 -28.40 15.06
C THR E 192 1.21 -27.13 14.72
N SER E 193 0.08 -27.23 14.00
CA SER E 193 -0.69 -26.05 13.63
C SER E 193 -2.11 -26.44 13.23
N ALA E 194 -3.04 -25.52 13.46
CA ALA E 194 -4.37 -25.59 12.87
C ALA E 194 -4.37 -24.76 11.61
N CYS E 195 -5.14 -25.18 10.61
CA CYS E 195 -4.97 -24.62 9.28
C CYS E 195 -6.28 -24.58 8.50
N THR E 196 -6.21 -23.89 7.35
CA THR E 196 -7.32 -23.31 6.63
C THR E 196 -7.78 -24.26 5.51
N GLN E 197 -9.09 -24.55 5.51
CA GLN E 197 -9.74 -25.24 4.40
C GLN E 197 -9.72 -24.35 3.17
N ALA E 198 -9.39 -24.91 2.01
CA ALA E 198 -9.46 -24.15 0.76
C ALA E 198 -10.92 -23.87 0.42
N CYS E 199 -11.21 -22.66 -0.02
CA CYS E 199 -12.56 -22.30 -0.46
C CYS E 199 -12.93 -23.11 -1.70
N PRO E 200 -14.18 -23.55 -1.84
CA PRO E 200 -14.52 -24.49 -2.92
C PRO E 200 -14.78 -23.85 -4.27
N LYS E 201 -14.45 -22.57 -4.42
CA LYS E 201 -14.61 -21.88 -5.70
C LYS E 201 -13.30 -21.62 -6.41
N VAL E 202 -12.19 -21.50 -5.68
CA VAL E 202 -10.89 -21.33 -6.34
C VAL E 202 -10.41 -22.68 -6.86
N SER E 203 -9.70 -22.64 -7.98
CA SER E 203 -9.25 -23.85 -8.64
C SER E 203 -7.72 -23.86 -8.69
N PHE E 204 -7.14 -25.05 -8.55
CA PHE E 204 -5.69 -25.24 -8.55
C PHE E 204 -5.17 -25.64 -9.93
N GLU E 205 -5.84 -25.22 -10.99
CA GLU E 205 -5.40 -25.53 -12.35
C GLU E 205 -4.39 -24.49 -12.80
N PRO E 206 -3.18 -24.89 -13.23
CA PRO E 206 -2.22 -23.90 -13.76
C PRO E 206 -2.68 -23.32 -15.08
N ILE E 207 -2.56 -22.00 -15.20
CA ILE E 207 -2.79 -21.27 -16.44
C ILE E 207 -1.50 -20.51 -16.76
N PRO E 208 -1.17 -20.29 -18.05
CA PRO E 208 0.10 -19.62 -18.38
C PRO E 208 0.19 -18.16 -17.96
N ILE E 209 1.32 -17.76 -17.40
CA ILE E 209 1.59 -16.38 -17.02
C ILE E 209 2.87 -15.94 -17.71
N HIS E 210 2.98 -14.63 -17.97
CA HIS E 210 3.99 -14.07 -18.88
C HIS E 210 4.73 -12.94 -18.16
N TYR E 211 5.89 -13.23 -17.59
CA TYR E 211 6.69 -12.19 -16.93
C TYR E 211 7.28 -11.24 -17.96
N CYS E 212 6.73 -10.03 -17.99
CA CYS E 212 7.17 -8.98 -18.89
C CYS E 212 8.32 -8.19 -18.28
N ALA E 213 9.06 -7.50 -19.13
CA ALA E 213 10.07 -6.55 -18.69
C ALA E 213 9.41 -5.26 -18.24
N PRO E 214 10.01 -4.56 -17.27
CA PRO E 214 9.50 -3.22 -16.94
C PRO E 214 9.98 -2.18 -17.93
N ALA E 215 9.61 -0.92 -17.72
CA ALA E 215 9.95 0.17 -18.64
C ALA E 215 11.42 0.50 -18.46
N GLY E 216 12.20 0.32 -19.52
CA GLY E 216 13.62 0.59 -19.48
C GLY E 216 14.51 -0.62 -19.28
N PHE E 217 13.96 -1.83 -19.23
CA PHE E 217 14.76 -3.04 -19.10
C PHE E 217 14.57 -3.93 -20.32
N ALA E 218 15.17 -5.11 -20.31
CA ALA E 218 15.06 -6.02 -21.44
C ALA E 218 15.19 -7.45 -20.95
N ILE E 219 14.37 -8.34 -21.49
CA ILE E 219 14.46 -9.77 -21.20
C ILE E 219 15.15 -10.40 -22.41
N LEU E 220 16.36 -10.91 -22.19
CA LEU E 220 17.13 -11.48 -23.29
C LEU E 220 16.90 -12.98 -23.38
N LYS E 221 16.68 -13.48 -24.60
CA LYS E 221 16.30 -14.85 -24.85
C LYS E 221 17.36 -15.55 -25.68
N CYS E 222 17.74 -16.76 -25.26
CA CYS E 222 18.71 -17.55 -26.01
C CYS E 222 17.98 -18.35 -27.10
N LYS E 223 18.70 -18.70 -28.16
CA LYS E 223 18.09 -19.44 -29.26
C LYS E 223 18.96 -20.58 -29.74
N ASP E 224 20.14 -20.74 -29.14
CA ASP E 224 21.03 -21.84 -29.48
C ASP E 224 20.45 -23.13 -28.90
N LYS E 225 20.38 -24.18 -29.73
CA LYS E 225 19.69 -25.39 -29.34
C LYS E 225 20.47 -26.19 -28.31
N LYS E 226 21.69 -26.60 -28.64
CA LYS E 226 22.53 -27.30 -27.68
C LYS E 226 23.09 -26.31 -26.67
N PHE E 227 22.31 -26.05 -25.62
CA PHE E 227 22.65 -25.00 -24.67
C PHE E 227 22.81 -25.61 -23.28
N ASN E 228 23.95 -25.37 -22.64
CA ASN E 228 24.31 -26.09 -21.43
C ASN E 228 23.69 -25.36 -20.24
N GLY E 229 23.26 -24.12 -20.46
CA GLY E 229 23.05 -23.22 -19.35
C GLY E 229 24.26 -22.31 -19.16
N THR E 230 25.16 -22.69 -18.26
CA THR E 230 26.42 -21.97 -18.09
C THR E 230 27.25 -22.02 -19.37
N GLY E 231 27.40 -20.87 -20.03
CA GLY E 231 28.10 -20.80 -21.29
C GLY E 231 27.46 -19.81 -22.25
N PRO E 232 28.21 -19.40 -23.28
CA PRO E 232 27.69 -18.40 -24.22
C PRO E 232 26.58 -18.95 -25.10
N CYS E 233 25.66 -18.06 -25.47
CA CYS E 233 24.61 -18.34 -26.46
C CYS E 233 24.86 -17.47 -27.68
N PRO E 234 25.23 -18.09 -28.82
CA PRO E 234 25.49 -17.32 -30.05
C PRO E 234 24.28 -16.58 -30.61
N SER E 235 23.08 -17.16 -30.47
CA SER E 235 21.87 -16.59 -31.05
C SER E 235 21.00 -16.03 -29.92
N VAL E 236 20.98 -14.71 -29.79
CA VAL E 236 20.30 -14.04 -28.68
C VAL E 236 19.22 -13.14 -29.24
N SER E 237 18.03 -13.19 -28.63
CA SER E 237 16.92 -12.36 -29.06
C SER E 237 16.41 -11.54 -27.87
N THR E 238 15.83 -10.39 -28.18
CA THR E 238 15.19 -9.53 -27.18
C THR E 238 13.69 -9.67 -27.31
N VAL E 239 13.03 -10.07 -26.23
CA VAL E 239 11.59 -10.15 -26.19
C VAL E 239 11.10 -9.45 -24.92
N GLN E 240 9.98 -8.75 -25.04
CA GLN E 240 9.45 -7.97 -23.94
C GLN E 240 8.61 -8.79 -22.97
N CYS E 241 8.44 -10.09 -23.24
CA CYS E 241 7.69 -10.97 -22.35
C CYS E 241 8.19 -12.40 -22.50
N THR E 242 8.13 -13.14 -21.40
CA THR E 242 8.46 -14.56 -21.45
C THR E 242 7.29 -15.35 -22.04
N HIS E 243 7.50 -16.65 -22.25
CA HIS E 243 6.44 -17.48 -22.81
C HIS E 243 5.47 -17.94 -21.73
N GLY E 244 4.63 -18.90 -22.05
CA GLY E 244 3.64 -19.36 -21.10
C GLY E 244 4.14 -20.35 -20.07
N ILE E 245 4.88 -19.87 -19.07
CA ILE E 245 5.34 -20.72 -17.98
C ILE E 245 4.16 -21.08 -17.10
N LYS E 246 3.86 -22.38 -17.01
CA LYS E 246 2.75 -22.86 -16.20
C LYS E 246 3.25 -23.22 -14.81
N PRO E 247 2.73 -22.61 -13.75
CA PRO E 247 3.17 -22.97 -12.40
C PRO E 247 2.67 -24.34 -11.96
N VAL E 248 3.34 -25.39 -12.43
CA VAL E 248 2.97 -26.77 -12.13
C VAL E 248 3.83 -27.23 -10.96
N VAL E 249 3.28 -28.09 -10.11
CA VAL E 249 3.99 -28.58 -8.93
C VAL E 249 4.21 -30.08 -9.09
N SER E 250 5.47 -30.49 -9.08
CA SER E 250 5.85 -31.90 -9.18
C SER E 250 7.16 -32.08 -8.44
N THR E 251 7.51 -33.33 -8.15
CA THR E 251 8.67 -33.59 -7.29
C THR E 251 9.77 -34.38 -7.99
N GLN E 252 9.40 -35.34 -8.84
CA GLN E 252 10.41 -36.23 -9.42
C GLN E 252 10.34 -36.29 -10.94
N LEU E 253 9.15 -36.07 -11.49
CA LEU E 253 8.85 -36.32 -12.91
C LEU E 253 8.13 -35.15 -13.55
N LEU E 254 8.78 -33.98 -13.60
CA LEU E 254 8.26 -32.68 -14.03
C LEU E 254 7.27 -32.70 -15.19
N LEU E 255 6.11 -32.13 -14.93
CA LEU E 255 4.90 -32.31 -15.72
C LEU E 255 4.87 -31.27 -16.84
N ASN E 256 3.67 -30.94 -17.33
CA ASN E 256 3.32 -30.12 -18.50
C ASN E 256 4.24 -28.93 -18.72
N GLY E 257 4.88 -28.85 -19.88
CA GLY E 257 5.87 -27.82 -20.10
C GLY E 257 6.49 -27.81 -21.48
N SER E 258 7.73 -27.33 -21.57
CA SER E 258 8.41 -27.10 -22.84
C SER E 258 9.24 -28.33 -23.18
N LEU E 259 9.02 -28.88 -24.37
CA LEU E 259 9.81 -30.00 -24.84
C LEU E 259 11.09 -29.48 -25.50
N ALA E 260 12.23 -30.06 -25.16
CA ALA E 260 13.46 -29.71 -25.86
C ALA E 260 13.43 -30.28 -27.27
N GLU E 261 14.02 -29.53 -28.21
CA GLU E 261 14.01 -29.91 -29.62
C GLU E 261 15.44 -29.89 -30.17
N GLU E 262 16.15 -30.99 -29.89
CA GLU E 262 17.56 -31.25 -30.22
C GLU E 262 17.86 -32.71 -29.79
N GLU E 263 18.38 -32.95 -28.59
CA GLU E 263 18.48 -34.25 -27.97
C GLU E 263 17.99 -34.09 -26.55
N VAL E 264 17.95 -35.19 -25.79
CA VAL E 264 17.65 -35.08 -24.37
C VAL E 264 18.83 -34.40 -23.69
N MET E 265 18.54 -33.40 -22.87
CA MET E 265 19.61 -32.58 -22.32
C MET E 265 19.80 -32.84 -20.84
N ILE E 266 21.05 -33.07 -20.45
CA ILE E 266 21.42 -33.27 -19.06
C ILE E 266 22.10 -32.01 -18.57
N ARG E 267 21.43 -31.29 -17.67
CA ARG E 267 21.90 -29.99 -17.25
C ARG E 267 22.18 -29.97 -15.75
N SER E 268 23.35 -29.44 -15.39
CA SER E 268 23.68 -29.19 -13.99
C SER E 268 24.71 -28.07 -13.88
N GLU E 269 25.07 -27.69 -12.65
CA GLU E 269 26.09 -26.66 -12.47
C GLU E 269 27.43 -27.26 -12.05
N ASN E 270 27.44 -28.27 -11.20
CA ASN E 270 28.66 -29.00 -10.85
C ASN E 270 28.33 -30.50 -10.83
N ILE E 271 27.87 -31.02 -11.97
CA ILE E 271 27.52 -32.42 -12.21
C ILE E 271 28.56 -33.44 -11.70
N THR E 272 29.83 -33.03 -11.62
CA THR E 272 30.87 -33.86 -11.01
C THR E 272 30.60 -34.08 -9.53
N ASN E 273 30.15 -33.04 -8.83
CA ASN E 273 29.85 -33.15 -7.40
C ASN E 273 28.63 -34.04 -7.21
N ASN E 274 28.54 -34.66 -6.05
CA ASN E 274 27.55 -35.70 -5.74
C ASN E 274 26.36 -35.15 -4.97
N ALA E 275 26.19 -33.81 -4.96
CA ALA E 275 25.10 -33.25 -4.17
C ALA E 275 24.28 -32.20 -4.94
N LYS E 276 24.37 -32.16 -6.26
CA LYS E 276 23.62 -31.21 -7.07
C LYS E 276 22.55 -31.97 -7.86
N ASN E 277 21.35 -31.41 -7.91
CA ASN E 277 20.26 -32.04 -8.63
C ASN E 277 20.50 -31.97 -10.14
N ILE E 278 20.31 -33.10 -10.80
CA ILE E 278 20.56 -33.22 -12.23
C ILE E 278 19.25 -33.12 -12.99
N LEU E 279 19.05 -32.02 -13.72
CA LEU E 279 17.82 -31.82 -14.47
C LEU E 279 17.94 -32.43 -15.86
N VAL E 280 16.96 -33.25 -16.24
CA VAL E 280 16.95 -33.89 -17.55
C VAL E 280 15.68 -33.49 -18.28
N GLN E 281 15.81 -33.03 -19.52
CA GLN E 281 14.65 -32.60 -20.31
C GLN E 281 14.57 -33.49 -21.54
N PHE E 282 13.35 -33.93 -21.87
CA PHE E 282 13.14 -34.90 -22.93
C PHE E 282 12.87 -34.22 -24.27
N ASN E 283 12.86 -35.03 -25.34
CA ASN E 283 12.45 -34.58 -26.67
C ASN E 283 10.98 -34.84 -26.93
N THR E 284 10.55 -36.07 -26.76
CA THR E 284 9.19 -36.51 -26.92
C THR E 284 8.50 -36.62 -25.58
N PRO E 285 7.24 -36.22 -25.48
CA PRO E 285 6.52 -36.35 -24.20
C PRO E 285 6.13 -37.80 -23.92
N VAL E 286 6.11 -38.12 -22.62
CA VAL E 286 5.73 -39.45 -22.18
C VAL E 286 4.37 -39.35 -21.51
N GLN E 287 3.34 -39.89 -22.16
CA GLN E 287 1.97 -39.73 -21.71
C GLN E 287 1.70 -40.62 -20.50
N ILE E 288 1.10 -40.04 -19.47
CA ILE E 288 0.87 -40.72 -18.20
C ILE E 288 -0.60 -40.59 -17.83
N ASN E 289 -1.21 -41.72 -17.47
CA ASN E 289 -2.59 -41.75 -17.00
C ASN E 289 -2.55 -41.80 -15.47
N CYS E 290 -3.40 -41.03 -14.81
CA CYS E 290 -3.71 -41.24 -13.40
C CYS E 290 -5.18 -40.94 -13.17
N THR E 291 -5.78 -41.68 -12.24
CA THR E 291 -7.21 -41.52 -11.97
C THR E 291 -7.50 -41.98 -10.54
N ARG E 292 -8.70 -41.64 -10.07
CA ARG E 292 -9.20 -42.11 -8.78
C ARG E 292 -10.51 -42.85 -9.04
N PRO E 293 -10.53 -44.19 -8.89
CA PRO E 293 -11.73 -44.96 -9.25
C PRO E 293 -12.89 -44.79 -8.27
N ASN E 294 -12.64 -44.21 -7.10
CA ASN E 294 -13.70 -44.04 -6.12
C ASN E 294 -14.68 -42.95 -6.56
N ASN E 295 -15.89 -43.01 -6.01
CA ASN E 295 -16.95 -42.06 -6.33
C ASN E 295 -17.36 -41.37 -5.03
N ASN E 296 -16.64 -40.31 -4.68
CA ASN E 296 -16.90 -39.58 -3.45
C ASN E 296 -18.17 -38.74 -3.56
N THR E 297 -18.82 -38.54 -2.41
CA THR E 297 -19.94 -37.63 -2.28
C THR E 297 -19.65 -36.65 -1.15
N ARG E 298 -19.99 -35.40 -1.37
CA ARG E 298 -19.76 -34.35 -0.38
C ARG E 298 -20.98 -34.19 0.51
N LYS E 299 -20.76 -34.21 1.82
CA LYS E 299 -21.75 -33.77 2.80
C LYS E 299 -21.19 -32.50 3.42
N SER E 300 -22.06 -31.54 3.72
CA SER E 300 -21.62 -30.27 4.25
C SER E 300 -22.01 -30.13 5.71
N ILE E 301 -21.02 -30.09 6.59
CA ILE E 301 -21.24 -29.96 8.02
C ILE E 301 -21.09 -28.48 8.39
N ARG E 302 -22.12 -27.95 9.05
CA ARG E 302 -22.12 -26.55 9.47
C ARG E 302 -21.48 -26.46 10.85
N ILE E 303 -20.34 -25.77 10.92
CA ILE E 303 -19.54 -25.74 12.14
C ILE E 303 -19.71 -24.45 12.93
N GLY E 304 -20.30 -23.42 12.36
CA GLY E 304 -20.46 -22.16 13.04
C GLY E 304 -21.39 -21.22 12.30
N PRO E 305 -21.65 -20.05 12.87
CA PRO E 305 -22.52 -19.08 12.20
C PRO E 305 -21.90 -18.46 10.96
N GLY E 306 -21.87 -19.22 9.86
CA GLY E 306 -21.36 -18.76 8.58
C GLY E 306 -20.39 -19.71 7.92
N GLN E 307 -19.59 -20.43 8.71
CA GLN E 307 -18.58 -21.29 8.16
C GLN E 307 -19.15 -22.69 7.89
N ALA E 308 -18.46 -23.44 7.06
CA ALA E 308 -18.86 -24.80 6.73
C ALA E 308 -17.62 -25.65 6.53
N PHE E 309 -17.78 -26.96 6.68
CA PHE E 309 -16.68 -27.91 6.58
C PHE E 309 -17.15 -29.04 5.69
N TYR E 310 -16.61 -29.12 4.46
CA TYR E 310 -17.01 -30.14 3.50
C TYR E 310 -16.23 -31.41 3.81
N ALA E 311 -16.95 -32.52 3.97
CA ALA E 311 -16.37 -33.78 4.39
C ALA E 311 -16.76 -34.89 3.42
N THR E 312 -16.01 -35.99 3.45
CA THR E 312 -16.35 -37.16 2.66
C THR E 312 -17.64 -37.78 3.19
N GLY E 313 -18.51 -38.18 2.27
CA GLY E 313 -19.76 -38.81 2.66
C GLY E 313 -19.61 -40.31 2.75
N ASP E 314 -20.37 -41.03 1.92
CA ASP E 314 -20.26 -42.49 1.84
C ASP E 314 -20.01 -42.79 0.37
N ILE E 315 -19.22 -43.83 0.10
CA ILE E 315 -18.85 -44.17 -1.27
C ILE E 315 -20.01 -44.86 -1.95
N ILE E 316 -20.45 -44.30 -3.07
CA ILE E 316 -21.47 -44.95 -3.90
C ILE E 316 -20.72 -45.81 -4.91
N GLY E 317 -20.53 -47.08 -4.58
CA GLY E 317 -19.81 -47.99 -5.44
C GLY E 317 -18.75 -48.74 -4.66
N ASP E 318 -17.80 -49.30 -5.40
CA ASP E 318 -16.69 -50.04 -4.84
C ASP E 318 -15.43 -49.18 -4.90
N ILE E 319 -14.48 -49.49 -4.02
CA ILE E 319 -13.25 -48.71 -3.90
C ILE E 319 -12.06 -49.54 -4.37
N ARG E 320 -11.10 -48.86 -4.99
CA ARG E 320 -9.87 -49.44 -5.51
C ARG E 320 -8.79 -48.39 -5.42
N GLN E 321 -7.53 -48.82 -5.59
CA GLN E 321 -6.43 -47.87 -5.52
C GLN E 321 -6.44 -46.92 -6.72
N ALA E 322 -5.91 -45.73 -6.49
CA ALA E 322 -5.69 -44.75 -7.55
C ALA E 322 -4.48 -45.21 -8.35
N HIS E 323 -4.73 -45.89 -9.47
CA HIS E 323 -3.65 -46.49 -10.25
C HIS E 323 -3.17 -45.56 -11.35
N CYS E 324 -1.85 -45.44 -11.47
CA CYS E 324 -1.23 -44.55 -12.44
C CYS E 324 -0.51 -45.35 -13.51
N ASN E 325 -0.79 -45.06 -14.77
CA ASN E 325 -0.27 -45.81 -15.89
C ASN E 325 0.76 -45.02 -16.69
N VAL E 326 1.71 -45.76 -17.27
CA VAL E 326 2.71 -45.22 -18.17
C VAL E 326 3.14 -46.36 -19.10
N SER E 327 3.42 -46.04 -20.36
CA SER E 327 3.72 -47.07 -21.35
C SER E 327 5.12 -47.65 -21.15
N LYS E 328 5.24 -48.97 -21.35
CA LYS E 328 6.50 -49.68 -21.22
C LYS E 328 7.52 -49.25 -22.26
N ALA E 329 7.12 -49.28 -23.54
CA ALA E 329 8.03 -49.04 -24.65
C ALA E 329 8.48 -47.59 -24.71
N THR E 330 7.57 -46.66 -24.42
CA THR E 330 7.89 -45.23 -24.45
C THR E 330 8.91 -44.87 -23.38
N TRP E 331 8.72 -45.40 -22.16
CA TRP E 331 9.66 -45.16 -21.08
C TRP E 331 10.99 -45.85 -21.33
N ASN E 332 10.94 -47.04 -21.95
CA ASN E 332 12.17 -47.77 -22.27
C ASN E 332 13.00 -46.99 -23.29
N GLU E 333 12.34 -46.45 -24.31
CA GLU E 333 13.02 -45.65 -25.32
C GLU E 333 13.54 -44.33 -24.73
N THR E 334 12.78 -43.74 -23.81
CA THR E 334 13.20 -42.49 -23.19
C THR E 334 14.42 -42.69 -22.29
N LEU E 335 14.43 -43.77 -21.50
CA LEU E 335 15.61 -44.10 -20.72
C LEU E 335 16.79 -44.47 -21.59
N GLY E 336 16.53 -45.07 -22.76
CA GLY E 336 17.58 -45.33 -23.74
C GLY E 336 18.22 -44.06 -24.28
N LYS E 337 17.40 -43.05 -24.57
CA LYS E 337 17.94 -41.77 -25.01
C LYS E 337 18.73 -41.08 -23.90
N VAL E 338 18.23 -41.17 -22.66
CA VAL E 338 18.91 -40.55 -21.51
C VAL E 338 20.27 -41.20 -21.27
N VAL E 339 20.33 -42.54 -21.31
CA VAL E 339 21.61 -43.21 -21.09
C VAL E 339 22.54 -42.98 -22.28
N LYS E 340 21.98 -42.83 -23.49
CA LYS E 340 22.79 -42.54 -24.68
C LYS E 340 23.47 -41.19 -24.56
N GLN E 341 22.76 -40.18 -24.05
CA GLN E 341 23.39 -38.86 -23.94
C GLN E 341 24.14 -38.75 -22.60
N LEU E 342 24.01 -39.75 -21.73
CA LEU E 342 24.73 -39.73 -20.45
C LEU E 342 26.09 -40.40 -20.54
N ARG E 343 26.23 -41.44 -21.38
CA ARG E 343 27.50 -42.15 -21.56
C ARG E 343 28.60 -41.21 -22.03
N LYS E 344 28.37 -40.49 -23.13
CA LYS E 344 29.22 -39.34 -23.40
C LYS E 344 28.88 -38.29 -22.34
N HIS E 345 29.89 -38.02 -21.50
CA HIS E 345 30.12 -37.06 -20.40
C HIS E 345 30.48 -37.91 -19.18
N PHE E 346 29.73 -38.97 -18.89
CA PHE E 346 30.01 -39.73 -17.67
C PHE E 346 30.88 -40.96 -17.89
N GLY E 347 31.43 -41.15 -19.07
CA GLY E 347 32.35 -42.25 -19.32
C GLY E 347 31.88 -43.09 -20.48
N ASN E 348 32.80 -43.35 -21.40
CA ASN E 348 32.40 -43.83 -22.72
C ASN E 348 32.12 -45.33 -22.70
N ASN E 349 32.51 -46.01 -21.63
CA ASN E 349 32.06 -47.37 -21.31
C ASN E 349 31.61 -47.49 -19.83
N THR E 350 30.33 -47.17 -19.60
CA THR E 350 29.72 -47.25 -18.29
C THR E 350 28.51 -48.16 -18.29
N ILE E 351 28.20 -48.71 -17.13
CA ILE E 351 26.89 -49.29 -16.85
C ILE E 351 26.15 -48.29 -15.96
N ILE E 352 24.90 -48.02 -16.29
CA ILE E 352 24.13 -46.99 -15.60
C ILE E 352 22.97 -47.65 -14.88
N ARG E 353 22.90 -47.45 -13.57
CA ARG E 353 21.92 -48.10 -12.70
C ARG E 353 20.87 -47.08 -12.28
N PHE E 354 19.61 -47.46 -12.40
CA PHE E 354 18.52 -46.68 -11.83
C PHE E 354 17.91 -47.42 -10.66
N ALA E 355 17.40 -46.65 -9.70
CA ALA E 355 16.87 -47.22 -8.46
C ALA E 355 15.72 -46.34 -8.00
N ASN E 356 15.33 -46.49 -6.74
CA ASN E 356 14.27 -45.71 -6.11
C ASN E 356 14.83 -44.86 -4.98
N SER E 357 13.98 -43.97 -4.48
CA SER E 357 14.41 -42.94 -3.54
C SER E 357 14.72 -43.54 -2.17
N SER E 358 15.44 -42.79 -1.35
CA SER E 358 15.82 -43.26 -0.03
C SER E 358 15.53 -42.26 1.08
N GLY E 359 14.72 -41.24 0.84
CA GLY E 359 14.41 -40.26 1.87
C GLY E 359 13.38 -40.75 2.86
N GLY E 360 13.03 -39.91 3.83
CA GLY E 360 12.10 -40.31 4.86
C GLY E 360 10.76 -39.61 4.80
N ASP E 361 10.77 -38.33 4.40
CA ASP E 361 9.52 -37.59 4.24
C ASP E 361 8.77 -38.02 2.99
N LEU E 362 7.44 -37.83 3.00
CA LEU E 362 6.58 -38.39 1.97
C LEU E 362 6.57 -37.53 0.71
N GLU E 363 7.07 -36.30 0.80
CA GLU E 363 7.01 -35.39 -0.33
C GLU E 363 8.24 -35.46 -1.23
N VAL E 364 9.29 -36.16 -0.84
CA VAL E 364 10.47 -36.33 -1.69
C VAL E 364 10.63 -37.73 -2.22
N THR E 365 10.22 -38.78 -1.50
CA THR E 365 10.31 -40.15 -1.96
C THR E 365 9.14 -40.53 -2.86
N THR E 366 8.19 -39.62 -3.07
CA THR E 366 7.02 -39.90 -3.90
C THR E 366 6.94 -38.93 -5.07
N HIS E 367 5.84 -39.00 -5.83
CA HIS E 367 5.64 -38.16 -7.00
C HIS E 367 4.32 -37.39 -6.81
N SER E 368 4.41 -36.22 -6.20
CA SER E 368 3.22 -35.44 -5.88
C SER E 368 2.82 -34.56 -7.05
N PHE E 369 1.51 -34.44 -7.26
CA PHE E 369 0.98 -33.54 -8.29
C PHE E 369 -0.43 -33.10 -7.89
N ASN E 370 -1.15 -32.49 -8.83
CA ASN E 370 -2.40 -31.79 -8.53
C ASN E 370 -3.53 -32.18 -9.48
N CYS E 371 -3.76 -33.48 -9.65
CA CYS E 371 -4.78 -33.98 -10.56
C CYS E 371 -6.20 -33.67 -10.07
N GLY E 372 -6.84 -32.67 -10.65
CA GLY E 372 -8.23 -32.36 -10.41
C GLY E 372 -8.51 -31.53 -9.17
N GLY E 373 -7.69 -31.66 -8.13
CA GLY E 373 -7.94 -31.01 -6.86
C GLY E 373 -7.70 -31.96 -5.72
N GLU E 374 -7.38 -33.21 -6.05
CA GLU E 374 -7.04 -34.23 -5.07
C GLU E 374 -5.54 -34.45 -5.17
N PHE E 375 -4.86 -34.47 -4.02
CA PHE E 375 -3.41 -34.54 -3.99
C PHE E 375 -2.97 -35.99 -4.01
N PHE E 376 -2.06 -36.32 -4.94
CA PHE E 376 -1.54 -37.66 -5.07
C PHE E 376 -0.15 -37.75 -4.45
N TYR E 377 0.24 -38.96 -4.04
CA TYR E 377 1.55 -39.20 -3.46
C TYR E 377 1.93 -40.63 -3.87
N CYS E 378 2.68 -40.74 -4.97
CA CYS E 378 2.64 -41.98 -5.75
C CYS E 378 3.94 -42.78 -5.58
N ASN E 379 4.08 -43.91 -6.27
CA ASN E 379 5.26 -44.77 -6.10
C ASN E 379 6.54 -44.29 -6.75
N THR E 380 6.64 -44.29 -8.08
CA THR E 380 7.88 -44.22 -8.86
C THR E 380 9.01 -45.08 -8.30
N SER E 381 8.79 -46.39 -8.14
CA SER E 381 9.87 -47.31 -7.80
C SER E 381 9.96 -48.41 -8.84
N GLY E 382 8.82 -48.91 -9.30
CA GLY E 382 8.78 -49.89 -10.36
C GLY E 382 8.92 -49.26 -11.73
N LEU E 383 8.98 -47.93 -11.75
CA LEU E 383 9.15 -47.18 -12.97
C LEU E 383 10.63 -46.98 -13.27
N PHE E 384 11.52 -47.37 -12.34
CA PHE E 384 12.96 -47.12 -12.48
C PHE E 384 13.81 -48.34 -12.15
N ASN E 385 13.32 -49.56 -12.40
CA ASN E 385 14.04 -50.76 -11.98
C ASN E 385 14.78 -51.30 -13.20
N SER E 386 15.91 -50.67 -13.53
CA SER E 386 16.63 -51.07 -14.73
C SER E 386 18.12 -50.89 -14.50
N THR E 387 18.92 -51.70 -15.22
CA THR E 387 20.39 -51.65 -15.21
C THR E 387 20.86 -51.66 -16.66
N TRP E 388 21.07 -50.49 -17.24
CA TRP E 388 21.58 -50.41 -18.61
C TRP E 388 23.07 -50.76 -18.64
N ILE E 389 23.44 -51.66 -19.55
CA ILE E 389 24.79 -52.20 -19.64
C ILE E 389 25.38 -51.74 -20.98
N SER E 390 26.71 -51.64 -21.06
CA SER E 390 27.38 -51.20 -22.28
C SER E 390 27.32 -52.23 -23.40
N ASN E 403 0.78 -53.68 -26.30
CA ASN E 403 1.22 -52.52 -25.54
C ASN E 403 0.95 -52.69 -24.05
N ASP E 404 2.01 -52.91 -23.27
CA ASP E 404 1.88 -53.08 -21.83
C ASP E 404 1.84 -51.73 -21.14
N SER E 405 1.59 -51.73 -19.83
CA SER E 405 1.54 -50.50 -19.06
C SER E 405 2.07 -50.72 -17.65
N ILE E 406 2.99 -49.87 -17.21
CA ILE E 406 3.46 -49.93 -15.83
C ILE E 406 2.42 -49.26 -14.95
N THR E 407 1.88 -50.01 -14.00
CA THR E 407 0.89 -49.47 -13.05
C THR E 407 1.64 -48.98 -11.82
N LEU E 408 1.45 -47.70 -11.51
CA LEU E 408 2.03 -47.13 -10.31
C LEU E 408 0.95 -46.97 -9.25
N PRO E 409 1.18 -47.47 -8.04
CA PRO E 409 0.22 -47.18 -6.95
C PRO E 409 0.32 -45.74 -6.50
N CYS E 410 -0.63 -44.91 -6.93
CA CYS E 410 -0.69 -43.52 -6.49
C CYS E 410 -1.66 -43.42 -5.31
N ARG E 411 -1.31 -42.62 -4.32
CA ARG E 411 -1.95 -42.67 -3.01
C ARG E 411 -2.28 -41.25 -2.55
N ILE E 412 -3.43 -41.07 -1.92
CA ILE E 412 -4.05 -39.76 -1.73
C ILE E 412 -4.02 -39.33 -0.28
N LYS E 413 -3.61 -38.08 -0.03
CA LYS E 413 -3.57 -37.48 1.30
C LYS E 413 -4.18 -36.09 1.22
N GLN E 414 -4.95 -35.72 2.25
CA GLN E 414 -5.71 -34.48 2.25
C GLN E 414 -5.01 -33.34 2.97
N ILE E 415 -4.36 -33.61 4.11
CA ILE E 415 -3.64 -32.57 4.85
C ILE E 415 -2.32 -32.31 4.14
N ILE E 416 -2.13 -31.10 3.63
CA ILE E 416 -1.02 -30.80 2.73
C ILE E 416 -0.09 -29.77 3.37
N ASN E 417 1.15 -30.18 3.63
CA ASN E 417 2.22 -29.28 4.05
C ASN E 417 3.14 -29.06 2.85
N MET E 418 2.77 -28.13 1.97
CA MET E 418 3.58 -27.89 0.80
C MET E 418 4.35 -26.58 0.94
N TRP E 419 5.22 -26.30 -0.04
CA TRP E 419 6.23 -25.22 -0.05
C TRP E 419 7.27 -25.39 1.05
N GLN E 420 7.36 -26.61 1.62
CA GLN E 420 8.32 -27.03 2.64
C GLN E 420 8.40 -26.11 3.85
N ARG E 421 7.25 -25.74 4.42
CA ARG E 421 7.18 -24.90 5.60
C ARG E 421 6.64 -25.70 6.77
N ILE E 422 7.17 -25.42 7.96
CA ILE E 422 6.85 -26.21 9.15
C ILE E 422 5.61 -25.62 9.82
N GLY E 423 4.47 -25.94 9.24
CA GLY E 423 3.14 -25.75 9.80
C GLY E 423 2.44 -24.51 9.31
N GLN E 424 1.80 -24.67 8.15
CA GLN E 424 0.63 -24.01 7.59
C GLN E 424 0.06 -25.01 6.61
N CYS E 425 -0.91 -25.81 7.04
CA CYS E 425 -1.42 -26.87 6.19
C CYS E 425 -2.62 -26.37 5.40
N MET E 426 -3.28 -27.28 4.69
CA MET E 426 -4.50 -26.96 3.99
C MET E 426 -5.38 -28.19 3.88
N TYR E 427 -6.59 -28.12 4.43
CA TYR E 427 -7.55 -29.19 4.22
C TYR E 427 -8.16 -29.06 2.83
N ALA E 428 -7.76 -29.94 1.93
CA ALA E 428 -8.29 -29.95 0.58
C ALA E 428 -9.69 -30.50 0.62
N PRO E 429 -10.68 -29.79 0.08
CA PRO E 429 -12.05 -30.30 0.07
C PRO E 429 -12.18 -31.53 -0.80
N PRO E 430 -13.04 -32.48 -0.42
CA PRO E 430 -13.39 -33.58 -1.31
C PRO E 430 -14.00 -33.08 -2.61
N ILE E 431 -13.71 -33.73 -3.72
CA ILE E 431 -14.32 -33.37 -5.00
C ILE E 431 -15.18 -34.54 -5.47
N GLN E 432 -16.40 -34.23 -5.87
CA GLN E 432 -17.42 -35.23 -6.12
C GLN E 432 -17.28 -35.82 -7.51
N GLY E 433 -17.31 -37.14 -7.59
CA GLY E 433 -17.16 -37.86 -8.84
C GLY E 433 -15.73 -38.33 -9.06
N VAL E 434 -15.55 -39.08 -10.14
CA VAL E 434 -14.23 -39.60 -10.49
C VAL E 434 -13.40 -38.49 -11.12
N ILE E 435 -12.08 -38.62 -10.97
CA ILE E 435 -11.13 -37.65 -11.51
C ILE E 435 -10.21 -38.38 -12.47
N ARG E 436 -9.99 -37.77 -13.64
CA ARG E 436 -9.07 -38.33 -14.63
C ARG E 436 -8.23 -37.21 -15.22
N CYS E 437 -6.92 -37.42 -15.26
CA CYS E 437 -5.99 -36.44 -15.82
C CYS E 437 -5.15 -37.08 -16.91
N VAL E 438 -4.95 -36.35 -18.00
CA VAL E 438 -4.01 -36.70 -19.05
C VAL E 438 -2.96 -35.61 -19.09
N SER E 439 -1.70 -36.00 -18.91
CA SER E 439 -0.62 -35.03 -18.76
C SER E 439 0.66 -35.55 -19.43
N ASN E 440 1.58 -34.63 -19.68
CA ASN E 440 2.80 -34.90 -20.44
C ASN E 440 3.97 -34.91 -19.47
N ILE E 441 4.78 -35.97 -19.50
CA ILE E 441 6.05 -35.91 -18.80
C ILE E 441 7.10 -35.27 -19.69
N THR E 442 7.62 -34.13 -19.25
CA THR E 442 8.60 -33.41 -20.06
C THR E 442 9.96 -33.29 -19.37
N GLY E 443 10.11 -33.80 -18.16
CA GLY E 443 11.34 -33.59 -17.43
C GLY E 443 11.54 -34.66 -16.38
N LEU E 444 12.70 -34.57 -15.72
CA LEU E 444 13.12 -35.57 -14.74
C LEU E 444 14.24 -35.01 -13.86
N ILE E 445 14.09 -35.14 -12.54
CA ILE E 445 15.14 -34.70 -11.63
C ILE E 445 15.89 -35.93 -11.09
N LEU E 446 17.18 -36.02 -11.40
CA LEU E 446 17.97 -37.13 -10.93
C LEU E 446 18.98 -36.66 -9.89
N THR E 447 19.54 -37.62 -9.15
CA THR E 447 20.56 -37.32 -8.15
C THR E 447 21.53 -38.50 -8.09
N ARG E 448 22.81 -38.23 -8.33
CA ARG E 448 23.82 -39.29 -8.29
C ARG E 448 24.15 -39.63 -6.85
N ASP E 449 24.65 -40.85 -6.64
CA ASP E 449 25.01 -41.32 -5.31
C ASP E 449 26.36 -40.75 -4.85
N GLY E 450 26.85 -41.30 -3.74
CA GLY E 450 28.18 -41.00 -3.27
C GLY E 450 29.19 -42.05 -3.70
N GLY E 451 28.85 -42.81 -4.74
CA GLY E 451 29.72 -43.87 -5.22
C GLY E 451 30.84 -43.33 -6.10
N SER E 452 32.04 -43.85 -5.86
CA SER E 452 33.26 -43.38 -6.52
C SER E 452 33.61 -44.12 -7.81
N THR E 453 33.84 -45.41 -7.69
CA THR E 453 34.57 -46.21 -8.69
C THR E 453 33.81 -47.51 -8.88
N ASN E 454 34.57 -48.59 -9.10
CA ASN E 454 34.12 -49.98 -9.22
C ASN E 454 33.30 -50.20 -10.49
N SER E 455 34.02 -50.21 -11.62
CA SER E 455 33.56 -50.61 -12.96
C SER E 455 32.58 -49.60 -13.54
N THR E 456 32.84 -48.31 -13.27
CA THR E 456 32.08 -47.14 -13.71
C THR E 456 30.58 -47.30 -13.48
N THR E 457 30.19 -47.65 -12.26
CA THR E 457 28.81 -47.92 -11.90
C THR E 457 28.29 -46.72 -11.13
N GLU E 458 27.42 -45.94 -11.76
CA GLU E 458 26.81 -44.78 -11.13
C GLU E 458 25.32 -45.03 -11.00
N THR E 459 24.80 -44.92 -9.78
CA THR E 459 23.39 -45.21 -9.51
C THR E 459 22.67 -43.87 -9.45
N PHE E 460 21.71 -43.69 -10.35
CA PHE E 460 20.98 -42.43 -10.51
C PHE E 460 19.60 -42.57 -9.90
N ARG E 461 19.52 -42.34 -8.61
CA ARG E 461 18.25 -42.37 -7.92
C ARG E 461 17.49 -41.07 -8.14
N PRO E 462 16.16 -41.10 -8.14
CA PRO E 462 15.38 -39.86 -8.23
C PRO E 462 15.49 -39.03 -6.96
N GLY E 463 14.93 -37.83 -7.04
CA GLY E 463 15.04 -36.89 -5.94
C GLY E 463 14.13 -35.70 -6.07
N GLY E 464 14.63 -34.51 -5.79
CA GLY E 464 13.83 -33.32 -5.78
C GLY E 464 14.05 -32.51 -4.52
N GLY E 465 12.95 -32.23 -3.83
CA GLY E 465 13.05 -31.46 -2.61
C GLY E 465 12.69 -30.00 -2.81
N ASP E 466 13.72 -29.18 -2.98
CA ASP E 466 13.55 -27.75 -3.20
C ASP E 466 12.77 -27.48 -4.49
N MET E 467 11.85 -26.53 -4.42
CA MET E 467 10.90 -26.29 -5.50
C MET E 467 11.44 -25.36 -6.58
N ARG E 468 12.65 -24.82 -6.40
CA ARG E 468 13.22 -23.94 -7.41
C ARG E 468 13.62 -24.71 -8.67
N ASP E 469 13.85 -26.02 -8.54
CA ASP E 469 14.36 -26.80 -9.66
C ASP E 469 13.28 -27.04 -10.72
N ASN E 470 12.01 -26.92 -10.35
CA ASN E 470 10.94 -27.02 -11.33
C ASN E 470 10.80 -25.77 -12.18
N TRP E 471 11.46 -24.67 -11.80
CA TRP E 471 11.35 -23.41 -12.52
C TRP E 471 12.65 -22.96 -13.17
N ARG E 472 13.75 -23.66 -12.92
CA ARG E 472 14.94 -23.50 -13.76
C ARG E 472 14.94 -24.46 -14.95
N SER E 473 13.89 -25.26 -15.09
CA SER E 473 13.67 -26.03 -16.30
C SER E 473 12.78 -25.29 -17.29
N GLU E 474 12.34 -24.08 -16.95
CA GLU E 474 11.55 -23.24 -17.84
C GLU E 474 12.10 -21.83 -18.02
N LEU E 475 12.77 -21.26 -17.02
CA LEU E 475 13.38 -19.93 -17.13
C LEU E 475 14.87 -20.02 -17.38
N TYR E 476 15.33 -21.03 -18.11
CA TYR E 476 16.75 -21.21 -18.34
C TYR E 476 17.25 -20.32 -19.48
N LYS E 477 16.40 -20.11 -20.49
CA LYS E 477 16.78 -19.26 -21.62
C LYS E 477 16.34 -17.81 -21.42
N TYR E 478 16.59 -17.25 -20.24
CA TYR E 478 16.16 -15.90 -19.92
C TYR E 478 17.10 -15.24 -18.91
N LYS E 479 17.50 -13.99 -19.18
CA LYS E 479 18.22 -13.18 -18.22
C LYS E 479 17.83 -11.72 -18.42
N VAL E 480 17.52 -11.05 -17.31
CA VAL E 480 17.07 -9.66 -17.32
C VAL E 480 18.29 -8.76 -17.33
N VAL E 481 18.24 -7.71 -18.16
CA VAL E 481 19.29 -6.70 -18.26
C VAL E 481 18.64 -5.33 -18.25
N LYS E 482 19.43 -4.31 -17.89
CA LYS E 482 19.01 -2.92 -17.96
C LYS E 482 19.80 -2.27 -19.10
N ILE E 483 19.18 -1.32 -19.78
CA ILE E 483 19.88 -0.60 -20.84
C ILE E 483 20.46 0.68 -20.25
N GLU E 484 21.64 1.08 -20.76
CA GLU E 484 22.35 2.26 -20.29
C GLU E 484 22.62 3.16 -21.48
N PRO E 485 21.68 4.07 -21.82
CA PRO E 485 21.74 4.78 -23.11
C PRO E 485 22.85 5.81 -23.24
N LEU E 486 23.47 6.22 -22.14
CA LEU E 486 24.50 7.24 -22.20
C LEU E 486 25.82 6.70 -22.74
N GLY E 487 26.43 7.43 -23.67
CA GLY E 487 27.71 7.03 -24.22
C GLY E 487 28.46 8.16 -24.89
N VAL E 488 29.79 8.10 -24.87
CA VAL E 488 30.63 9.11 -25.49
C VAL E 488 31.49 8.46 -26.57
N ALA E 489 31.86 9.24 -27.60
CA ALA E 489 32.60 8.72 -28.74
C ALA E 489 33.36 9.83 -29.45
N PRO E 490 34.48 9.50 -30.15
CA PRO E 490 35.18 10.52 -30.95
C PRO E 490 34.41 10.92 -32.21
N THR E 491 34.22 12.22 -32.42
CA THR E 491 33.58 12.76 -33.61
C THR E 491 34.26 14.11 -33.89
N ARG E 492 34.16 14.60 -35.14
CA ARG E 492 34.89 15.79 -35.61
C ARG E 492 34.29 17.10 -35.09
N CYS E 493 33.18 17.01 -34.35
CA CYS E 493 32.40 18.17 -33.90
C CYS E 493 33.13 19.16 -33.00
N LYS E 494 32.70 20.41 -33.04
CA LYS E 494 32.94 21.40 -31.99
C LYS E 494 31.69 22.24 -31.82
N ARG E 495 31.51 22.83 -30.64
CA ARG E 495 30.45 23.79 -30.39
C ARG E 495 30.72 25.09 -31.14
N ARG E 496 29.69 25.90 -31.33
CA ARG E 496 29.84 27.20 -31.98
C ARG E 496 29.90 28.31 -30.95
N GLY F 19 12.81 -2.67 -35.42
CA GLY F 19 12.17 -3.04 -34.18
C GLY F 19 12.52 -2.12 -33.03
N PHE F 20 12.69 -2.70 -31.84
CA PHE F 20 13.03 -1.89 -30.66
C PHE F 20 14.50 -1.53 -30.67
N LEU F 21 15.37 -2.53 -30.62
CA LEU F 21 16.82 -2.29 -30.67
C LEU F 21 17.50 -3.36 -31.52
N GLY F 22 16.85 -3.77 -32.60
CA GLY F 22 17.34 -4.82 -33.48
C GLY F 22 18.59 -4.44 -34.28
N ALA F 23 18.99 -3.17 -34.26
CA ALA F 23 20.25 -2.73 -34.85
C ALA F 23 21.36 -2.65 -33.81
N ALA F 24 21.31 -3.49 -32.76
CA ALA F 24 22.33 -3.46 -31.73
C ALA F 24 23.65 -4.03 -32.22
N GLY F 25 23.62 -5.06 -33.05
CA GLY F 25 24.81 -5.62 -33.65
C GLY F 25 25.17 -5.02 -34.98
N SER F 26 24.51 -3.94 -35.39
CA SER F 26 24.72 -3.36 -36.72
C SER F 26 25.98 -2.50 -36.73
N THR F 27 26.17 -1.77 -37.83
CA THR F 27 27.21 -0.77 -37.92
C THR F 27 26.91 0.37 -36.95
N MET F 28 27.96 0.90 -36.31
CA MET F 28 27.80 2.01 -35.37
C MET F 28 27.32 3.26 -36.10
N GLY F 29 27.77 3.47 -37.33
CA GLY F 29 27.25 4.55 -38.15
C GLY F 29 25.84 4.33 -38.65
N ALA F 30 25.40 3.07 -38.72
CA ALA F 30 24.04 2.76 -39.14
C ALA F 30 23.06 2.66 -37.98
N ALA F 31 23.56 2.48 -36.75
CA ALA F 31 22.70 2.48 -35.58
C ALA F 31 22.35 3.88 -35.12
N SER F 32 23.02 4.92 -35.65
CA SER F 32 22.70 6.29 -35.29
C SER F 32 21.43 6.79 -35.95
N MET F 33 20.94 6.11 -36.98
CA MET F 33 19.65 6.46 -37.57
C MET F 33 18.49 6.10 -36.66
N THR F 34 18.58 4.96 -35.97
CA THR F 34 17.47 4.38 -35.24
C THR F 34 17.52 4.68 -33.74
N LEU F 35 18.19 5.77 -33.34
CA LEU F 35 18.23 6.13 -31.93
C LEU F 35 16.91 6.69 -31.43
N THR F 36 15.99 7.05 -32.33
CA THR F 36 14.71 7.60 -31.90
C THR F 36 13.82 6.52 -31.29
N VAL F 37 13.75 5.35 -31.93
CA VAL F 37 12.78 4.33 -31.51
C VAL F 37 13.23 3.55 -30.29
N GLN F 38 14.49 3.71 -29.86
CA GLN F 38 14.92 3.15 -28.59
C GLN F 38 14.69 4.12 -27.44
N ALA F 39 14.59 5.42 -27.73
CA ALA F 39 14.41 6.43 -26.69
C ALA F 39 12.94 6.71 -26.36
N ARG F 40 12.00 6.17 -27.14
CA ARG F 40 10.59 6.35 -26.85
C ARG F 40 10.04 5.33 -25.87
N ASN F 41 10.80 4.28 -25.57
CA ASN F 41 10.29 3.17 -24.76
C ASN F 41 10.87 3.16 -23.35
N LEU F 42 11.42 4.29 -22.89
CA LEU F 42 11.83 4.40 -21.49
C LEU F 42 10.72 4.89 -20.59
N LEU F 43 9.51 5.10 -21.12
CA LEU F 43 8.35 5.50 -20.33
C LEU F 43 7.21 4.50 -20.37
N SER F 44 7.06 3.78 -21.49
CA SER F 44 6.00 2.78 -21.72
C SER F 44 4.57 3.32 -21.54
N THR F 67 -2.96 -7.31 -2.48
CA THR F 67 -2.67 -7.13 -3.90
C THR F 67 -1.18 -7.27 -4.18
N VAL F 68 -0.82 -8.39 -4.82
CA VAL F 68 0.58 -8.63 -5.20
C VAL F 68 1.00 -7.67 -6.30
N TRP F 69 0.09 -7.36 -7.22
CA TRP F 69 0.36 -6.48 -8.36
C TRP F 69 -0.10 -5.06 -8.10
N GLY F 70 0.07 -4.62 -6.85
CA GLY F 70 -0.26 -3.29 -6.37
C GLY F 70 0.99 -2.44 -6.31
N ILE F 71 1.63 -2.39 -5.13
CA ILE F 71 2.82 -1.58 -4.90
C ILE F 71 4.03 -2.02 -5.75
N LYS F 72 4.01 -3.24 -6.30
CA LYS F 72 5.08 -3.69 -7.18
C LYS F 72 5.08 -2.92 -8.50
N GLN F 73 3.90 -2.77 -9.11
CA GLN F 73 3.75 -1.99 -10.33
C GLN F 73 4.13 -0.54 -10.09
N LEU F 74 3.72 -0.01 -8.93
CA LEU F 74 4.01 1.37 -8.55
C LEU F 74 5.51 1.59 -8.39
N GLN F 75 6.21 0.64 -7.74
CA GLN F 75 7.65 0.76 -7.56
C GLN F 75 8.39 0.66 -8.90
N ALA F 76 7.93 -0.22 -9.79
CA ALA F 76 8.55 -0.34 -11.11
C ALA F 76 8.37 0.93 -11.94
N ARG F 77 7.17 1.52 -11.91
CA ARG F 77 6.93 2.74 -12.68
C ARG F 77 7.70 3.93 -12.11
N VAL F 78 7.78 4.05 -10.78
CA VAL F 78 8.56 5.12 -10.17
C VAL F 78 10.05 4.94 -10.46
N LEU F 79 10.55 3.70 -10.48
CA LEU F 79 11.95 3.47 -10.81
C LEU F 79 12.27 3.82 -12.26
N ALA F 80 11.35 3.49 -13.18
CA ALA F 80 11.53 3.88 -14.58
C ALA F 80 11.53 5.38 -14.77
N VAL F 81 10.62 6.08 -14.07
CA VAL F 81 10.56 7.54 -14.14
C VAL F 81 11.83 8.16 -13.56
N GLU F 82 12.35 7.59 -12.45
CA GLU F 82 13.60 8.08 -11.87
C GLU F 82 14.78 7.91 -12.81
N ARG F 83 14.87 6.76 -13.48
CA ARG F 83 15.97 6.55 -14.42
C ARG F 83 15.90 7.48 -15.63
N TYR F 84 14.69 7.67 -16.18
CA TYR F 84 14.56 8.56 -17.33
C TYR F 84 14.83 10.02 -16.96
N LEU F 85 14.35 10.45 -15.79
CA LEU F 85 14.61 11.82 -15.37
C LEU F 85 16.08 12.03 -15.00
N ARG F 86 16.76 11.00 -14.51
CA ARG F 86 18.20 11.11 -14.27
C ARG F 86 18.95 11.26 -15.59
N ASP F 87 18.55 10.51 -16.63
CA ASP F 87 19.19 10.64 -17.93
C ASP F 87 18.94 12.02 -18.55
N GLN F 88 17.70 12.53 -18.44
CA GLN F 88 17.41 13.86 -18.98
C GLN F 88 18.11 14.97 -18.19
N GLN F 89 18.25 14.79 -16.88
CA GLN F 89 19.02 15.74 -16.08
C GLN F 89 20.49 15.74 -16.47
N LEU F 90 21.06 14.56 -16.71
CA LEU F 90 22.46 14.50 -17.13
C LEU F 90 22.66 15.08 -18.52
N LEU F 91 21.66 14.97 -19.39
CA LEU F 91 21.72 15.70 -20.67
C LEU F 91 21.62 17.21 -20.45
N GLY F 92 20.75 17.65 -19.55
CA GLY F 92 20.54 19.08 -19.35
C GLY F 92 21.71 19.80 -18.72
N ILE F 93 22.36 19.17 -17.72
CA ILE F 93 23.46 19.84 -17.01
C ILE F 93 24.68 19.97 -17.92
N TRP F 94 24.90 19.01 -18.83
CA TRP F 94 25.96 19.16 -19.82
C TRP F 94 25.62 20.13 -20.93
N GLY F 95 24.39 20.63 -20.99
CA GLY F 95 24.01 21.60 -21.99
C GLY F 95 23.56 21.04 -23.32
N CYS F 96 23.31 19.73 -23.41
CA CYS F 96 22.88 19.07 -24.62
C CYS F 96 21.43 18.62 -24.52
N SER F 97 20.61 19.38 -23.80
CA SER F 97 19.22 18.99 -23.56
C SER F 97 18.38 19.17 -24.82
N GLY F 98 17.42 18.27 -24.98
CA GLY F 98 16.50 18.32 -26.10
C GLY F 98 17.04 17.78 -27.40
N LYS F 99 18.26 17.24 -27.41
CA LYS F 99 18.89 16.75 -28.63
C LYS F 99 19.38 15.34 -28.38
N LEU F 100 19.05 14.42 -29.30
CA LEU F 100 19.54 13.05 -29.20
C LEU F 100 21.03 12.98 -29.46
N ILE F 101 21.54 13.84 -30.35
CA ILE F 101 22.97 13.92 -30.63
C ILE F 101 23.44 15.33 -30.27
N CYS F 102 24.63 15.42 -29.70
CA CYS F 102 25.18 16.72 -29.30
C CYS F 102 26.69 16.68 -29.49
N CYS F 103 27.28 17.84 -29.75
CA CYS F 103 28.70 17.95 -30.02
C CYS F 103 29.32 18.99 -29.09
N THR F 104 30.41 18.61 -28.40
CA THR F 104 30.92 19.42 -27.29
C THR F 104 32.36 19.88 -27.51
N ASN F 105 32.95 20.49 -26.46
CA ASN F 105 34.26 21.12 -26.53
C ASN F 105 35.30 20.43 -25.65
N VAL F 106 35.22 19.12 -25.46
CA VAL F 106 36.16 18.40 -24.62
C VAL F 106 37.13 17.65 -25.55
N PRO F 107 38.44 17.84 -25.42
CA PRO F 107 39.39 17.16 -26.31
C PRO F 107 39.49 15.68 -26.00
N TRP F 108 39.54 14.87 -27.06
CA TRP F 108 39.66 13.44 -26.92
C TRP F 108 41.11 13.04 -26.69
N ASN F 109 41.31 12.03 -25.86
CA ASN F 109 42.64 11.60 -25.44
C ASN F 109 43.04 10.34 -26.20
N SER F 110 44.33 10.25 -26.54
CA SER F 110 44.82 9.07 -27.24
C SER F 110 44.90 7.85 -26.32
N SER F 111 45.02 8.07 -25.01
CA SER F 111 45.03 6.97 -24.07
C SER F 111 43.66 6.32 -23.90
N TRP F 112 42.59 7.07 -24.18
CA TRP F 112 41.25 6.50 -24.07
C TRP F 112 40.97 5.52 -25.21
N SER F 113 41.40 5.86 -26.42
CA SER F 113 41.19 4.99 -27.58
C SER F 113 42.27 5.31 -28.62
N ASN F 114 43.17 4.36 -28.86
CA ASN F 114 44.17 4.53 -29.89
C ASN F 114 43.63 4.21 -31.28
N ARG F 115 42.46 3.57 -31.36
CA ARG F 115 41.88 3.22 -32.65
C ARG F 115 41.35 4.47 -33.35
N ASN F 116 41.55 4.51 -34.67
CA ASN F 116 41.14 5.66 -35.46
C ASN F 116 39.69 5.49 -35.92
N LEU F 117 39.17 6.49 -36.63
CA LEU F 117 37.75 6.55 -36.98
C LEU F 117 37.36 5.53 -38.06
N SER F 118 38.34 4.99 -38.80
CA SER F 118 38.04 4.06 -39.87
C SER F 118 37.56 2.69 -39.38
N GLU F 119 37.74 2.38 -38.10
CA GLU F 119 37.28 1.12 -37.54
C GLU F 119 36.16 1.26 -36.52
N ILE F 120 36.06 2.40 -35.84
CA ILE F 120 35.02 2.58 -34.83
C ILE F 120 33.65 2.72 -35.48
N TRP F 121 33.55 3.50 -36.55
CA TRP F 121 32.28 3.82 -37.17
C TRP F 121 31.97 2.97 -38.40
N ASP F 122 32.76 1.93 -38.66
CA ASP F 122 32.54 1.10 -39.84
C ASP F 122 32.30 -0.37 -39.54
N ASN F 123 33.10 -0.98 -38.66
CA ASN F 123 32.96 -2.40 -38.37
C ASN F 123 33.12 -2.68 -36.89
N MET F 124 32.48 -1.87 -36.04
CA MET F 124 32.56 -2.10 -34.60
C MET F 124 31.25 -1.66 -33.97
N THR F 125 30.64 -2.56 -33.19
CA THR F 125 29.34 -2.32 -32.59
C THR F 125 29.43 -1.49 -31.32
N TRP F 126 28.29 -0.99 -30.87
CA TRP F 126 28.23 -0.17 -29.66
C TRP F 126 28.50 -1.00 -28.40
N LEU F 127 28.17 -2.29 -28.45
CA LEU F 127 28.36 -3.16 -27.28
C LEU F 127 29.83 -3.40 -27.00
N GLN F 128 30.61 -3.69 -28.06
CA GLN F 128 32.06 -3.85 -27.92
C GLN F 128 32.71 -2.54 -27.50
N TRP F 129 32.19 -1.42 -28.02
CA TRP F 129 32.68 -0.09 -27.64
C TRP F 129 32.47 0.17 -26.17
N ASP F 130 31.26 -0.09 -25.66
CA ASP F 130 30.97 0.20 -24.25
C ASP F 130 31.69 -0.78 -23.33
N LYS F 131 31.89 -2.03 -23.76
CA LYS F 131 32.73 -2.94 -22.99
C LYS F 131 34.18 -2.49 -22.96
N GLU F 132 34.63 -1.80 -24.01
CA GLU F 132 36.00 -1.30 -24.03
C GLU F 132 36.18 -0.07 -23.13
N ILE F 133 35.13 0.74 -22.95
CA ILE F 133 35.27 2.05 -22.33
C ILE F 133 34.45 2.16 -21.04
N SER F 134 34.07 1.01 -20.46
CA SER F 134 33.17 0.99 -19.30
C SER F 134 33.83 1.59 -18.05
N ASN F 135 35.15 1.51 -17.95
CA ASN F 135 35.87 2.02 -16.80
C ASN F 135 36.54 3.37 -17.06
N TYR F 136 36.14 4.06 -18.14
CA TYR F 136 36.73 5.34 -18.52
C TYR F 136 35.70 6.47 -18.57
N THR F 137 34.50 6.28 -18.02
CA THR F 137 33.40 7.20 -18.28
C THR F 137 33.41 8.42 -17.36
N GLN F 138 33.80 8.25 -16.09
CA GLN F 138 33.60 9.27 -15.07
C GLN F 138 34.46 10.50 -15.32
N ILE F 139 35.69 10.30 -15.82
CA ILE F 139 36.58 11.41 -16.15
C ILE F 139 35.99 12.23 -17.30
N ILE F 140 35.42 11.56 -18.31
CA ILE F 140 34.82 12.24 -19.45
C ILE F 140 33.57 13.01 -19.00
N TYR F 141 32.79 12.43 -18.08
CA TYR F 141 31.63 13.11 -17.51
C TYR F 141 32.04 14.38 -16.77
N GLY F 142 33.10 14.29 -15.97
CA GLY F 142 33.59 15.46 -15.24
C GLY F 142 34.13 16.54 -16.17
N LEU F 143 34.82 16.14 -17.24
CA LEU F 143 35.34 17.11 -18.19
C LEU F 143 34.23 17.79 -18.98
N LEU F 144 33.17 17.04 -19.34
CA LEU F 144 32.01 17.64 -19.99
C LEU F 144 31.31 18.63 -19.07
N GLU F 145 31.17 18.29 -17.80
CA GLU F 145 30.56 19.20 -16.84
C GLU F 145 31.41 20.45 -16.65
N GLU F 146 32.73 20.29 -16.58
CA GLU F 146 33.63 21.43 -16.41
C GLU F 146 33.62 22.34 -17.64
N SER F 147 33.55 21.75 -18.84
CA SER F 147 33.49 22.55 -20.06
C SER F 147 32.18 23.30 -20.17
N GLN F 148 31.05 22.68 -19.76
CA GLN F 148 29.78 23.39 -19.75
C GLN F 148 29.76 24.50 -18.70
N ASN F 149 30.38 24.27 -17.55
CA ASN F 149 30.42 25.31 -16.51
C ASN F 149 31.29 26.49 -16.93
N GLN F 150 32.42 26.22 -17.58
CA GLN F 150 33.29 27.27 -18.08
C GLN F 150 32.73 27.97 -19.32
N GLN F 151 31.88 27.29 -20.09
CA GLN F 151 31.31 27.90 -21.29
C GLN F 151 30.27 28.94 -20.93
N GLU F 152 29.49 28.71 -19.87
CA GLU F 152 28.38 29.61 -19.57
C GLU F 152 28.86 30.91 -18.93
N LYS F 153 29.95 30.86 -18.15
CA LYS F 153 30.49 32.07 -17.53
C LYS F 153 31.14 33.00 -18.54
N ASN F 154 31.43 32.53 -19.76
CA ASN F 154 32.01 33.35 -20.81
C ASN F 154 30.95 33.81 -21.80
N GLU F 155 29.68 33.79 -21.41
CA GLU F 155 28.59 34.20 -22.29
C GLU F 155 27.70 35.19 -21.55
N GLN F 156 27.67 35.09 -20.22
CA GLN F 156 26.90 36.05 -19.42
C GLN F 156 27.51 37.44 -19.49
N ASP F 157 28.84 37.53 -19.48
CA ASP F 157 29.50 38.82 -19.58
C ASP F 157 29.60 39.30 -21.02
N LEU F 158 29.32 38.44 -22.00
CA LEU F 158 29.39 38.84 -23.40
C LEU F 158 28.19 39.69 -23.81
N LEU F 159 27.02 39.42 -23.24
CA LEU F 159 25.81 40.16 -23.56
C LEU F 159 25.59 41.35 -22.63
N ALA F 160 26.58 41.71 -21.83
CA ALA F 160 26.49 42.84 -20.92
C ALA F 160 27.00 44.14 -21.54
N LEU F 161 26.94 44.26 -22.85
CA LEU F 161 27.42 45.46 -23.54
C LEU F 161 26.25 46.28 -24.09
C1 NAG G . -38.28 -9.31 31.33
C2 NAG G . -38.93 -8.27 32.25
C3 NAG G . -38.07 -8.09 33.50
C4 NAG G . -37.74 -9.40 34.19
C5 NAG G . -37.20 -10.40 33.15
C6 NAG G . -36.92 -11.79 33.69
C7 NAG G . -40.23 -6.34 31.32
C8 NAG G . -41.50 -6.95 31.88
N2 NAG G . -39.08 -7.02 31.54
O3 NAG G . -38.75 -7.19 34.35
O4 NAG G . -36.79 -9.11 35.19
O5 NAG G . -38.10 -10.50 32.07
O6 NAG G . -36.40 -12.60 32.66
O7 NAG G . -40.27 -5.29 30.70
C1 NAG G . -37.33 -9.38 36.49
C2 NAG G . -36.17 -9.38 37.50
C3 NAG G . -36.73 -9.64 38.90
C4 NAG G . -37.85 -8.64 39.25
C5 NAG G . -38.91 -8.66 38.14
C6 NAG G . -40.01 -7.64 38.33
C7 NAG G . -33.89 -10.06 36.91
C8 NAG G . -33.00 -11.23 36.56
N2 NAG G . -35.17 -10.35 37.15
O3 NAG G . -35.66 -9.56 39.81
O4 NAG G . -38.38 -9.04 40.49
O5 NAG G . -38.28 -8.42 36.89
O6 NAG G . -39.43 -6.37 38.56
O7 NAG G . -33.43 -8.92 36.96
C1 NAG H . -28.81 -21.46 31.65
C2 NAG H . -30.11 -22.13 31.18
C3 NAG H . -30.79 -22.73 32.40
C4 NAG H . -29.89 -23.69 33.18
C5 NAG H . -28.56 -22.95 33.50
C6 NAG H . -27.45 -23.79 34.11
C7 NAG H . -31.30 -21.13 29.22
C8 NAG H . -30.73 -22.21 28.33
N2 NAG H . -30.96 -21.16 30.53
O3 NAG H . -31.98 -23.34 31.97
O4 NAG H . -30.66 -24.03 34.32
O5 NAG H . -28.03 -22.43 32.30
O6 NAG H . -27.00 -24.73 33.16
O7 NAG H . -32.02 -20.27 28.75
C1 NAG H . -30.74 -25.44 34.71
C2 NAG H . -30.77 -26.44 33.51
C3 NAG H . -30.67 -27.87 34.02
C4 NAG H . -29.49 -28.07 34.98
C5 NAG H . -29.58 -27.02 36.10
C6 NAG H . -28.41 -27.07 37.05
C7 NAG H . -32.02 -26.39 31.39
C8 NAG H . -33.39 -26.22 30.78
N2 NAG H . -31.98 -26.30 32.72
O3 NAG H . -30.57 -28.73 32.92
O4 NAG H . -29.58 -29.38 35.49
O5 NAG H . -29.62 -25.75 35.51
O6 NAG H . -28.19 -25.78 37.59
O7 NAG H . -31.04 -26.60 30.69
C1 NAG I . -31.84 -19.84 7.11
C2 NAG I . -33.36 -19.74 7.27
C3 NAG I . -34.04 -20.57 6.18
C4 NAG I . -33.58 -20.08 4.79
C5 NAG I . -32.05 -20.14 4.72
C6 NAG I . -31.46 -19.60 3.44
C7 NAG I . -34.66 -19.50 9.38
C8 NAG I . -35.21 -18.18 8.88
N2 NAG I . -33.80 -20.17 8.57
O3 NAG I . -35.42 -20.46 6.40
O4 NAG I . -34.20 -20.89 3.80
O5 NAG I . -31.49 -19.40 5.80
O6 NAG I . -30.08 -19.42 3.61
O7 NAG I . -34.99 -19.94 10.48
C1 NAG I . -35.30 -20.23 3.13
C2 NAG I . -36.55 -21.11 3.33
C3 NAG I . -37.81 -20.43 2.81
C4 NAG I . -37.94 -19.00 3.34
C5 NAG I . -36.64 -18.23 3.02
C6 NAG I . -36.64 -16.81 3.54
C7 NAG I . -36.19 -22.86 1.54
C8 NAG I . -36.06 -24.36 1.39
N2 NAG I . -36.39 -22.45 2.81
O3 NAG I . -38.92 -21.21 3.18
O4 NAG I . -39.05 -18.41 2.70
O5 NAG I . -35.55 -18.92 3.61
O6 NAG I . -36.96 -16.80 4.91
O7 NAG I . -36.11 -22.13 0.55
C1 NAG J . -31.75 15.61 7.59
C2 NAG J . -31.46 14.35 8.42
C3 NAG J . -31.90 14.56 9.87
C4 NAG J . -31.31 15.83 10.47
C5 NAG J . -31.67 17.01 9.54
C6 NAG J . -31.11 18.34 9.99
C7 NAG J . -31.51 12.02 7.59
C8 NAG J . -32.39 10.95 7.00
N2 NAG J . -32.12 13.19 7.86
O3 NAG J . -31.52 13.41 10.59
O4 NAG J . -31.85 16.01 11.76
O5 NAG J . -31.19 16.74 8.24
O6 NAG J . -31.77 19.39 9.32
O7 NAG J . -30.32 11.82 7.82
C1 NAG J . -30.79 15.86 12.73
C2 NAG J . -30.99 16.82 13.91
C3 NAG J . -29.77 16.71 14.81
C4 NAG J . -29.52 15.27 15.28
C5 NAG J . -29.64 14.29 14.10
C6 NAG J . -29.77 12.83 14.52
C7 NAG J . -32.29 18.96 13.73
C8 NAG J . -33.39 18.35 14.57
N2 NAG J . -31.21 18.19 13.46
O3 NAG J . -29.95 17.58 15.90
O4 NAG J . -28.23 15.27 15.84
O5 NAG J . -30.77 14.57 13.30
O6 NAG J . -28.52 12.35 14.96
O7 NAG J . -32.39 20.10 13.31
C1 BMA J . -28.24 14.84 17.22
C2 BMA J . -26.81 14.94 17.77
C3 BMA J . -26.76 14.53 19.26
C4 BMA J . -28.07 14.66 20.06
C5 BMA J . -29.12 15.59 19.43
C6 BMA J . -29.05 17.01 19.98
O2 BMA J . -26.36 16.24 17.54
O3 BMA J . -25.70 15.27 19.81
O4 BMA J . -28.58 13.34 20.19
O5 BMA J . -29.11 15.63 18.00
O6 BMA J . -30.09 17.74 19.35
C1 NAG K . -37.08 2.48 -25.13
C2 NAG K . -36.03 1.86 -26.07
C3 NAG K . -36.68 1.30 -27.33
C4 NAG K . -37.84 0.37 -26.99
C5 NAG K . -38.83 1.15 -26.13
C6 NAG K . -40.06 0.39 -25.70
C7 NAG K . -33.71 2.73 -26.06
C8 NAG K . -32.84 3.88 -26.52
N2 NAG K . -35.02 2.84 -26.40
O3 NAG K . -35.68 0.65 -28.07
O4 NAG K . -38.40 -0.06 -28.21
O5 NAG K . -38.16 1.58 -24.96
O6 NAG K . -39.68 -0.83 -25.10
O7 NAG K . -33.25 1.80 -25.42
C1 NAG K . -38.27 -1.50 -28.33
C2 NAG K . -39.37 -1.99 -29.30
C3 NAG K . -39.20 -3.49 -29.58
C4 NAG K . -37.76 -3.85 -29.97
C5 NAG K . -36.80 -3.29 -28.91
C6 NAG K . -35.34 -3.58 -29.17
C7 NAG K . -41.50 -0.77 -29.22
C8 NAG K . -42.82 -0.68 -28.50
N2 NAG K . -40.67 -1.72 -28.77
O3 NAG K . -40.11 -3.85 -30.58
O4 NAG K . -37.68 -5.25 -30.06
O5 NAG K . -37.00 -1.89 -28.81
O6 NAG K . -34.59 -3.36 -28.00
O7 NAG K . -41.22 -0.02 -30.14
C1 NAG L . -42.49 18.35 12.94
C2 NAG L . -41.71 19.39 13.77
C3 NAG L . -42.62 20.63 13.86
C4 NAG L . -43.08 21.13 12.50
C5 NAG L . -43.68 19.94 11.71
C6 NAG L . -44.16 20.27 10.31
C7 NAG L . -40.25 19.11 15.81
C8 NAG L . -39.16 19.98 15.20
N2 NAG L . -41.38 18.90 15.08
O3 NAG L . -41.95 21.62 14.60
O4 NAG L . -44.04 22.15 12.72
O5 NAG L . -42.73 18.90 11.66
O6 NAG L . -44.94 19.20 9.83
O7 NAG L . -40.09 18.63 16.92
C1 NAG L . -43.55 23.45 12.31
C2 NAG L . -44.11 24.49 13.32
C3 NAG L . -43.51 25.87 13.05
C4 NAG L . -41.99 25.83 12.95
C5 NAG L . -41.59 24.78 11.90
C6 NAG L . -40.09 24.63 11.72
C7 NAG L . -46.35 24.30 14.30
C8 NAG L . -47.83 24.42 14.00
N2 NAG L . -45.54 24.55 13.25
O3 NAG L . -43.93 26.73 14.08
O4 NAG L . -41.55 27.13 12.58
O5 NAG L . -42.13 23.54 12.29
O6 NAG L . -39.48 24.34 12.96
O7 NAG L . -45.95 24.00 15.41
C1 NAG M . -48.12 13.09 14.76
C2 NAG M . -47.51 13.63 16.06
C3 NAG M . -48.30 13.07 17.24
C4 NAG M . -49.80 13.33 17.11
C5 NAG M . -50.28 12.85 15.73
C6 NAG M . -51.73 13.16 15.44
C7 NAG M . -45.06 14.11 15.97
C8 NAG M . -45.36 15.55 15.65
N2 NAG M . -46.11 13.28 16.15
O3 NAG M . -47.75 13.65 18.41
O4 NAG M . -50.43 12.62 18.15
O5 NAG M . -49.48 13.44 14.72
O6 NAG M . -51.94 14.56 15.49
O7 NAG M . -43.90 13.73 16.06
C1 NAG M . -51.02 13.54 19.10
C2 NAG M . -52.08 12.78 19.90
C3 NAG M . -52.63 13.67 21.01
C4 NAG M . -51.51 14.28 21.86
C5 NAG M . -50.50 14.98 20.94
C6 NAG M . -49.32 15.58 21.66
C7 NAG M . -53.37 11.05 18.63
C8 NAG M . -52.42 9.99 19.13
N2 NAG M . -53.13 12.32 19.04
O3 NAG M . -53.50 12.89 21.79
O4 NAG M . -52.10 15.17 22.77
O5 NAG M . -50.03 14.05 19.97
O6 NAG M . -48.65 14.57 22.38
O7 NAG M . -54.30 10.77 17.89
C1 NAG N . -50.74 -2.14 -0.59
C2 NAG N . -50.32 -3.04 0.57
C3 NAG N . -50.99 -4.39 0.38
C4 NAG N . -52.53 -4.27 0.25
C5 NAG N . -52.90 -3.13 -0.73
C6 NAG N . -54.36 -2.76 -0.72
C7 NAG N . -48.17 -2.78 1.72
C8 NAG N . -46.68 -3.01 1.61
N2 NAG N . -48.89 -3.18 0.66
O3 NAG N . -50.60 -5.19 1.46
O4 NAG N . -53.01 -5.49 -0.25
O5 NAG N . -52.13 -1.95 -0.47
O6 NAG N . -54.70 -2.24 0.54
O7 NAG N . -48.66 -2.26 2.71
C1 NAG N . -53.60 -6.35 0.76
C2 NAG N . -52.83 -7.69 0.69
C3 NAG N . -53.32 -8.63 1.80
C4 NAG N . -53.28 -7.95 3.17
C5 NAG N . -54.09 -6.65 3.09
C6 NAG N . -54.13 -5.86 4.38
C7 NAG N . -53.92 -8.74 -1.34
C8 NAG N . -53.55 -9.32 -2.68
N2 NAG N . -52.87 -8.30 -0.62
O3 NAG N . -52.51 -9.78 1.77
O4 NAG N . -53.84 -8.85 4.10
O5 NAG N . -53.53 -5.83 2.07
O6 NAG N . -54.98 -4.74 4.25
O7 NAG N . -55.09 -8.71 -0.98
C1 NAG O . 0.53 -14.78 51.88
C2 NAG O . 0.18 -14.75 53.38
C3 NAG O . -0.74 -13.57 53.66
C4 NAG O . -0.15 -12.25 53.16
C5 NAG O . 0.21 -12.42 51.67
C6 NAG O . 0.86 -11.20 51.03
C7 NAG O . 0.19 -16.97 54.52
C8 NAG O . 1.61 -16.74 54.95
N2 NAG O . -0.40 -16.00 53.79
O3 NAG O . -0.98 -13.54 55.04
O4 NAG O . -1.11 -11.25 53.38
O5 NAG O . 1.08 -13.53 51.51
O6 NAG O . -0.06 -10.15 50.96
O7 NAG O . -0.39 -18.01 54.82
C1 NAG O . -0.59 -10.26 54.30
C2 NAG O . -1.76 -9.42 54.84
C3 NAG O . -1.20 -8.36 55.80
C4 NAG O . -0.35 -8.99 56.90
C5 NAG O . 0.70 -9.92 56.30
C6 NAG O . 1.49 -10.71 57.31
C7 NAG O . -3.79 -9.07 53.51
C8 NAG O . -4.38 -8.31 52.34
N2 NAG O . -2.51 -8.80 53.77
O3 NAG O . -2.28 -7.63 56.32
O4 NAG O . 0.25 -7.94 57.64
O5 NAG O . 0.06 -10.85 55.42
O6 NAG O . 0.63 -11.49 58.10
O7 NAG O . -4.47 -9.86 54.16
C1 NAG P . 3.76 -24.55 43.67
C2 NAG P . 5.06 -25.11 44.26
C3 NAG P . 5.37 -26.46 43.61
C4 NAG P . 4.18 -27.43 43.60
C5 NAG P . 2.92 -26.70 43.12
C6 NAG P . 1.62 -27.48 43.22
C7 NAG P . 6.67 -23.40 45.00
C8 NAG P . 7.81 -22.52 44.54
N2 NAG P . 6.15 -24.19 44.04
O3 NAG P . 6.48 -27.01 44.28
O4 NAG P . 4.55 -28.47 42.72
O5 NAG P . 2.75 -25.50 43.87
O6 NAG P . 1.45 -27.90 44.55
O7 NAG P . 6.28 -23.38 46.16
C1 NAG P . 4.53 -29.75 43.38
C2 NAG P . 5.19 -30.78 42.43
C3 NAG P . 5.22 -32.15 43.11
C4 NAG P . 5.83 -32.10 44.51
C5 NAG P . 5.16 -30.98 45.32
C6 NAG P . 5.72 -30.76 46.71
C7 NAG P . 3.30 -31.13 40.78
C8 NAG P . 3.04 -31.06 39.29
N2 NAG P . 4.57 -30.82 41.13
O3 NAG P . 5.93 -33.03 42.27
O4 NAG P . 5.61 -33.37 45.09
O5 NAG P . 5.24 -29.76 44.60
O6 NAG P . 5.39 -31.87 47.52
O7 NAG P . 2.40 -31.47 41.54
C1 BMA P . 6.87 -34.07 45.34
C2 BMA P . 6.52 -35.54 45.56
C3 BMA P . 7.80 -36.40 45.74
C4 BMA P . 9.11 -35.84 45.15
C5 BMA P . 8.92 -34.76 44.08
C6 BMA P . 8.90 -35.31 42.66
O2 BMA P . 5.74 -35.97 44.47
O3 BMA P . 7.49 -37.67 45.24
O4 BMA P . 9.84 -35.32 46.25
O5 BMA P . 7.78 -33.92 44.27
O6 BMA P . 10.22 -35.71 42.34
C1 NAG Q . -10.35 -27.54 37.20
C2 NAG Q . -10.63 -26.91 38.57
C3 NAG Q . -11.01 -28.00 39.57
C4 NAG Q . -12.11 -28.94 39.05
C5 NAG Q . -11.73 -29.44 37.65
C6 NAG Q . -12.79 -30.28 36.97
C7 NAG Q . -9.48 -24.87 39.41
C8 NAG Q . -10.77 -24.10 39.30
N2 NAG Q . -9.50 -26.16 39.05
O3 NAG Q . -11.38 -27.37 40.77
O4 NAG Q . -12.20 -30.00 39.97
O5 NAG Q . -11.45 -28.33 36.81
O6 NAG Q . -13.96 -29.53 36.80
O7 NAG Q . -8.46 -24.31 39.81
C1 NAG Q . -13.48 -30.01 40.66
C2 NAG Q . -13.28 -30.77 41.98
C3 NAG Q . -14.54 -30.73 42.83
C4 NAG Q . -15.08 -29.30 42.99
C5 NAG Q . -15.22 -28.66 41.60
C6 NAG Q . -15.69 -27.22 41.65
C7 NAG Q . -13.37 -33.16 41.12
C8 NAG Q . -12.54 -34.42 41.12
N2 NAG Q . -12.79 -32.13 41.76
O3 NAG Q . -14.25 -31.32 44.07
O4 NAG Q . -16.32 -29.37 43.66
O5 NAG Q . -13.96 -28.71 40.95
O6 NAG Q . -16.98 -27.16 42.19
O7 NAG Q . -14.47 -33.14 40.58
C1 NAG R . -10.44 -3.21 36.17
C2 NAG R . -11.02 -1.81 36.50
C3 NAG R . -10.08 -1.10 37.47
C4 NAG R . -9.75 -1.95 38.70
C5 NAG R . -9.25 -3.33 38.24
C6 NAG R . -8.98 -4.31 39.36
C7 NAG R . -12.40 -0.71 34.74
C8 NAG R . -13.65 -1.20 35.42
N2 NAG R . -11.22 -1.05 35.31
O3 NAG R . -10.69 0.12 37.83
O4 NAG R . -8.75 -1.25 39.42
O5 NAG R . -10.21 -3.90 37.37
O6 NAG R . -10.10 -4.38 40.21
O7 NAG R . -12.47 -0.05 33.71
C1 NAG R . -9.25 -0.87 40.72
C2 NAG R . -8.14 -0.06 41.42
C3 NAG R . -8.66 0.48 42.75
C4 NAG R . -10.00 1.20 42.61
C5 NAG R . -10.99 0.28 41.88
C6 NAG R . -12.35 0.89 41.63
C7 NAG R . -5.87 -0.80 40.85
C8 NAG R . -4.75 -1.74 41.24
N2 NAG R . -6.97 -0.86 41.62
O3 NAG R . -7.67 1.34 43.27
O4 NAG R . -10.45 1.52 43.91
O5 NAG R . -10.42 -0.08 40.63
O6 NAG R . -13.06 0.96 42.85
O7 NAG R . -5.75 -0.04 39.91
C1 NAG S . 23.00 -0.05 27.47
C2 NAG S . 21.95 -1.11 27.81
C3 NAG S . 22.64 -2.38 28.30
C4 NAG S . 23.73 -2.86 27.35
C5 NAG S . 24.70 -1.70 27.06
C6 NAG S . 25.77 -2.01 26.05
C7 NAG S . 19.67 -0.65 28.74
C8 NAG S . 19.05 -1.26 27.50
N2 NAG S . 21.02 -0.63 28.80
O3 NAG S . 21.64 -3.34 28.51
O4 NAG S . 24.38 -3.94 27.96
O5 NAG S . 23.95 -0.59 26.58
O6 NAG S . 25.22 -2.04 24.76
O7 NAG S . 18.97 -0.21 29.63
C1 NAG S . 24.13 -5.13 27.20
C2 NAG S . 25.23 -6.17 27.46
C3 NAG S . 24.95 -7.41 26.62
C4 NAG S . 23.53 -7.95 26.84
C5 NAG S . 22.51 -6.81 26.71
C6 NAG S . 21.09 -7.20 27.05
C7 NAG S . 27.56 -5.55 28.00
C8 NAG S . 28.83 -4.95 27.43
N2 NAG S . 26.53 -5.63 27.13
O3 NAG S . 25.93 -8.37 26.94
O4 NAG S . 23.31 -8.94 25.86
O5 NAG S . 22.90 -5.73 27.54
O6 NAG S . 21.04 -7.70 28.36
O7 NAG S . 27.49 -5.93 29.16
C1 BMA S . 23.20 -10.25 26.48
C2 BMA S . 22.58 -11.17 25.43
C3 BMA S . 22.56 -12.65 25.93
C4 BMA S . 23.59 -13.04 27.01
C5 BMA S . 24.77 -12.07 27.15
C6 BMA S . 26.00 -12.47 26.32
O2 BMA S . 23.30 -11.02 24.24
O3 BMA S . 22.66 -13.45 24.77
O4 BMA S . 22.87 -13.11 28.22
O5 BMA S . 24.47 -10.70 26.90
O6 BMA S . 25.87 -11.89 25.05
C1 NAG T . 8.89 9.43 49.18
C2 NAG T . 7.76 8.48 48.76
C3 NAG T . 6.63 8.58 49.80
C4 NAG T . 7.14 8.25 51.21
C5 NAG T . 8.39 9.11 51.50
C6 NAG T . 9.08 8.73 52.80
C7 NAG T . 7.35 7.95 46.36
C8 NAG T . 8.00 6.60 46.55
N2 NAG T . 7.28 8.76 47.44
O3 NAG T . 5.61 7.75 49.32
O4 NAG T . 6.13 8.51 52.15
O5 NAG T . 9.34 9.01 50.45
O6 NAG T . 10.36 9.33 52.85
O7 NAG T . 6.92 8.27 45.27
C1 NAG T . 5.46 7.30 52.54
C2 NAG T . 5.18 7.28 54.05
C3 NAG T . 4.33 6.06 54.40
C4 NAG T . 3.07 5.97 53.54
C5 NAG T . 3.47 6.02 52.07
C6 NAG T . 2.29 6.02 51.11
C7 NAG T . 6.61 7.94 55.95
C8 NAG T . 7.98 7.77 56.56
N2 NAG T . 6.41 7.26 54.81
O3 NAG T . 4.00 6.14 55.77
O4 NAG T . 2.42 4.76 53.86
O5 NAG T . 4.23 7.20 51.84
O6 NAG T . 1.47 7.13 51.36
O7 NAG T . 5.75 8.64 56.47
C1 NAG U . 11.53 3.78 48.29
C2 NAG U . 10.18 3.19 48.73
C3 NAG U . 9.67 3.93 49.98
C4 NAG U . 10.73 3.97 51.09
C5 NAG U . 12.01 4.58 50.51
C6 NAG U . 13.16 4.66 51.48
C7 NAG U . 8.41 2.26 47.29
C8 NAG U . 7.46 2.59 46.18
N2 NAG U . 9.20 3.28 47.68
O3 NAG U . 8.49 3.29 50.38
O4 NAG U . 10.22 4.75 52.16
O5 NAG U . 12.41 3.80 49.40
O6 NAG U . 13.29 3.44 52.16
O7 NAG U . 8.45 1.15 47.79
C1 NAG U . 9.98 3.90 53.29
C2 NAG U . 9.99 4.76 54.58
C3 NAG U . 9.60 3.90 55.79
C4 NAG U . 8.31 3.13 55.56
C5 NAG U . 8.41 2.35 54.24
C6 NAG U . 7.15 1.61 53.87
C7 NAG U . 12.48 4.97 54.96
C8 NAG U . 13.54 6.04 55.14
N2 NAG U . 11.24 5.46 54.78
O3 NAG U . 9.50 4.76 56.90
O4 NAG U . 8.13 2.27 56.66
O5 NAG U . 8.73 3.25 53.19
O6 NAG U . 6.06 2.51 53.80
O7 NAG U . 12.80 3.78 55.00
C1 NAG V . 26.12 -8.88 -38.91
C2 NAG V . 25.94 -7.36 -39.14
C3 NAG V . 26.33 -6.87 -40.55
C4 NAG V . 26.40 -7.89 -41.69
C5 NAG V . 25.75 -9.21 -41.28
C6 NAG V . 25.84 -10.32 -42.30
C7 NAG V . 23.70 -6.94 -38.01
C8 NAG V . 22.29 -6.53 -38.36
N2 NAG V . 24.54 -7.00 -39.05
O3 NAG V . 27.52 -6.12 -40.43
O4 NAG V . 25.68 -7.35 -42.78
O5 NAG V . 26.41 -9.60 -40.09
O6 NAG V . 24.80 -11.25 -42.09
O7 NAG V . 24.00 -7.20 -36.85
C1 NAG V . 26.53 -6.57 -43.64
C2 NAG V . 26.69 -7.32 -44.99
C3 NAG V . 27.25 -6.41 -46.11
C4 NAG V . 26.57 -5.04 -46.14
C5 NAG V . 26.63 -4.42 -44.74
C6 NAG V . 26.03 -3.05 -44.66
C7 NAG V . 28.59 -9.10 -44.57
C8 NAG V . 29.75 -8.20 -44.16
N2 NAG V . 27.36 -8.61 -44.90
O3 NAG V . 27.09 -7.09 -47.33
O4 NAG V . 27.25 -4.26 -47.10
O5 NAG V . 25.96 -5.28 -43.84
O6 NAG V . 24.80 -3.02 -45.36
O7 NAG V . 28.80 -10.30 -44.62
C1 NAG W . -19.48 -45.02 9.14
C2 NAG W . -20.40 -45.71 8.12
C3 NAG W . -21.82 -45.18 8.28
C4 NAG W . -22.31 -45.20 9.74
C5 NAG W . -21.24 -44.58 10.65
C6 NAG W . -21.56 -44.62 12.13
C7 NAG W . -19.24 -46.32 5.99
C8 NAG W . -18.92 -47.68 6.54
N2 NAG W . -19.92 -45.47 6.78
O3 NAG W . -22.66 -45.92 7.43
O4 NAG W . -23.52 -44.46 9.76
O5 NAG W . -20.01 -45.22 10.43
O6 NAG W . -20.54 -43.97 12.86
O7 NAG W . -18.87 -46.01 4.85
C1 NAG W . -24.63 -45.29 10.14
C2 NAG W . -25.91 -44.45 10.00
C3 NAG W . -27.14 -45.32 10.26
C4 NAG W . -27.12 -46.62 9.45
C5 NAG W . -25.79 -47.33 9.66
C6 NAG W . -25.63 -48.61 8.88
C7 NAG W . -25.76 -42.04 10.49
C8 NAG W . -25.75 -41.03 11.61
N2 NAG W . -25.88 -43.33 10.89
O3 NAG W . -28.28 -44.55 10.00
O4 NAG W . -28.21 -47.40 9.86
O5 NAG W . -24.74 -46.44 9.32
O6 NAG W . -26.55 -49.57 9.33
O7 NAG W . -25.68 -41.70 9.32
C1 NAG X . -19.27 -36.30 22.14
C2 NAG X . -20.24 -36.19 23.32
C3 NAG X . -19.83 -37.08 24.50
C4 NAG X . -19.44 -38.51 24.08
C5 NAG X . -18.45 -38.44 22.92
C6 NAG X . -18.07 -39.78 22.33
C7 NAG X . -19.54 -33.94 24.26
C8 NAG X . -20.13 -32.59 24.60
N2 NAG X . -20.42 -34.81 23.75
O3 NAG X . -20.93 -37.00 25.39
O4 NAG X . -18.79 -39.18 25.13
O5 NAG X . -19.01 -37.66 21.89
O6 NAG X . -17.54 -39.60 21.05
O7 NAG X . -18.34 -34.16 24.48
C1 NAG X . -19.68 -39.91 26.01
C2 NAG X . -19.41 -41.43 25.93
C3 NAG X . -20.16 -42.15 27.04
C4 NAG X . -19.93 -41.53 28.42
C5 NAG X . -20.27 -40.03 28.34
C6 NAG X . -20.03 -39.27 29.62
C7 NAG X . -19.14 -42.91 23.97
C8 NAG X . -19.75 -43.30 22.65
N2 NAG X . -19.81 -41.96 24.65
O3 NAG X . -19.78 -43.51 27.02
O4 NAG X . -20.76 -42.20 29.34
O5 NAG X . -19.47 -39.45 27.33
O6 NAG X . -20.87 -39.76 30.64
O7 NAG X . -18.11 -43.42 24.37
C1 NAG Y . -1.54 -31.10 -17.85
C2 NAG Y . -2.17 -31.16 -16.45
C3 NAG Y . -3.55 -31.83 -16.54
C4 NAG Y . -4.47 -31.19 -17.58
C5 NAG Y . -3.73 -31.09 -18.92
C6 NAG Y . -4.42 -30.25 -19.97
C7 NAG Y . -1.03 -31.50 -14.25
C8 NAG Y . -1.58 -30.18 -13.76
N2 NAG Y . -1.36 -31.87 -15.51
O3 NAG Y . -4.12 -31.80 -15.25
O4 NAG Y . -5.61 -32.03 -17.64
O5 NAG Y . -2.47 -30.48 -18.72
O6 NAG Y . -5.59 -30.90 -20.43
O7 NAG Y . -0.33 -32.19 -13.53
C1 NAG Y . -6.83 -31.32 -17.37
C2 NAG Y . -7.99 -32.13 -17.95
C3 NAG Y . -9.30 -31.37 -17.72
C4 NAG Y . -9.49 -30.96 -16.25
C5 NAG Y . -8.21 -30.32 -15.70
C6 NAG Y . -8.25 -30.07 -14.21
C7 NAG Y . -7.37 -33.57 -19.84
C8 NAG Y . -7.25 -33.65 -21.34
N2 NAG Y . -7.81 -32.40 -19.35
O3 NAG Y . -10.34 -32.18 -18.18
O4 NAG Y . -10.56 -30.03 -16.23
O5 NAG Y . -7.08 -31.14 -15.99
O6 NAG Y . -8.68 -31.23 -13.54
O7 NAG Y . -7.08 -34.53 -19.14
C1 BMA Y . -11.73 -30.60 -15.58
C2 BMA Y . -12.61 -29.44 -15.15
C3 BMA Y . -13.96 -29.93 -14.57
C4 BMA Y . -14.45 -31.32 -15.03
C5 BMA Y . -13.78 -31.85 -16.31
C6 BMA Y . -14.54 -31.51 -17.58
O2 BMA Y . -12.78 -28.59 -16.26
O3 BMA Y . -14.90 -28.92 -14.87
O4 BMA Y . -14.19 -32.19 -13.94
O5 BMA Y . -12.41 -31.47 -16.48
O6 BMA Y . -13.75 -31.90 -18.68
C1 NAG Z . 32.58 -29.38 -8.00
C2 NAG Z . 33.78 -28.42 -7.98
C3 NAG Z . 35.06 -29.25 -7.79
C4 NAG Z . 34.97 -30.33 -6.70
C5 NAG Z . 33.67 -31.13 -6.90
C6 NAG Z . 33.36 -32.22 -5.91
C7 NAG Z . 33.92 -26.36 -9.33
C8 NAG Z . 34.00 -25.85 -10.75
N2 NAG Z . 33.86 -27.70 -9.21
O3 NAG Z . 36.10 -28.34 -7.52
O4 NAG Z . 36.14 -31.12 -6.84
O5 NAG Z . 32.61 -30.21 -6.86
O6 NAG Z . 33.62 -33.48 -6.48
O7 NAG Z . 33.94 -25.60 -8.38
C1 NAG Z . 36.84 -31.11 -5.56
C2 NAG Z . 38.26 -31.68 -5.75
C3 NAG Z . 38.96 -31.68 -4.38
C4 NAG Z . 38.88 -30.33 -3.68
C5 NAG Z . 37.45 -29.78 -3.71
C6 NAG Z . 37.31 -28.37 -3.19
C7 NAG Z . 37.72 -34.15 -6.00
C8 NAG Z . 37.96 -35.28 -6.96
N2 NAG Z . 38.27 -32.98 -6.39
O3 NAG Z . 40.28 -32.10 -4.59
O4 NAG Z . 39.33 -30.53 -2.35
O5 NAG Z . 36.96 -29.81 -5.04
O6 NAG Z . 38.04 -27.49 -4.00
O7 NAG Z . 37.08 -34.33 -4.98
C1 BMA Z . 40.57 -29.82 -2.07
C2 BMA Z . 41.52 -30.84 -1.44
C3 BMA Z . 42.91 -30.21 -1.15
C4 BMA Z . 43.31 -28.98 -1.97
C5 BMA Z . 42.52 -28.80 -3.28
C6 BMA Z . 43.20 -29.44 -4.49
O2 BMA Z . 41.60 -31.95 -2.30
O3 BMA Z . 43.84 -31.26 -1.26
O4 BMA Z . 43.12 -27.86 -1.13
O5 BMA Z . 41.16 -29.25 -3.23
O6 BMA Z . 42.31 -29.32 -5.59
C1 NAG AA . -4.16 -42.15 -21.24
C2 NAG AA . -3.70 -43.22 -22.28
C3 NAG AA . -4.08 -42.74 -23.69
C4 NAG AA . -5.57 -42.49 -23.81
C5 NAG AA . -5.93 -41.44 -22.76
C6 NAG AA . -7.40 -41.08 -22.72
C7 NAG AA . -1.68 -44.70 -22.31
C8 NAG AA . -2.57 -45.93 -22.38
N2 NAG AA . -2.29 -43.50 -22.25
O3 NAG AA . -3.62 -43.71 -24.60
O4 NAG AA . -5.82 -42.03 -25.13
O5 NAG AA . -5.54 -41.92 -21.47
O6 NAG AA . -7.56 -39.71 -22.46
O7 NAG AA . -0.47 -44.83 -22.27
C1 NAG AA . -6.60 -42.99 -25.89
C2 NAG AA . -6.54 -42.57 -27.37
C3 NAG AA . -7.24 -43.63 -28.24
C4 NAG AA . -6.73 -45.04 -27.95
C5 NAG AA . -6.85 -45.31 -26.45
C6 NAG AA . -6.35 -46.67 -26.03
C7 NAG AA . -6.48 -40.17 -27.92
C8 NAG AA . -7.32 -38.94 -28.07
N2 NAG AA . -7.15 -41.28 -27.56
O3 NAG AA . -7.04 -43.27 -29.58
O4 NAG AA . -7.51 -45.93 -28.72
O5 NAG AA . -6.12 -44.31 -25.75
O6 NAG AA . -7.44 -47.50 -25.69
O7 NAG AA . -5.27 -40.15 -28.11
C1 NAG BA . -4.33 -48.53 -16.21
C2 NAG BA . -5.76 -48.35 -16.74
C3 NAG BA . -6.63 -49.50 -16.23
C4 NAG BA . -6.02 -50.88 -16.50
C5 NAG BA . -4.55 -50.90 -16.06
C6 NAG BA . -3.81 -52.16 -16.43
C7 NAG BA . -6.62 -46.05 -17.17
C8 NAG BA . -6.38 -46.25 -18.66
N2 NAG BA . -6.30 -47.08 -16.35
O3 NAG BA . -7.89 -49.34 -16.82
O4 NAG BA . -6.75 -51.82 -15.76
O5 NAG BA . -3.87 -49.80 -16.64
O6 NAG BA . -3.77 -52.31 -17.82
O7 NAG BA . -7.08 -44.99 -16.76
C1 NAG BA . -7.59 -52.64 -16.61
C2 NAG BA . -7.91 -53.94 -15.86
C3 NAG BA . -9.01 -54.74 -16.55
C4 NAG BA . -10.21 -53.86 -16.91
C5 NAG BA . -9.71 -52.67 -17.74
C6 NAG BA . -10.80 -51.72 -18.18
C7 NAG BA . -6.07 -55.09 -14.59
C8 NAG BA . -6.65 -54.56 -13.29
N2 NAG BA . -6.72 -54.76 -15.72
O3 NAG BA . -9.37 -55.79 -15.70
O4 NAG BA . -11.12 -54.66 -17.64
O5 NAG BA . -8.77 -51.96 -16.96
O6 NAG BA . -11.51 -51.26 -17.06
O7 NAG BA . -5.08 -55.79 -14.58
C1 NAG CA . 12.92 -49.84 -3.65
C2 NAG CA . 12.08 -49.85 -2.36
C3 NAG CA . 12.13 -51.22 -1.69
C4 NAG CA . 11.81 -52.35 -2.66
C5 NAG CA . 12.79 -52.25 -3.83
C6 NAG CA . 12.61 -53.30 -4.91
C7 NAG CA . 11.81 -47.75 -1.10
C8 NAG CA . 12.47 -46.84 -0.10
N2 NAG CA . 12.51 -48.84 -1.44
O3 NAG CA . 11.26 -51.20 -0.59
O4 NAG CA . 11.93 -53.57 -1.98
O5 NAG CA . 12.64 -50.97 -4.44
O6 NAG CA . 11.28 -53.24 -5.41
O7 NAG CA . 10.71 -47.48 -1.56
C1 NAG CA . 10.64 -54.22 -1.89
C2 NAG CA . 10.90 -55.71 -1.63
C3 NAG CA . 9.64 -56.44 -1.17
C4 NAG CA . 8.87 -55.67 -0.08
C5 NAG CA . 8.62 -54.25 -0.61
C6 NAG CA . 7.81 -53.36 0.30
C7 NAG CA . 12.69 -56.66 -3.05
C8 NAG CA . 12.97 -57.29 -4.39
N2 NAG CA . 11.40 -56.33 -2.84
O3 NAG CA . 10.02 -57.73 -0.74
O4 NAG CA . 7.69 -56.37 0.20
O5 NAG CA . 9.88 -53.65 -0.84
O6 NAG CA . 6.50 -53.88 0.45
O7 NAG CA . 13.58 -56.47 -2.24
C1 BMA CA . 7.74 -56.88 1.55
C2 BMA CA . 6.36 -57.39 1.94
C3 BMA CA . 6.39 -58.01 3.37
C4 BMA CA . 7.75 -58.54 3.88
C5 BMA CA . 8.78 -58.79 2.78
C6 BMA CA . 8.79 -60.23 2.28
O2 BMA CA . 5.94 -58.30 0.96
O3 BMA CA . 5.39 -59.00 3.38
O4 BMA CA . 8.22 -57.56 4.79
O5 BMA CA . 8.70 -57.92 1.65
O6 BMA CA . 9.53 -61.00 3.21
C1 NAG DA . 5.52 -49.62 -5.27
C2 NAG DA . 5.55 -49.89 -3.77
C3 NAG DA . 6.30 -51.23 -3.56
C4 NAG DA . 5.88 -52.38 -4.51
C5 NAG DA . 5.78 -51.83 -5.95
C6 NAG DA . 5.22 -52.72 -7.05
C7 NAG DA . 6.00 -48.45 -1.81
C8 NAG DA . 6.87 -47.33 -1.32
N2 NAG DA . 6.24 -48.84 -3.07
O3 NAG DA . 6.18 -51.60 -2.21
O4 NAG DA . 6.84 -53.40 -4.36
O5 NAG DA . 4.91 -50.72 -5.89
O6 NAG DA . 6.15 -53.71 -7.38
O7 NAG DA . 5.16 -48.97 -1.10
C1 NAG DA . 6.21 -54.70 -4.19
C2 NAG DA . 7.29 -55.77 -3.97
C3 NAG DA . 6.63 -57.14 -3.72
C4 NAG DA . 5.53 -57.07 -2.64
C5 NAG DA . 4.58 -55.89 -2.95
C6 NAG DA . 3.51 -55.68 -1.90
C7 NAG DA . 8.11 -56.14 -6.34
C8 NAG DA . 9.41 -56.13 -7.11
N2 NAG DA . 8.28 -55.87 -5.02
O3 NAG DA . 7.66 -58.04 -3.38
O4 NAG DA . 4.83 -58.29 -2.43
O5 NAG DA . 5.34 -54.70 -3.07
O6 NAG DA . 2.68 -56.81 -1.84
O7 NAG DA . 7.06 -56.37 -6.90
C1 BMA DA . 4.54 -59.12 -3.59
C2 BMA DA . 4.30 -60.54 -3.07
C3 BMA DA . 3.89 -61.51 -4.21
C4 BMA DA . 3.30 -60.88 -5.49
C5 BMA DA . 2.74 -59.47 -5.30
C6 BMA DA . 1.24 -59.46 -5.01
O2 BMA DA . 3.33 -60.46 -2.06
O3 BMA DA . 3.04 -62.46 -3.62
O4 BMA DA . 4.35 -60.88 -6.43
O5 BMA DA . 3.41 -58.67 -4.32
O6 BMA DA . 0.63 -58.57 -5.91
C1 NAG EA . -18.60 33.98 -27.68
C2 NAG EA . -17.27 34.74 -27.53
C3 NAG EA . -17.50 36.24 -27.72
C4 NAG EA . -18.24 36.54 -29.01
C5 NAG EA . -19.55 35.73 -29.03
C6 NAG EA . -20.36 35.89 -30.31
C7 NAG EA . -15.34 34.27 -26.09
C8 NAG EA . -14.91 34.02 -24.66
N2 NAG EA . -16.66 34.48 -26.25
O3 NAG EA . -16.25 36.87 -27.67
O4 NAG EA . -18.48 37.93 -29.05
O5 NAG EA . -19.24 34.36 -28.88
O6 NAG EA . -19.66 35.33 -31.38
O7 NAG EA . -14.54 34.29 -27.00
C1 NAG FA . -47.52 -13.92 23.19
C2 NAG FA . -48.83 -14.55 23.71
C3 NAG FA . -49.43 -15.48 22.65
C4 NAG FA . -49.56 -14.77 21.30
C5 NAG FA . -48.20 -14.17 20.91
C6 NAG FA . -48.22 -13.39 19.62
C7 NAG FA . -48.85 -14.77 26.17
C8 NAG FA . -48.52 -15.70 27.31
N2 NAG FA . -48.58 -15.26 24.94
O3 NAG FA . -50.66 -15.92 23.13
O4 NAG FA . -50.00 -15.73 20.37
O5 NAG FA . -47.76 -13.31 21.94
O6 NAG FA . -49.10 -12.30 19.73
O7 NAG FA . -49.34 -13.66 26.35
C1 NAG GA . -35.42 14.16 -22.55
C2 NAG GA . -35.07 13.81 -24.01
C3 NAG GA . -35.99 12.72 -24.53
C4 NAG GA . -36.07 11.53 -23.57
C5 NAG GA . -36.41 12.03 -22.17
C6 NAG GA . -36.47 10.93 -21.12
C7 NAG GA . -34.06 15.72 -25.21
C8 NAG GA . -34.36 16.90 -26.09
N2 NAG GA . -35.13 14.98 -24.84
O3 NAG GA . -35.54 12.35 -25.80
O4 NAG GA . -37.05 10.65 -24.08
O5 NAG GA . -35.45 12.99 -21.77
O6 NAG GA . -35.24 10.26 -21.07
O7 NAG GA . -32.92 15.46 -24.85
C1 NAG HA . -36.65 8.91 29.44
C2 NAG HA . -37.05 9.56 30.79
C3 NAG HA . -35.81 10.02 31.56
C4 NAG HA . -34.73 8.92 31.65
C5 NAG HA . -34.44 8.40 30.24
C6 NAG HA . -33.42 7.29 30.19
C7 NAG HA . -39.26 10.71 30.83
C8 NAG HA . -39.90 9.46 31.40
N2 NAG HA . -37.93 10.66 30.57
O3 NAG HA . -36.21 10.44 32.83
O4 NAG HA . -33.60 9.49 32.25
O5 NAG HA . -35.66 7.93 29.68
O6 NAG HA . -32.14 7.82 30.51
O7 NAG HA . -39.93 11.70 30.60
C1 NAG IA . -51.93 19.42 -23.03
C2 NAG IA . -51.81 20.01 -24.45
C3 NAG IA . -50.86 21.21 -24.44
C4 NAG IA . -51.25 22.23 -23.36
C5 NAG IA . -51.38 21.52 -22.01
C6 NAG IA . -51.81 22.42 -20.87
C7 NAG IA . -52.04 18.42 -26.36
C8 NAG IA . -53.48 18.85 -26.54
N2 NAG IA . -51.34 19.01 -25.37
O3 NAG IA . -50.89 21.78 -25.72
O4 NAG IA . -50.23 23.21 -23.33
O5 NAG IA . -52.31 20.46 -22.14
O6 NAG IA . -52.01 21.66 -19.70
O7 NAG IA . -51.55 17.57 -27.10
C1 NAG JA . -49.69 -0.31 5.46
C2 NAG JA . -49.58 -1.78 5.94
C3 NAG JA . -50.76 -2.60 5.43
C4 NAG JA . -52.11 -1.92 5.69
C5 NAG JA . -52.06 -0.50 5.11
C6 NAG JA . -53.32 0.31 5.30
C7 NAG JA . -47.58 -3.19 6.22
C8 NAG JA . -46.34 -3.69 5.50
N2 NAG JA . -48.36 -2.37 5.49
O3 NAG JA . -50.70 -3.86 6.03
O4 NAG JA . -53.11 -2.69 5.07
O5 NAG JA . -50.99 0.19 5.73
O6 NAG JA . -53.37 0.80 6.62
O7 NAG JA . -47.84 -3.52 7.36
C1 NAG KA . -56.85 4.66 0.20
C2 NAG KA . -56.48 3.66 1.31
C3 NAG KA . -57.67 2.74 1.58
C4 NAG KA . -58.94 3.54 1.87
C5 NAG KA . -59.17 4.56 0.74
C6 NAG KA . -60.35 5.48 0.97
C7 NAG KA . -54.11 2.89 1.57
C8 NAG KA . -53.97 3.77 2.78
N2 NAG KA . -55.31 2.89 0.94
O3 NAG KA . -57.33 1.91 2.66
O4 NAG KA . -60.00 2.64 1.97
O5 NAG KA . -58.01 5.36 0.58
O6 NAG KA . -61.53 4.71 1.06
O7 NAG KA . -53.17 2.20 1.18
C1 NAG LA . -35.29 21.99 4.52
C2 NAG LA . -33.78 22.20 4.78
C3 NAG LA . -33.59 23.53 5.51
C4 NAG LA . -34.20 24.67 4.71
C5 NAG LA . -35.67 24.37 4.40
C6 NAG LA . -36.32 25.39 3.50
C7 NAG LA . -32.04 20.53 5.12
C8 NAG LA . -31.56 19.40 6.00
N2 NAG LA . -33.19 21.11 5.49
O3 NAG LA . -32.22 23.70 5.73
O4 NAG LA . -34.05 25.85 5.48
O5 NAG LA . -35.78 23.09 3.79
O6 NAG LA . -35.57 25.49 2.30
O7 NAG LA . -31.40 20.87 4.14
C1 NAG MA . -0.90 13.17 -48.93
C2 NAG MA . 0.34 12.52 -49.56
C3 NAG MA . -0.04 11.34 -50.45
C4 NAG MA . -0.96 10.36 -49.71
C5 NAG MA . -2.16 11.12 -49.14
C6 NAG MA . -3.09 10.23 -48.34
C7 NAG MA . 0.92 14.24 -51.33
C8 NAG MA . 2.07 15.11 -51.76
N2 NAG MA . 1.19 13.47 -50.25
O3 NAG MA . 1.14 10.72 -50.88
O4 NAG MA . -1.35 9.37 -50.64
O5 NAG MA . -1.70 12.17 -48.32
O6 NAG MA . -4.42 10.66 -48.47
O7 NAG MA . -0.14 14.27 -51.94
C1 NAG NA . -11.41 9.69 -39.88
C2 NAG NA . -12.92 9.80 -40.19
C3 NAG NA . -13.61 8.44 -39.95
C4 NAG NA . -12.88 7.32 -40.69
C5 NAG NA . -11.38 7.36 -40.38
C6 NAG NA . -10.57 6.32 -41.11
C7 NAG NA . -13.69 11.08 -38.14
C8 NAG NA . -14.44 12.35 -37.78
N2 NAG NA . -13.56 10.88 -39.46
O3 NAG NA . -14.94 8.57 -40.36
O4 NAG NA . -13.47 6.10 -40.28
O5 NAG NA . -10.88 8.65 -40.69
O6 NAG NA . -11.00 5.03 -40.75
O7 NAG NA . -13.29 10.33 -37.26
C1 NAG OA . 31.09 37.50 6.77
C2 NAG OA . 32.02 37.27 5.56
C3 NAG OA . 33.31 38.08 5.77
C4 NAG OA . 33.02 39.55 6.06
C5 NAG OA . 32.02 39.65 7.23
C6 NAG OA . 31.59 41.07 7.54
C7 NAG OA . 32.47 35.31 4.14
C8 NAG OA . 32.77 33.83 4.16
N2 NAG OA . 32.30 35.88 5.35
O3 NAG OA . 34.12 37.93 4.64
O4 NAG OA . 34.25 40.16 6.38
O5 NAG OA . 30.88 38.89 6.91
O6 NAG OA . 30.52 41.05 8.45
O7 NAG OA . 32.40 35.93 3.09
C1 NAG PA . 18.45 30.20 25.43
C2 NAG PA . 17.51 30.95 26.38
C3 NAG PA . 17.03 32.24 25.72
C4 NAG PA . 18.19 33.08 25.20
C5 NAG PA . 19.12 32.22 24.33
C6 NAG PA . 20.35 32.93 23.84
C7 NAG PA . 16.20 29.66 28.01
C8 NAG PA . 14.96 28.81 28.18
N2 NAG PA . 16.40 30.12 26.77
O3 NAG PA . 16.25 32.94 26.65
O4 NAG PA . 17.65 34.16 24.49
O5 NAG PA . 19.51 31.06 25.06
O6 NAG PA . 21.21 32.01 23.20
O7 NAG PA . 16.95 29.89 28.95
C1 NAG QA . 7.08 31.30 31.02
C2 NAG QA . 6.36 31.94 29.83
C3 NAG QA . 6.07 33.42 30.09
C4 NAG QA . 5.40 33.64 31.45
C5 NAG QA . 6.30 33.03 32.52
C6 NAG QA . 5.75 33.18 33.93
C7 NAG QA . 6.62 31.50 27.42
C8 NAG QA . 7.62 31.42 26.30
N2 NAG QA . 7.14 31.81 28.63
O3 NAG QA . 5.27 33.90 29.04
O4 NAG QA . 5.25 35.03 31.62
O5 NAG QA . 6.44 31.65 32.23
O6 NAG QA . 4.42 32.78 33.97
O7 NAG QA . 5.43 31.31 27.22
C1 NAG RA . 29.44 -2.16 38.83
C2 NAG RA . 30.88 -2.54 38.45
C3 NAG RA . 31.79 -2.29 39.65
C4 NAG RA . 31.65 -0.87 40.19
C5 NAG RA . 30.16 -0.55 40.43
C6 NAG RA . 29.91 0.86 40.88
C7 NAG RA . 31.32 -4.38 36.81
C8 NAG RA . 31.71 -3.35 35.78
N2 NAG RA . 30.95 -3.92 38.03
O3 NAG RA . 33.11 -2.57 39.24
O4 NAG RA . 32.41 -0.79 41.37
O5 NAG RA . 29.45 -0.81 39.23
O6 NAG RA . 28.52 1.07 41.06
O7 NAG RA . 31.35 -5.57 36.54
C1 NAG SA . 21.07 -21.25 37.68
C2 NAG SA . 22.50 -21.07 38.20
C3 NAG SA . 23.48 -21.49 37.10
C4 NAG SA . 23.18 -22.89 36.58
C5 NAG SA . 21.69 -22.99 36.18
C6 NAG SA . 21.26 -24.37 35.73
C7 NAG SA . 23.21 -19.30 39.82
C8 NAG SA . 23.49 -20.37 40.85
N2 NAG SA . 22.75 -19.72 38.62
O3 NAG SA . 24.78 -21.39 37.62
O4 NAG SA . 24.02 -23.12 35.47
O5 NAG SA . 20.89 -22.59 37.28
O6 NAG SA . 21.60 -25.31 36.73
O7 NAG SA . 23.39 -18.12 40.08
C1 NAG TA . 25.72 -4.04 44.05
C2 NAG TA . 25.80 -4.87 45.34
C3 NAG TA . 26.50 -6.21 45.06
C4 NAG TA . 25.93 -6.93 43.84
C5 NAG TA . 25.88 -5.96 42.66
C6 NAG TA . 25.31 -6.53 41.39
C7 NAG TA . 26.04 -3.97 47.66
C8 NAG TA . 24.71 -4.57 48.03
N2 NAG TA . 26.47 -4.16 46.39
O3 NAG TA . 26.40 -6.98 46.23
O4 NAG TA . 26.78 -8.03 43.58
O5 NAG TA . 25.11 -4.83 43.05
O6 NAG TA . 26.30 -7.26 40.71
O7 NAG TA . 26.69 -3.34 48.48
C1 NAG UA . 26.99 33.92 41.68
C2 NAG UA . 27.76 35.12 41.09
C3 NAG UA . 29.09 34.61 40.53
C4 NAG UA . 29.89 33.84 41.60
C5 NAG UA . 29.00 32.77 42.25
C6 NAG UA . 29.66 32.05 43.40
C7 NAG UA . 26.27 36.91 40.29
C8 NAG UA . 25.52 37.44 39.09
N2 NAG UA . 26.98 35.78 40.08
O3 NAG UA . 29.80 35.72 40.04
O4 NAG UA . 31.00 33.28 40.95
O5 NAG UA . 27.79 33.35 42.70
O6 NAG UA . 30.07 32.98 44.36
O7 NAG UA . 26.23 37.49 41.37
C1 NAG VA . 17.36 11.17 53.20
C2 NAG VA . 17.35 9.81 53.92
C3 NAG VA . 17.30 10.02 55.43
C4 NAG VA . 18.36 10.98 55.92
C5 NAG VA . 18.28 12.28 55.11
C6 NAG VA . 19.33 13.31 55.47
C7 NAG VA . 16.33 7.91 52.66
C8 NAG VA . 17.70 7.49 52.19
N2 NAG VA . 16.26 9.00 53.46
O3 NAG VA . 17.41 8.76 56.04
O4 NAG VA . 18.15 11.21 57.30
O5 NAG VA . 18.40 11.98 53.73
O6 NAG VA . 19.21 14.44 54.65
O7 NAG VA . 15.33 7.28 52.32
C1 NAG WA . 28.78 3.90 29.05
C2 NAG WA . 29.94 4.24 28.09
C3 NAG WA . 29.59 3.78 26.68
C4 NAG WA . 29.19 2.30 26.65
C5 NAG WA . 28.09 2.04 27.69
C6 NAG WA . 27.75 0.58 27.83
C7 NAG WA . 31.47 6.22 28.16
C8 NAG WA . 32.65 5.28 28.34
N2 NAG WA . 30.25 5.65 28.06
O3 NAG WA . 30.69 4.04 25.86
O4 NAG WA . 28.77 2.01 25.34
O5 NAG WA . 28.51 2.52 28.95
O6 NAG WA . 28.92 -0.15 28.13
O7 NAG WA . 31.64 7.42 28.12
C1 NAG XA . 3.19 40.96 1.40
C2 NAG XA . 3.51 42.31 2.08
C3 NAG XA . 3.21 42.31 3.58
C4 NAG XA . 1.85 41.69 3.91
C5 NAG XA . 1.84 40.28 3.32
C6 NAG XA . 0.56 39.53 3.60
C7 NAG XA . 5.38 43.88 1.66
C8 NAG XA . 6.88 43.95 1.55
N2 NAG XA . 4.89 42.64 1.91
O3 NAG XA . 3.30 43.63 4.05
O4 NAG XA . 1.71 41.68 5.30
O5 NAG XA . 2.00 40.37 1.92
O6 NAG XA . -0.54 40.32 3.20
O7 NAG XA . 4.67 44.87 1.54
C1 NAG YA . -8.46 -51.73 11.68
C2 NAG YA . -8.22 -53.21 12.02
C3 NAG YA . -6.92 -53.34 12.81
C4 NAG YA . -5.75 -52.68 12.08
C5 NAG YA . -6.13 -51.24 11.69
C6 NAG YA . -5.05 -50.53 10.90
C7 NAG YA . -10.24 -54.59 12.13
C8 NAG YA . -11.33 -55.08 13.05
N2 NAG YA . -9.34 -53.77 12.71
O3 NAG YA . -6.69 -54.70 13.04
O4 NAG YA . -4.63 -52.72 12.93
O5 NAG YA . -7.34 -51.25 10.96
O6 NAG YA . -4.40 -51.45 10.05
O7 NAG YA . -10.20 -54.92 10.96
C1 NAG ZA . -20.38 -54.30 -2.29
C2 NAG ZA . -21.62 -53.95 -1.40
C3 NAG ZA . -22.94 -54.42 -2.04
C4 NAG ZA . -23.01 -54.15 -3.55
C5 NAG ZA . -21.75 -54.69 -4.20
C6 NAG ZA . -21.70 -54.57 -5.71
C7 NAG ZA . -21.39 -55.68 0.41
C8 NAG ZA . -21.33 -55.80 1.91
N2 NAG ZA . -21.52 -54.41 -0.05
O3 NAG ZA . -23.98 -53.79 -1.35
O4 NAG ZA . -24.15 -54.83 -4.01
O5 NAG ZA . -20.66 -53.98 -3.64
O6 NAG ZA . -21.72 -53.21 -6.08
O7 NAG ZA . -21.33 -56.70 -0.28
C1 NAG AB . 28.72 -26.43 -20.54
C2 NAG AB . 30.06 -26.88 -19.94
C3 NAG AB . 31.13 -25.85 -20.31
C4 NAG AB . 31.15 -25.54 -21.81
C5 NAG AB . 29.72 -25.31 -22.33
C6 NAG AB . 29.58 -25.10 -23.82
C7 NAG AB . 29.92 -28.30 -17.94
C8 NAG AB . 29.84 -28.30 -16.44
N2 NAG AB . 29.98 -27.08 -18.52
O3 NAG AB . 32.37 -26.33 -19.87
O4 NAG AB . 31.96 -24.40 -21.99
O5 NAG AB . 28.92 -26.41 -21.93
O6 NAG AB . 30.84 -25.19 -24.44
O7 NAG AB . 29.92 -29.34 -18.58
C1 NAG BB . -21.26 -41.51 -8.71
C2 NAG BB . -21.38 -41.82 -10.22
C3 NAG BB . -22.37 -40.82 -10.83
C4 NAG BB . -23.73 -40.89 -10.12
C5 NAG BB . -23.52 -40.74 -8.60
C6 NAG BB . -24.80 -40.95 -7.82
C7 NAG BB . -19.70 -42.75 -11.73
C8 NAG BB . -18.34 -42.52 -12.34
N2 NAG BB . -20.11 -41.78 -10.89
O3 NAG BB . -22.48 -41.10 -12.19
O4 NAG BB . -24.52 -39.85 -10.64
O5 NAG BB . -22.54 -41.65 -8.14
O6 NAG BB . -25.41 -42.15 -8.23
O7 NAG BB . -20.35 -43.75 -11.98
C1 NAG CB . 33.82 -42.73 -27.46
C2 NAG CB . 34.87 -43.49 -28.27
C3 NAG CB . 34.84 -42.94 -29.71
C4 NAG CB . 33.43 -42.89 -30.31
C5 NAG CB . 32.46 -42.23 -29.32
C6 NAG CB . 31.02 -42.21 -29.77
C7 NAG CB . 36.78 -44.21 -26.89
C8 NAG CB . 38.15 -43.79 -26.40
N2 NAG CB . 36.18 -43.32 -27.69
O3 NAG CB . 35.72 -43.71 -30.48
O4 NAG CB . 33.51 -42.16 -31.51
O5 NAG CB . 32.55 -42.90 -28.07
O6 NAG CB . 30.60 -43.50 -30.14
O7 NAG CB . 36.28 -45.27 -26.56
C1 NAG DB . 13.00 -55.00 -11.07
C2 NAG DB . 11.51 -55.08 -11.47
C3 NAG DB . 11.28 -56.54 -11.88
C4 NAG DB . 12.22 -56.95 -13.03
C5 NAG DB . 13.67 -56.54 -12.73
C6 NAG DB . 14.60 -56.68 -13.91
C7 NAG DB . 9.48 -53.93 -10.78
C8 NAG DB . 8.59 -53.54 -9.64
N2 NAG DB . 10.58 -54.64 -10.46
O3 NAG DB . 9.94 -56.71 -12.23
O4 NAG DB . 12.09 -58.35 -13.20
O5 NAG DB . 13.73 -55.21 -12.27
O6 NAG DB . 15.81 -56.00 -13.65
O7 NAG DB . 9.20 -53.63 -11.94
C1 NAG EB . 0.46 -32.10 -23.87
C2 NAG EB . -0.52 -33.05 -24.63
C3 NAG EB . -1.78 -32.34 -25.16
C4 NAG EB . -2.36 -31.31 -24.19
C5 NAG EB . -1.23 -30.38 -23.77
C6 NAG EB . -1.66 -29.24 -22.87
C7 NAG EB . 0.79 -33.72 -26.82
C8 NAG EB . 1.05 -32.37 -27.45
N2 NAG EB . 0.13 -33.89 -25.64
O3 NAG EB . -2.71 -33.34 -25.48
O4 NAG EB . -3.38 -30.63 -24.88
O5 NAG EB . -0.28 -31.16 -23.10
O6 NAG EB . -0.52 -28.48 -22.52
O7 NAG EB . 1.21 -34.70 -27.41
C1 NAG FB . 45.29 11.28 -21.24
C2 NAG FB . 45.36 12.59 -20.45
C3 NAG FB . 46.54 12.57 -19.47
C4 NAG FB . 46.51 11.32 -18.59
C5 NAG FB . 46.44 10.07 -19.50
C6 NAG FB . 46.34 8.77 -18.74
C7 NAG FB . 44.47 14.63 -21.62
C8 NAG FB . 43.14 14.44 -20.93
N2 NAG FB . 45.45 13.72 -21.34
O3 NAG FB . 46.47 13.74 -18.70
O4 NAG FB . 47.68 11.33 -17.82
O5 NAG FB . 45.30 10.18 -20.34
O6 NAG FB . 45.19 8.79 -17.93
O7 NAG FB . 44.64 15.56 -22.39
C1 NAG GB . 39.47 -1.15 -18.15
C2 NAG GB . 40.90 -1.30 -17.60
C3 NAG GB . 41.77 -2.05 -18.61
C4 NAG GB . 41.13 -3.38 -18.99
C5 NAG GB . 39.71 -3.14 -19.49
C6 NAG GB . 38.95 -4.40 -19.83
C7 NAG GB . 41.96 0.31 -16.08
C8 NAG GB . 42.53 1.71 -15.96
N2 NAG GB . 41.48 -0.01 -17.29
O3 NAG GB . 43.05 -2.20 -18.06
O4 NAG GB . 41.95 -3.97 -19.99
O5 NAG GB . 38.98 -2.42 -18.51
O6 NAG GB . 38.95 -5.26 -18.71
O7 NAG GB . 41.96 -0.45 -15.12
#